data_2GLE
#
_entry.id   2GLE
#
_entity_poly.entity_id   1
_entity_poly.type   'polypeptide(L)'
_entity_poly.pdbx_seq_one_letter_code
;GHMVHEWSVQQVSHWLVGLSLDQYVSEFSAQNISGEQLLQLDGNKLKALGMTSSQDRALVKKKLKEMKMSLEKA
;
_entity_poly.pdbx_strand_id   A
#
# COMPACT_ATOMS: atom_id res chain seq x y z
N GLY A 1 0.87 -11.07 -14.55
CA GLY A 1 0.77 -12.26 -13.73
C GLY A 1 -0.05 -11.98 -12.49
N HIS A 2 0.62 -11.68 -11.39
CA HIS A 2 -0.07 -11.39 -10.14
C HIS A 2 0.80 -10.46 -9.29
N MET A 3 1.83 -9.92 -9.91
CA MET A 3 2.79 -9.16 -9.21
C MET A 3 2.33 -7.72 -8.96
N VAL A 4 2.94 -7.04 -8.02
CA VAL A 4 2.40 -5.74 -7.54
C VAL A 4 2.63 -4.64 -8.53
N HIS A 5 3.69 -4.75 -9.28
CA HIS A 5 4.03 -3.74 -10.28
C HIS A 5 3.05 -3.80 -11.45
N GLU A 6 2.19 -4.81 -11.45
CA GLU A 6 1.20 -5.01 -12.48
C GLU A 6 -0.17 -4.54 -11.99
N TRP A 7 -0.26 -4.20 -10.71
CA TRP A 7 -1.50 -3.73 -10.15
C TRP A 7 -1.79 -2.35 -10.67
N SER A 8 -3.04 -2.07 -10.88
CA SER A 8 -3.44 -0.86 -11.50
C SER A 8 -3.77 0.16 -10.43
N VAL A 9 -4.89 -0.06 -9.77
CA VAL A 9 -5.37 0.81 -8.71
C VAL A 9 -6.07 -0.04 -7.69
N GLN A 10 -7.20 -0.60 -8.08
CA GLN A 10 -8.06 -1.36 -7.18
C GLN A 10 -7.38 -2.64 -6.67
N GLN A 11 -6.35 -3.09 -7.38
CA GLN A 11 -5.61 -4.27 -6.98
C GLN A 11 -4.63 -3.99 -5.84
N VAL A 12 -4.38 -2.71 -5.57
CA VAL A 12 -3.49 -2.31 -4.49
C VAL A 12 -4.22 -2.46 -3.12
N SER A 13 -5.58 -2.51 -3.18
CA SER A 13 -6.40 -2.54 -1.98
C SER A 13 -6.28 -3.86 -1.28
N HIS A 14 -6.23 -4.90 -2.09
CA HIS A 14 -6.12 -6.31 -1.65
C HIS A 14 -5.00 -6.47 -0.66
N TRP A 15 -3.94 -5.74 -0.89
CA TRP A 15 -2.82 -5.72 0.00
C TRP A 15 -3.21 -4.98 1.26
N LEU A 16 -3.55 -3.70 1.12
CA LEU A 16 -3.90 -2.80 2.24
C LEU A 16 -4.87 -3.44 3.21
N VAL A 17 -5.93 -4.01 2.69
CA VAL A 17 -6.96 -4.64 3.50
C VAL A 17 -6.36 -5.79 4.35
N GLY A 18 -5.32 -6.41 3.83
CA GLY A 18 -4.70 -7.56 4.47
C GLY A 18 -3.93 -7.18 5.72
N LEU A 19 -3.45 -5.96 5.75
CA LEU A 19 -2.71 -5.48 6.92
C LEU A 19 -3.55 -4.50 7.73
N SER A 20 -4.87 -4.48 7.46
CA SER A 20 -5.84 -3.61 8.18
C SER A 20 -5.71 -2.14 7.71
N LEU A 21 -5.06 -1.97 6.61
CA LEU A 21 -4.79 -0.66 6.02
C LEU A 21 -5.87 -0.33 5.01
N ASP A 22 -7.00 -1.03 5.10
CA ASP A 22 -8.20 -0.75 4.27
C ASP A 22 -8.59 0.72 4.34
N GLN A 23 -8.30 1.32 5.46
CA GLN A 23 -8.53 2.72 5.74
C GLN A 23 -7.77 3.62 4.73
N TYR A 24 -6.69 3.09 4.18
CA TYR A 24 -5.87 3.81 3.24
C TYR A 24 -6.34 3.63 1.82
N VAL A 25 -7.09 2.55 1.56
CA VAL A 25 -7.62 2.25 0.20
C VAL A 25 -8.44 3.41 -0.35
N SER A 26 -9.15 4.07 0.54
CA SER A 26 -9.99 5.21 0.21
C SER A 26 -9.19 6.33 -0.47
N GLU A 27 -7.93 6.44 -0.14
CA GLU A 27 -7.10 7.46 -0.69
C GLU A 27 -6.08 6.87 -1.68
N PHE A 28 -5.58 5.66 -1.37
CA PHE A 28 -4.63 4.94 -2.25
C PHE A 28 -5.18 4.82 -3.66
N SER A 29 -6.45 4.49 -3.74
CA SER A 29 -7.09 4.28 -5.01
C SER A 29 -7.42 5.62 -5.67
N ALA A 30 -7.52 6.65 -4.86
CA ALA A 30 -7.86 7.98 -5.35
C ALA A 30 -6.70 8.58 -6.12
N GLN A 31 -5.49 8.35 -5.64
CA GLN A 31 -4.31 8.91 -6.30
C GLN A 31 -3.69 7.90 -7.26
N ASN A 32 -4.40 6.79 -7.48
CA ASN A 32 -3.96 5.75 -8.41
C ASN A 32 -2.64 5.16 -7.95
N ILE A 33 -2.52 4.93 -6.66
CA ILE A 33 -1.33 4.33 -6.11
C ILE A 33 -1.31 2.86 -6.50
N SER A 34 -0.35 2.48 -7.31
CA SER A 34 -0.23 1.11 -7.71
C SER A 34 0.98 0.50 -7.00
N GLY A 35 1.39 -0.68 -7.44
CA GLY A 35 2.54 -1.34 -6.86
C GLY A 35 3.80 -0.53 -7.06
N GLU A 36 3.79 0.27 -8.14
CA GLU A 36 4.88 1.16 -8.49
C GLU A 36 5.20 2.09 -7.32
N GLN A 37 4.16 2.60 -6.69
CA GLN A 37 4.33 3.51 -5.60
C GLN A 37 4.29 2.79 -4.26
N LEU A 38 3.63 1.64 -4.23
CA LEU A 38 3.51 0.77 -3.06
C LEU A 38 4.91 0.37 -2.55
N LEU A 39 5.71 -0.14 -3.46
CA LEU A 39 7.04 -0.67 -3.14
C LEU A 39 7.98 0.40 -2.58
N GLN A 40 7.91 1.58 -3.14
CA GLN A 40 8.83 2.65 -2.77
C GLN A 40 8.25 3.67 -1.76
N LEU A 41 7.09 3.35 -1.18
CA LEU A 41 6.42 4.19 -0.18
C LEU A 41 7.32 4.63 0.98
N ASP A 42 7.23 5.88 1.30
CA ASP A 42 7.95 6.44 2.43
C ASP A 42 6.96 7.28 3.20
N GLY A 43 7.40 7.88 4.28
CA GLY A 43 6.54 8.71 5.08
C GLY A 43 5.89 9.82 4.30
N ASN A 44 6.63 10.48 3.42
CA ASN A 44 6.10 11.56 2.60
C ASN A 44 4.92 11.13 1.81
N LYS A 45 5.01 9.95 1.24
CA LYS A 45 3.90 9.39 0.52
C LYS A 45 2.74 9.10 1.46
N LEU A 46 3.00 8.42 2.56
CA LEU A 46 1.96 8.07 3.56
C LEU A 46 1.28 9.30 4.13
N LYS A 47 2.02 10.36 4.19
CA LYS A 47 1.53 11.62 4.65
C LYS A 47 0.71 12.29 3.55
N ALA A 48 1.08 12.01 2.31
CA ALA A 48 0.40 12.58 1.13
C ALA A 48 -0.92 11.84 0.86
N LEU A 49 -1.16 10.79 1.62
CA LEU A 49 -2.44 10.11 1.61
C LEU A 49 -3.39 10.84 2.55
N GLY A 50 -2.86 11.81 3.29
CA GLY A 50 -3.65 12.64 4.19
C GLY A 50 -4.11 11.91 5.43
N MET A 51 -3.78 10.66 5.55
CA MET A 51 -4.20 9.89 6.69
C MET A 51 -3.22 10.09 7.82
N THR A 52 -1.92 9.92 7.52
CA THR A 52 -0.82 10.20 8.44
C THR A 52 -0.99 9.47 9.80
N SER A 53 -1.61 8.31 9.75
CA SER A 53 -1.94 7.53 10.92
C SER A 53 -0.67 6.90 11.52
N SER A 54 -0.49 7.09 12.83
CA SER A 54 0.67 6.64 13.60
C SER A 54 0.95 5.13 13.44
N GLN A 55 -0.07 4.30 13.72
CA GLN A 55 0.02 2.84 13.58
C GLN A 55 0.55 2.48 12.21
N ASP A 56 -0.15 3.00 11.25
CA ASP A 56 0.04 2.72 9.88
C ASP A 56 1.38 3.14 9.43
N ARG A 57 1.82 4.31 9.87
CA ARG A 57 3.16 4.85 9.54
C ARG A 57 4.28 3.87 9.86
N ALA A 58 4.05 2.98 10.80
CA ALA A 58 5.01 1.98 11.13
C ALA A 58 4.64 0.63 10.50
N LEU A 59 3.35 0.32 10.48
CA LEU A 59 2.89 -0.98 10.01
C LEU A 59 2.99 -1.15 8.51
N VAL A 60 2.39 -0.23 7.76
CA VAL A 60 2.41 -0.32 6.29
C VAL A 60 3.85 -0.28 5.82
N LYS A 61 4.65 0.33 6.64
CA LYS A 61 6.02 0.62 6.35
C LYS A 61 6.84 -0.65 6.38
N LYS A 62 6.40 -1.56 7.17
CA LYS A 62 7.06 -2.82 7.32
C LYS A 62 6.58 -3.74 6.22
N LYS A 63 5.31 -3.66 5.96
CA LYS A 63 4.66 -4.51 5.02
C LYS A 63 5.10 -4.21 3.58
N LEU A 64 5.20 -2.92 3.28
CA LEU A 64 5.51 -2.46 1.94
C LEU A 64 6.91 -2.86 1.50
N LYS A 65 7.82 -2.96 2.44
CA LYS A 65 9.18 -3.32 2.10
C LYS A 65 9.35 -4.83 1.93
N GLU A 66 8.46 -5.60 2.53
CA GLU A 66 8.52 -7.04 2.42
C GLU A 66 7.53 -7.54 1.39
N MET A 67 6.91 -6.58 0.68
CA MET A 67 5.90 -6.88 -0.35
C MET A 67 6.36 -7.84 -1.38
N LYS A 68 7.63 -7.91 -1.54
CA LYS A 68 8.27 -8.80 -2.47
C LYS A 68 8.00 -10.28 -2.16
N MET A 69 7.77 -10.61 -0.91
CA MET A 69 7.39 -11.96 -0.56
C MET A 69 5.90 -12.01 -0.25
N SER A 70 5.39 -10.88 0.21
CA SER A 70 4.02 -10.81 0.67
C SER A 70 3.01 -10.76 -0.48
N LEU A 71 3.43 -10.20 -1.63
CA LEU A 71 2.55 -10.09 -2.81
C LEU A 71 2.04 -11.42 -3.26
N GLU A 72 2.87 -12.40 -3.10
CA GLU A 72 2.60 -13.70 -3.55
C GLU A 72 1.71 -14.45 -2.56
N LYS A 73 2.12 -14.42 -1.32
CA LYS A 73 1.53 -15.25 -0.32
C LYS A 73 0.24 -14.64 0.25
N ALA A 74 0.12 -13.32 0.08
CA ALA A 74 -1.03 -12.52 0.48
C ALA A 74 -1.42 -12.74 1.94
N GLY A 1 0.72 -11.06 -14.19
CA GLY A 1 0.29 -12.04 -13.19
C GLY A 1 -0.18 -11.33 -11.95
N HIS A 2 -0.07 -11.98 -10.81
CA HIS A 2 -0.58 -11.43 -9.55
C HIS A 2 0.38 -10.41 -8.91
N MET A 3 1.54 -10.20 -9.52
CA MET A 3 2.53 -9.32 -8.93
C MET A 3 2.08 -7.87 -8.89
N VAL A 4 2.68 -7.11 -8.01
CA VAL A 4 2.20 -5.77 -7.66
C VAL A 4 2.41 -4.74 -8.74
N HIS A 5 3.39 -4.95 -9.57
CA HIS A 5 3.66 -4.05 -10.68
C HIS A 5 2.56 -4.16 -11.76
N GLU A 6 1.75 -5.20 -11.64
CA GLU A 6 0.64 -5.46 -12.54
C GLU A 6 -0.63 -4.82 -11.98
N TRP A 7 -0.55 -4.32 -10.77
CA TRP A 7 -1.68 -3.69 -10.12
C TRP A 7 -1.79 -2.27 -10.58
N SER A 8 -3.00 -1.78 -10.65
CA SER A 8 -3.24 -0.45 -11.07
C SER A 8 -3.86 0.37 -9.94
N VAL A 9 -5.08 0.05 -9.61
CA VAL A 9 -5.80 0.77 -8.56
C VAL A 9 -6.59 -0.24 -7.79
N GLN A 10 -7.48 -0.90 -8.50
CA GLN A 10 -8.41 -1.89 -7.95
C GLN A 10 -7.72 -3.20 -7.51
N GLN A 11 -6.42 -3.19 -7.51
CA GLN A 11 -5.64 -4.32 -7.03
C GLN A 11 -4.67 -3.96 -5.91
N VAL A 12 -4.47 -2.67 -5.68
CA VAL A 12 -3.54 -2.22 -4.62
C VAL A 12 -4.24 -2.40 -3.25
N SER A 13 -5.53 -2.47 -3.33
CA SER A 13 -6.43 -2.58 -2.22
C SER A 13 -6.29 -3.92 -1.50
N HIS A 14 -6.14 -4.98 -2.28
CA HIS A 14 -6.04 -6.36 -1.77
C HIS A 14 -4.90 -6.47 -0.78
N TRP A 15 -3.81 -5.78 -1.08
CA TRP A 15 -2.68 -5.74 -0.19
C TRP A 15 -3.07 -5.02 1.09
N LEU A 16 -3.47 -3.75 0.96
CA LEU A 16 -3.85 -2.87 2.09
C LEU A 16 -4.76 -3.56 3.08
N VAL A 17 -5.83 -4.13 2.60
CA VAL A 17 -6.81 -4.78 3.45
C VAL A 17 -6.19 -5.99 4.20
N GLY A 18 -5.18 -6.58 3.60
CA GLY A 18 -4.53 -7.73 4.17
C GLY A 18 -3.75 -7.40 5.42
N LEU A 19 -3.24 -6.20 5.49
CA LEU A 19 -2.50 -5.77 6.67
C LEU A 19 -3.37 -4.84 7.54
N SER A 20 -4.68 -4.85 7.27
CA SER A 20 -5.67 -4.02 7.99
C SER A 20 -5.47 -2.53 7.70
N LEU A 21 -4.92 -2.28 6.55
CA LEU A 21 -4.65 -0.96 6.01
C LEU A 21 -5.76 -0.59 5.06
N ASP A 22 -6.90 -1.26 5.22
CA ASP A 22 -8.12 -1.00 4.46
C ASP A 22 -8.64 0.42 4.64
N GLN A 23 -8.11 1.17 5.57
CA GLN A 23 -8.47 2.57 5.66
C GLN A 23 -7.63 3.43 4.70
N TYR A 24 -6.53 2.89 4.24
CA TYR A 24 -5.62 3.62 3.36
C TYR A 24 -6.05 3.50 1.90
N VAL A 25 -6.72 2.40 1.55
CA VAL A 25 -7.22 2.18 0.19
C VAL A 25 -8.18 3.29 -0.26
N SER A 26 -8.83 3.92 0.72
CA SER A 26 -9.72 5.03 0.51
C SER A 26 -9.03 6.17 -0.29
N GLU A 27 -7.77 6.45 0.02
CA GLU A 27 -7.06 7.50 -0.68
C GLU A 27 -6.04 6.92 -1.65
N PHE A 28 -5.53 5.71 -1.37
CA PHE A 28 -4.60 5.02 -2.30
C PHE A 28 -5.21 4.93 -3.70
N SER A 29 -6.49 4.55 -3.73
CA SER A 29 -7.20 4.42 -4.97
C SER A 29 -7.43 5.81 -5.62
N ALA A 30 -7.51 6.82 -4.78
CA ALA A 30 -7.81 8.17 -5.22
C ALA A 30 -6.59 8.84 -5.85
N GLN A 31 -5.40 8.33 -5.56
CA GLN A 31 -4.21 8.87 -6.22
C GLN A 31 -3.72 7.88 -7.25
N ASN A 32 -4.48 6.79 -7.42
CA ASN A 32 -4.18 5.74 -8.38
C ASN A 32 -2.84 5.11 -8.06
N ILE A 33 -2.59 4.94 -6.77
CA ILE A 33 -1.34 4.37 -6.30
C ILE A 33 -1.31 2.90 -6.71
N SER A 34 -0.39 2.54 -7.56
CA SER A 34 -0.28 1.18 -7.97
C SER A 34 0.90 0.56 -7.25
N GLY A 35 1.27 -0.63 -7.67
CA GLY A 35 2.40 -1.33 -7.11
C GLY A 35 3.68 -0.55 -7.30
N GLU A 36 3.72 0.24 -8.38
CA GLU A 36 4.87 1.08 -8.70
C GLU A 36 5.14 2.04 -7.55
N GLN A 37 4.09 2.64 -7.04
CA GLN A 37 4.24 3.58 -5.96
C GLN A 37 4.06 2.94 -4.61
N LEU A 38 3.72 1.67 -4.61
CA LEU A 38 3.52 0.89 -3.40
C LEU A 38 4.90 0.45 -2.91
N LEU A 39 5.68 -0.10 -3.82
CA LEU A 39 7.00 -0.62 -3.52
C LEU A 39 7.93 0.49 -3.01
N GLN A 40 7.83 1.65 -3.60
CA GLN A 40 8.69 2.77 -3.22
C GLN A 40 8.04 3.68 -2.15
N LEU A 41 6.98 3.20 -1.48
CA LEU A 41 6.30 3.96 -0.41
C LEU A 41 7.26 4.38 0.70
N ASP A 42 6.85 5.36 1.45
CA ASP A 42 7.63 5.95 2.51
C ASP A 42 6.66 6.70 3.38
N GLY A 43 7.09 7.21 4.53
CA GLY A 43 6.24 8.02 5.35
C GLY A 43 5.82 9.24 4.60
N ASN A 44 6.72 9.74 3.76
CA ASN A 44 6.47 10.88 2.89
C ASN A 44 5.21 10.68 2.09
N LYS A 45 5.07 9.52 1.48
CA LYS A 45 3.88 9.19 0.75
C LYS A 45 2.70 8.99 1.68
N LEU A 46 2.91 8.30 2.80
CA LEU A 46 1.83 8.03 3.78
C LEU A 46 1.25 9.34 4.34
N LYS A 47 2.08 10.36 4.33
CA LYS A 47 1.69 11.71 4.73
C LYS A 47 0.97 12.39 3.57
N ALA A 48 1.48 12.19 2.36
CA ALA A 48 0.89 12.78 1.15
C ALA A 48 -0.44 12.08 0.76
N LEU A 49 -0.71 10.96 1.41
CA LEU A 49 -1.99 10.28 1.31
C LEU A 49 -3.03 10.99 2.19
N GLY A 50 -2.60 12.02 2.92
CA GLY A 50 -3.50 12.83 3.75
C GLY A 50 -3.99 12.09 4.96
N MET A 51 -3.42 10.94 5.18
CA MET A 51 -3.80 10.08 6.27
C MET A 51 -2.97 10.35 7.48
N THR A 52 -1.67 10.19 7.31
CA THR A 52 -0.66 10.50 8.35
C THR A 52 -0.89 9.71 9.66
N SER A 53 -1.55 8.57 9.56
CA SER A 53 -1.89 7.76 10.69
C SER A 53 -0.66 7.12 11.33
N SER A 54 -0.41 7.44 12.60
CA SER A 54 0.76 6.95 13.30
C SER A 54 0.76 5.41 13.46
N GLN A 55 -0.43 4.82 13.64
CA GLN A 55 -0.53 3.35 13.71
C GLN A 55 0.02 2.72 12.44
N ASP A 56 -0.39 3.29 11.33
CA ASP A 56 -0.06 2.78 10.04
C ASP A 56 1.36 3.08 9.70
N ARG A 57 1.85 4.23 10.13
CA ARG A 57 3.25 4.62 9.95
C ARG A 57 4.21 3.56 10.53
N ALA A 58 3.74 2.80 11.51
CA ALA A 58 4.54 1.74 12.11
C ALA A 58 4.18 0.37 11.51
N LEU A 59 3.04 0.28 10.86
CA LEU A 59 2.57 -0.98 10.33
C LEU A 59 2.94 -1.12 8.86
N VAL A 60 2.35 -0.28 8.02
CA VAL A 60 2.51 -0.37 6.59
C VAL A 60 3.97 -0.18 6.16
N LYS A 61 4.72 0.51 7.00
CA LYS A 61 6.12 0.79 6.74
C LYS A 61 6.91 -0.51 6.69
N LYS A 62 6.49 -1.40 7.53
CA LYS A 62 7.13 -2.66 7.68
C LYS A 62 6.62 -3.59 6.60
N LYS A 63 5.38 -3.45 6.26
CA LYS A 63 4.78 -4.31 5.31
C LYS A 63 5.24 -3.99 3.92
N LEU A 64 5.39 -2.71 3.62
CA LEU A 64 5.75 -2.26 2.28
C LEU A 64 7.13 -2.74 1.87
N LYS A 65 8.01 -2.92 2.83
CA LYS A 65 9.35 -3.38 2.50
C LYS A 65 9.34 -4.89 2.18
N GLU A 66 8.49 -5.61 2.87
CA GLU A 66 8.44 -7.04 2.72
C GLU A 66 7.29 -7.46 1.82
N MET A 67 6.58 -6.48 1.31
CA MET A 67 5.41 -6.73 0.48
C MET A 67 5.82 -7.28 -0.84
N LYS A 68 7.03 -7.03 -1.21
CA LYS A 68 7.56 -7.52 -2.47
C LYS A 68 7.79 -9.02 -2.42
N MET A 69 7.83 -9.56 -1.23
CA MET A 69 7.89 -10.97 -1.04
C MET A 69 6.50 -11.45 -0.68
N SER A 70 5.79 -10.62 0.05
CA SER A 70 4.51 -10.98 0.62
C SER A 70 3.34 -10.82 -0.37
N LEU A 71 3.58 -10.15 -1.49
CA LEU A 71 2.58 -9.97 -2.56
C LEU A 71 2.08 -11.33 -3.04
N GLU A 72 2.97 -12.27 -2.98
CA GLU A 72 2.70 -13.60 -3.38
C GLU A 72 1.74 -14.31 -2.43
N LYS A 73 1.89 -14.04 -1.16
CA LYS A 73 1.09 -14.74 -0.16
C LYS A 73 -0.08 -13.88 0.29
N ALA A 74 -0.46 -13.00 -0.57
CA ALA A 74 -1.50 -12.09 -0.32
C ALA A 74 -2.76 -12.57 -1.02
N GLY A 1 0.58 -8.53 -16.24
CA GLY A 1 0.62 -9.64 -15.30
C GLY A 1 -0.15 -9.32 -14.03
N HIS A 2 0.14 -10.05 -12.98
CA HIS A 2 -0.61 -9.94 -11.72
C HIS A 2 0.29 -9.46 -10.56
N MET A 3 1.55 -9.16 -10.85
CA MET A 3 2.48 -8.64 -9.83
C MET A 3 2.05 -7.24 -9.38
N VAL A 4 2.64 -6.73 -8.32
CA VAL A 4 2.16 -5.46 -7.75
C VAL A 4 2.39 -4.29 -8.69
N HIS A 5 3.47 -4.34 -9.42
CA HIS A 5 3.81 -3.30 -10.39
C HIS A 5 2.90 -3.39 -11.63
N GLU A 6 2.15 -4.46 -11.68
CA GLU A 6 1.20 -4.71 -12.73
C GLU A 6 -0.21 -4.31 -12.26
N TRP A 7 -0.33 -4.05 -10.95
CA TRP A 7 -1.60 -3.61 -10.36
C TRP A 7 -1.86 -2.18 -10.77
N SER A 8 -3.12 -1.82 -10.86
CA SER A 8 -3.49 -0.52 -11.27
C SER A 8 -3.94 0.29 -10.07
N VAL A 9 -5.13 0.00 -9.60
CA VAL A 9 -5.70 0.76 -8.52
C VAL A 9 -6.40 -0.19 -7.56
N GLN A 10 -7.45 -0.82 -8.04
CA GLN A 10 -8.26 -1.70 -7.20
C GLN A 10 -7.50 -2.95 -6.76
N GLN A 11 -6.38 -3.20 -7.39
CA GLN A 11 -5.56 -4.32 -7.02
C GLN A 11 -4.55 -3.98 -5.91
N VAL A 12 -4.33 -2.68 -5.68
CA VAL A 12 -3.36 -2.26 -4.64
C VAL A 12 -4.00 -2.45 -3.25
N SER A 13 -5.32 -2.43 -3.23
CA SER A 13 -6.10 -2.52 -2.04
C SER A 13 -5.97 -3.91 -1.40
N HIS A 14 -5.71 -4.94 -2.23
CA HIS A 14 -5.61 -6.33 -1.75
C HIS A 14 -4.51 -6.43 -0.71
N TRP A 15 -3.40 -5.76 -1.01
CA TRP A 15 -2.29 -5.72 -0.11
C TRP A 15 -2.69 -5.00 1.16
N LEU A 16 -3.15 -3.76 1.03
CA LEU A 16 -3.55 -2.89 2.16
C LEU A 16 -4.47 -3.59 3.13
N VAL A 17 -5.53 -4.17 2.61
CA VAL A 17 -6.52 -4.85 3.44
C VAL A 17 -5.89 -6.04 4.19
N GLY A 18 -4.82 -6.59 3.65
CA GLY A 18 -4.18 -7.75 4.23
C GLY A 18 -3.39 -7.39 5.47
N LEU A 19 -2.98 -6.15 5.57
CA LEU A 19 -2.32 -5.68 6.76
C LEU A 19 -3.26 -4.80 7.58
N SER A 20 -4.56 -4.90 7.25
CA SER A 20 -5.62 -4.17 7.94
C SER A 20 -5.50 -2.65 7.74
N LEU A 21 -4.92 -2.28 6.61
CA LEU A 21 -4.66 -0.92 6.17
C LEU A 21 -5.71 -0.52 5.16
N ASP A 22 -6.85 -1.24 5.20
CA ASP A 22 -8.03 -0.93 4.35
C ASP A 22 -8.42 0.55 4.40
N GLN A 23 -8.16 1.19 5.53
CA GLN A 23 -8.41 2.63 5.69
C GLN A 23 -7.59 3.48 4.71
N TYR A 24 -6.50 2.93 4.23
CA TYR A 24 -5.67 3.64 3.30
C TYR A 24 -6.14 3.48 1.88
N VAL A 25 -6.88 2.41 1.62
CA VAL A 25 -7.41 2.12 0.26
C VAL A 25 -8.22 3.30 -0.28
N SER A 26 -8.98 3.92 0.61
CA SER A 26 -9.84 5.06 0.31
C SER A 26 -9.09 6.16 -0.46
N GLU A 27 -7.84 6.39 -0.08
CA GLU A 27 -7.05 7.42 -0.69
C GLU A 27 -6.03 6.80 -1.66
N PHE A 28 -5.56 5.57 -1.37
CA PHE A 28 -4.63 4.85 -2.27
C PHE A 28 -5.25 4.76 -3.66
N SER A 29 -6.54 4.48 -3.68
CA SER A 29 -7.29 4.36 -4.90
C SER A 29 -7.43 5.74 -5.56
N ALA A 30 -7.54 6.77 -4.74
CA ALA A 30 -7.81 8.12 -5.21
C ALA A 30 -6.63 8.70 -5.96
N GLN A 31 -5.41 8.33 -5.55
CA GLN A 31 -4.22 8.86 -6.22
C GLN A 31 -3.69 7.87 -7.21
N ASN A 32 -4.46 6.78 -7.41
CA ASN A 32 -4.12 5.73 -8.36
C ASN A 32 -2.78 5.11 -8.00
N ILE A 33 -2.56 4.95 -6.69
CA ILE A 33 -1.35 4.38 -6.19
C ILE A 33 -1.31 2.92 -6.57
N SER A 34 -0.39 2.56 -7.43
CA SER A 34 -0.26 1.20 -7.85
C SER A 34 0.98 0.62 -7.19
N GLY A 35 1.40 -0.55 -7.66
CA GLY A 35 2.59 -1.18 -7.15
C GLY A 35 3.82 -0.33 -7.45
N GLU A 36 3.71 0.47 -8.50
CA GLU A 36 4.75 1.40 -8.94
C GLU A 36 5.12 2.32 -7.77
N GLN A 37 4.11 2.74 -7.04
CA GLN A 37 4.32 3.60 -5.91
C GLN A 37 4.32 2.84 -4.58
N LEU A 38 3.74 1.64 -4.56
CA LEU A 38 3.64 0.78 -3.37
C LEU A 38 5.04 0.34 -2.93
N LEU A 39 5.81 -0.19 -3.86
CA LEU A 39 7.14 -0.75 -3.57
C LEU A 39 8.09 0.32 -3.04
N GLN A 40 7.94 1.51 -3.54
CA GLN A 40 8.83 2.58 -3.14
C GLN A 40 8.20 3.53 -2.09
N LEU A 41 7.08 3.11 -1.47
CA LEU A 41 6.41 3.90 -0.43
C LEU A 41 7.34 4.25 0.71
N ASP A 42 7.01 5.31 1.39
CA ASP A 42 7.72 5.75 2.56
C ASP A 42 6.77 6.64 3.30
N GLY A 43 7.23 7.23 4.39
CA GLY A 43 6.42 8.08 5.19
C GLY A 43 5.87 9.26 4.43
N ASN A 44 6.68 9.86 3.54
CA ASN A 44 6.24 11.01 2.74
C ASN A 44 5.04 10.69 1.94
N LYS A 45 5.06 9.55 1.30
CA LYS A 45 3.92 9.11 0.55
C LYS A 45 2.72 8.89 1.44
N LEU A 46 2.92 8.21 2.55
CA LEU A 46 1.84 7.94 3.52
C LEU A 46 1.23 9.23 4.07
N LYS A 47 2.05 10.23 4.17
CA LYS A 47 1.62 11.55 4.58
C LYS A 47 0.82 12.21 3.46
N ALA A 48 1.21 11.93 2.22
CA ALA A 48 0.55 12.48 1.03
C ALA A 48 -0.81 11.82 0.80
N LEU A 49 -1.06 10.71 1.50
CA LEU A 49 -2.37 10.07 1.46
C LEU A 49 -3.35 10.84 2.35
N GLY A 50 -2.81 11.82 3.08
CA GLY A 50 -3.64 12.67 3.93
C GLY A 50 -4.14 11.98 5.17
N MET A 51 -3.78 10.71 5.30
CA MET A 51 -4.23 9.94 6.43
C MET A 51 -3.28 10.18 7.58
N THR A 52 -1.98 10.07 7.26
CA THR A 52 -0.85 10.41 8.16
C THR A 52 -0.88 9.65 9.52
N SER A 53 -1.65 8.59 9.60
CA SER A 53 -1.83 7.83 10.83
C SER A 53 -0.52 7.18 11.28
N SER A 54 -0.05 7.56 12.46
CA SER A 54 1.21 7.08 13.02
C SER A 54 1.19 5.56 13.18
N GLN A 55 0.09 5.04 13.73
CA GLN A 55 -0.09 3.60 13.92
C GLN A 55 0.03 2.86 12.61
N ASP A 56 -0.68 3.35 11.61
CA ASP A 56 -0.69 2.69 10.33
C ASP A 56 0.64 2.78 9.72
N ARG A 57 1.24 3.98 9.77
CA ARG A 57 2.53 4.22 9.17
C ARG A 57 3.61 3.34 9.71
N ALA A 58 3.57 3.01 10.97
CA ALA A 58 4.58 2.13 11.55
C ALA A 58 4.39 0.69 11.08
N LEU A 59 3.17 0.34 10.75
CA LEU A 59 2.84 -1.00 10.33
C LEU A 59 3.08 -1.17 8.85
N VAL A 60 2.51 -0.26 8.05
CA VAL A 60 2.66 -0.28 6.62
C VAL A 60 4.15 -0.14 6.25
N LYS A 61 4.91 0.41 7.16
CA LYS A 61 6.32 0.72 6.93
C LYS A 61 7.09 -0.56 6.87
N LYS A 62 6.65 -1.49 7.64
CA LYS A 62 7.27 -2.75 7.73
C LYS A 62 6.80 -3.61 6.59
N LYS A 63 5.52 -3.55 6.36
CA LYS A 63 4.89 -4.37 5.37
C LYS A 63 5.28 -3.96 3.96
N LEU A 64 5.44 -2.67 3.74
CA LEU A 64 5.73 -2.15 2.40
C LEU A 64 7.13 -2.52 1.96
N LYS A 65 7.96 -2.92 2.89
CA LYS A 65 9.30 -3.37 2.53
C LYS A 65 9.38 -4.90 2.45
N GLU A 66 8.28 -5.58 2.71
CA GLU A 66 8.24 -7.04 2.62
C GLU A 66 7.06 -7.43 1.74
N MET A 67 6.54 -6.43 1.10
CA MET A 67 5.42 -6.47 0.18
C MET A 67 5.71 -7.42 -0.97
N LYS A 68 6.99 -7.57 -1.21
CA LYS A 68 7.57 -8.45 -2.21
C LYS A 68 7.15 -9.91 -1.98
N MET A 69 7.00 -10.31 -0.72
CA MET A 69 6.54 -11.64 -0.44
C MET A 69 5.06 -11.60 -0.15
N SER A 70 4.60 -10.45 0.34
CA SER A 70 3.21 -10.28 0.72
C SER A 70 2.32 -10.41 -0.50
N LEU A 71 2.77 -9.82 -1.62
CA LEU A 71 2.05 -9.88 -2.88
C LEU A 71 1.87 -11.31 -3.35
N GLU A 72 2.82 -12.13 -2.98
CA GLU A 72 2.89 -13.44 -3.45
C GLU A 72 2.02 -14.38 -2.65
N LYS A 73 2.10 -14.25 -1.33
CA LYS A 73 1.52 -15.18 -0.42
C LYS A 73 0.00 -15.23 -0.56
N ALA A 74 -0.62 -14.23 0.00
CA ALA A 74 -2.06 -14.02 0.09
C ALA A 74 -2.27 -12.98 1.16
N GLY A 1 -2.21 -10.35 -13.73
CA GLY A 1 -1.00 -10.57 -12.95
C GLY A 1 -1.27 -10.38 -11.48
N HIS A 2 -0.65 -11.17 -10.63
CA HIS A 2 -0.87 -11.03 -9.19
C HIS A 2 0.25 -10.20 -8.56
N MET A 3 1.26 -9.89 -9.34
CA MET A 3 2.35 -9.10 -8.85
C MET A 3 1.97 -7.63 -8.82
N VAL A 4 2.62 -6.88 -7.96
CA VAL A 4 2.19 -5.52 -7.62
C VAL A 4 2.32 -4.53 -8.76
N HIS A 5 3.28 -4.74 -9.60
CA HIS A 5 3.49 -3.87 -10.75
C HIS A 5 2.36 -4.07 -11.79
N GLU A 6 1.59 -5.14 -11.61
CA GLU A 6 0.46 -5.48 -12.46
C GLU A 6 -0.83 -4.95 -11.86
N TRP A 7 -0.72 -4.33 -10.70
CA TRP A 7 -1.88 -3.78 -10.05
C TRP A 7 -2.11 -2.40 -10.60
N SER A 8 -3.33 -2.15 -10.97
CA SER A 8 -3.68 -0.91 -11.60
C SER A 8 -4.02 0.13 -10.54
N VAL A 9 -5.17 -0.04 -9.93
CA VAL A 9 -5.66 0.85 -8.90
C VAL A 9 -6.38 0.03 -7.86
N GLN A 10 -7.46 -0.59 -8.27
CA GLN A 10 -8.29 -1.38 -7.38
C GLN A 10 -7.56 -2.59 -6.82
N GLN A 11 -6.55 -3.06 -7.53
CA GLN A 11 -5.80 -4.22 -7.11
C GLN A 11 -4.79 -3.89 -6.01
N VAL A 12 -4.50 -2.62 -5.81
CA VAL A 12 -3.54 -2.18 -4.76
C VAL A 12 -4.18 -2.36 -3.37
N SER A 13 -5.51 -2.30 -3.34
CA SER A 13 -6.26 -2.33 -2.13
C SER A 13 -6.25 -3.71 -1.48
N HIS A 14 -6.06 -4.75 -2.31
CA HIS A 14 -6.04 -6.14 -1.82
C HIS A 14 -4.90 -6.34 -0.84
N TRP A 15 -3.81 -5.64 -1.09
CA TRP A 15 -2.69 -5.64 -0.18
C TRP A 15 -3.10 -4.95 1.10
N LEU A 16 -3.45 -3.66 0.99
CA LEU A 16 -3.82 -2.78 2.12
C LEU A 16 -4.77 -3.44 3.09
N VAL A 17 -5.86 -3.98 2.56
CA VAL A 17 -6.89 -4.61 3.36
C VAL A 17 -6.32 -5.78 4.18
N GLY A 18 -5.32 -6.44 3.61
CA GLY A 18 -4.73 -7.61 4.20
C GLY A 18 -4.00 -7.29 5.47
N LEU A 19 -3.36 -6.14 5.51
CA LEU A 19 -2.59 -5.73 6.68
C LEU A 19 -3.37 -4.74 7.54
N SER A 20 -4.71 -4.74 7.37
CA SER A 20 -5.62 -3.87 8.15
C SER A 20 -5.44 -2.40 7.78
N LEU A 21 -4.88 -2.17 6.64
CA LEU A 21 -4.61 -0.84 6.11
C LEU A 21 -5.63 -0.46 5.07
N ASP A 22 -6.79 -1.14 5.11
CA ASP A 22 -7.96 -0.81 4.25
C ASP A 22 -8.33 0.67 4.37
N GLN A 23 -7.95 1.24 5.47
CA GLN A 23 -8.12 2.65 5.78
C GLN A 23 -7.38 3.56 4.78
N TYR A 24 -6.35 3.03 4.15
CA TYR A 24 -5.57 3.77 3.21
C TYR A 24 -6.13 3.66 1.79
N VAL A 25 -6.92 2.62 1.57
CA VAL A 25 -7.53 2.34 0.24
C VAL A 25 -8.31 3.54 -0.29
N SER A 26 -9.01 4.23 0.61
CA SER A 26 -9.84 5.38 0.28
C SER A 26 -9.08 6.44 -0.55
N GLU A 27 -7.81 6.63 -0.23
CA GLU A 27 -7.01 7.62 -0.91
C GLU A 27 -6.02 6.92 -1.88
N PHE A 28 -5.59 5.69 -1.56
CA PHE A 28 -4.69 4.92 -2.44
C PHE A 28 -5.27 4.79 -3.83
N SER A 29 -6.56 4.52 -3.90
CA SER A 29 -7.23 4.36 -5.15
C SER A 29 -7.42 5.72 -5.84
N ALA A 30 -7.44 6.79 -5.05
CA ALA A 30 -7.71 8.10 -5.57
C ALA A 30 -6.51 8.67 -6.28
N GLN A 31 -5.32 8.33 -5.82
CA GLN A 31 -4.10 8.86 -6.45
C GLN A 31 -3.57 7.87 -7.45
N ASN A 32 -4.35 6.80 -7.69
CA ASN A 32 -3.99 5.73 -8.62
C ASN A 32 -2.70 5.09 -8.17
N ILE A 33 -2.54 4.97 -6.86
CA ILE A 33 -1.36 4.36 -6.31
C ILE A 33 -1.41 2.89 -6.67
N SER A 34 -0.50 2.47 -7.47
CA SER A 34 -0.44 1.10 -7.85
C SER A 34 0.71 0.45 -7.10
N GLY A 35 1.04 -0.78 -7.47
CA GLY A 35 2.13 -1.49 -6.83
C GLY A 35 3.44 -0.77 -7.07
N GLU A 36 3.49 -0.08 -8.18
CA GLU A 36 4.61 0.73 -8.61
C GLU A 36 4.97 1.75 -7.51
N GLN A 37 3.97 2.40 -6.94
CA GLN A 37 4.21 3.37 -5.89
C GLN A 37 4.07 2.77 -4.50
N LEU A 38 3.72 1.50 -4.47
CA LEU A 38 3.55 0.74 -3.24
C LEU A 38 4.93 0.25 -2.79
N LEU A 39 5.70 -0.23 -3.74
CA LEU A 39 7.05 -0.75 -3.50
C LEU A 39 7.96 0.30 -2.87
N GLN A 40 7.84 1.51 -3.33
CA GLN A 40 8.72 2.58 -2.87
C GLN A 40 8.06 3.50 -1.82
N LEU A 41 6.98 3.03 -1.20
CA LEU A 41 6.28 3.80 -0.16
C LEU A 41 7.19 4.26 0.97
N ASP A 42 6.87 5.40 1.50
CA ASP A 42 7.59 6.01 2.60
C ASP A 42 6.60 6.90 3.32
N GLY A 43 6.99 7.45 4.47
CA GLY A 43 6.14 8.34 5.20
C GLY A 43 5.74 9.50 4.39
N ASN A 44 6.61 9.90 3.47
CA ASN A 44 6.35 11.02 2.56
C ASN A 44 5.04 10.78 1.86
N LYS A 45 4.90 9.57 1.37
CA LYS A 45 3.72 9.17 0.67
C LYS A 45 2.56 8.99 1.64
N LEU A 46 2.81 8.35 2.78
CA LEU A 46 1.76 8.13 3.81
C LEU A 46 1.13 9.46 4.23
N LYS A 47 1.96 10.47 4.31
CA LYS A 47 1.54 11.81 4.62
C LYS A 47 0.77 12.42 3.43
N ALA A 48 1.23 12.14 2.22
CA ALA A 48 0.59 12.66 0.99
C ALA A 48 -0.70 11.90 0.68
N LEU A 49 -0.90 10.78 1.36
CA LEU A 49 -2.12 10.01 1.27
C LEU A 49 -3.14 10.60 2.22
N GLY A 50 -2.72 11.63 2.94
CA GLY A 50 -3.60 12.39 3.80
C GLY A 50 -4.07 11.66 5.03
N MET A 51 -3.56 10.47 5.28
CA MET A 51 -4.01 9.75 6.46
C MET A 51 -3.20 10.22 7.62
N THR A 52 -1.88 10.20 7.43
CA THR A 52 -0.88 10.79 8.35
C THR A 52 -1.02 10.29 9.80
N SER A 53 -1.51 9.08 9.94
CA SER A 53 -1.76 8.49 11.22
C SER A 53 -0.46 8.08 11.95
N SER A 54 -0.57 7.29 12.99
CA SER A 54 0.58 6.91 13.75
C SER A 54 0.80 5.38 13.71
N GLN A 55 -0.29 4.62 13.74
CA GLN A 55 -0.19 3.16 13.80
C GLN A 55 0.24 2.60 12.47
N ASP A 56 -0.17 3.27 11.42
CA ASP A 56 0.10 2.82 10.06
C ASP A 56 1.57 3.00 9.80
N ARG A 57 2.10 4.11 10.27
CA ARG A 57 3.49 4.49 10.13
C ARG A 57 4.44 3.45 10.72
N ALA A 58 3.89 2.55 11.51
CA ALA A 58 4.65 1.45 12.05
C ALA A 58 4.26 0.14 11.34
N LEU A 59 2.98 -0.01 11.02
CA LEU A 59 2.47 -1.24 10.41
C LEU A 59 2.85 -1.33 8.93
N VAL A 60 2.35 -0.37 8.12
CA VAL A 60 2.54 -0.42 6.66
C VAL A 60 4.02 -0.33 6.32
N LYS A 61 4.73 0.25 7.23
CA LYS A 61 6.14 0.54 7.11
C LYS A 61 6.94 -0.75 7.11
N LYS A 62 6.40 -1.73 7.77
CA LYS A 62 7.03 -3.02 7.87
C LYS A 62 6.56 -3.89 6.71
N LYS A 63 5.35 -3.68 6.32
CA LYS A 63 4.74 -4.47 5.29
C LYS A 63 5.26 -4.09 3.91
N LEU A 64 5.46 -2.80 3.67
CA LEU A 64 5.88 -2.33 2.35
C LEU A 64 7.29 -2.84 2.01
N LYS A 65 8.09 -3.07 3.02
CA LYS A 65 9.45 -3.51 2.80
C LYS A 65 9.52 -5.02 2.61
N GLU A 66 8.43 -5.73 2.88
CA GLU A 66 8.45 -7.19 2.69
C GLU A 66 7.53 -7.53 1.57
N MET A 67 6.81 -6.53 1.17
CA MET A 67 5.77 -6.55 0.18
C MET A 67 6.30 -7.15 -1.09
N LYS A 68 7.53 -6.83 -1.37
CA LYS A 68 8.25 -7.31 -2.53
C LYS A 68 8.45 -8.84 -2.56
N MET A 69 8.30 -9.49 -1.43
CA MET A 69 8.34 -10.94 -1.39
C MET A 69 6.96 -11.46 -0.98
N SER A 70 6.21 -10.63 -0.30
CA SER A 70 4.92 -11.02 0.22
C SER A 70 3.83 -10.95 -0.85
N LEU A 71 4.01 -10.07 -1.84
CA LEU A 71 3.10 -9.94 -2.97
C LEU A 71 3.00 -11.26 -3.73
N GLU A 72 4.11 -11.99 -3.71
CA GLU A 72 4.22 -13.24 -4.39
C GLU A 72 3.35 -14.29 -3.75
N LYS A 73 3.20 -14.19 -2.46
CA LYS A 73 2.44 -15.17 -1.73
C LYS A 73 0.95 -14.83 -1.80
N ALA A 74 0.67 -13.61 -2.24
CA ALA A 74 -0.69 -13.07 -2.43
C ALA A 74 -1.54 -13.22 -1.16
N GLY A 1 0.73 -10.19 -15.35
CA GLY A 1 0.99 -11.11 -14.25
C GLY A 1 0.21 -10.72 -13.00
N HIS A 2 0.47 -11.42 -11.91
CA HIS A 2 -0.28 -11.21 -10.66
C HIS A 2 0.45 -10.27 -9.73
N MET A 3 1.67 -9.91 -10.08
CA MET A 3 2.50 -9.15 -9.19
C MET A 3 2.07 -7.69 -9.07
N VAL A 4 2.65 -7.01 -8.12
CA VAL A 4 2.18 -5.69 -7.69
C VAL A 4 2.38 -4.62 -8.72
N HIS A 5 3.37 -4.78 -9.56
CA HIS A 5 3.65 -3.81 -10.60
C HIS A 5 2.53 -3.82 -11.66
N GLU A 6 1.74 -4.90 -11.67
CA GLU A 6 0.62 -5.07 -12.61
C GLU A 6 -0.67 -4.52 -12.01
N TRP A 7 -0.62 -4.25 -10.70
CA TRP A 7 -1.78 -3.76 -10.00
C TRP A 7 -2.16 -2.41 -10.49
N SER A 8 -3.42 -2.20 -10.60
CA SER A 8 -3.97 -1.00 -11.09
C SER A 8 -4.23 -0.03 -9.97
N VAL A 9 -5.40 -0.14 -9.44
CA VAL A 9 -5.86 0.72 -8.41
C VAL A 9 -6.57 -0.12 -7.37
N GLN A 10 -7.60 -0.81 -7.80
CA GLN A 10 -8.39 -1.63 -6.88
C GLN A 10 -7.62 -2.89 -6.45
N GLN A 11 -6.55 -3.19 -7.17
CA GLN A 11 -5.71 -4.31 -6.82
C GLN A 11 -4.77 -3.94 -5.67
N VAL A 12 -4.51 -2.65 -5.48
CA VAL A 12 -3.58 -2.21 -4.44
C VAL A 12 -4.27 -2.34 -3.07
N SER A 13 -5.59 -2.25 -3.10
CA SER A 13 -6.40 -2.31 -1.92
C SER A 13 -6.37 -3.71 -1.32
N HIS A 14 -6.18 -4.73 -2.19
CA HIS A 14 -6.13 -6.13 -1.73
C HIS A 14 -4.99 -6.30 -0.76
N TRP A 15 -3.91 -5.59 -1.03
CA TRP A 15 -2.78 -5.58 -0.15
C TRP A 15 -3.13 -4.87 1.12
N LEU A 16 -3.48 -3.58 1.00
CA LEU A 16 -3.80 -2.70 2.14
C LEU A 16 -4.75 -3.34 3.13
N VAL A 17 -5.85 -3.87 2.63
CA VAL A 17 -6.87 -4.48 3.46
C VAL A 17 -6.29 -5.70 4.23
N GLY A 18 -5.29 -6.33 3.65
CA GLY A 18 -4.71 -7.54 4.21
C GLY A 18 -3.88 -7.24 5.45
N LEU A 19 -3.41 -6.01 5.56
CA LEU A 19 -2.66 -5.60 6.73
C LEU A 19 -3.46 -4.61 7.55
N SER A 20 -4.78 -4.60 7.34
CA SER A 20 -5.70 -3.71 8.07
C SER A 20 -5.48 -2.24 7.73
N LEU A 21 -4.92 -2.00 6.56
CA LEU A 21 -4.59 -0.68 6.04
C LEU A 21 -5.67 -0.26 5.07
N ASP A 22 -6.83 -0.91 5.20
CA ASP A 22 -8.02 -0.62 4.42
C ASP A 22 -8.39 0.88 4.49
N GLN A 23 -8.04 1.56 5.58
CA GLN A 23 -8.33 3.00 5.69
C GLN A 23 -7.46 3.83 4.75
N TYR A 24 -6.42 3.24 4.23
CA TYR A 24 -5.54 3.91 3.33
C TYR A 24 -6.02 3.77 1.90
N VAL A 25 -6.84 2.75 1.65
CA VAL A 25 -7.42 2.50 0.30
C VAL A 25 -8.21 3.72 -0.17
N SER A 26 -8.83 4.39 0.79
CA SER A 26 -9.63 5.58 0.57
C SER A 26 -8.89 6.61 -0.31
N GLU A 27 -7.61 6.79 -0.04
CA GLU A 27 -6.84 7.75 -0.77
C GLU A 27 -5.89 7.06 -1.76
N PHE A 28 -5.44 5.82 -1.44
CA PHE A 28 -4.58 5.03 -2.36
C PHE A 28 -5.25 4.89 -3.72
N SER A 29 -6.54 4.64 -3.68
CA SER A 29 -7.35 4.47 -4.86
C SER A 29 -7.56 5.82 -5.56
N ALA A 30 -7.45 6.89 -4.80
CA ALA A 30 -7.72 8.20 -5.31
C ALA A 30 -6.55 8.74 -6.11
N GLN A 31 -5.35 8.36 -5.74
CA GLN A 31 -4.17 8.86 -6.46
C GLN A 31 -3.69 7.83 -7.46
N ASN A 32 -4.45 6.72 -7.54
CA ASN A 32 -4.12 5.60 -8.44
C ASN A 32 -2.76 5.04 -8.07
N ILE A 33 -2.52 4.93 -6.77
CA ILE A 33 -1.28 4.39 -6.27
C ILE A 33 -1.26 2.91 -6.57
N SER A 34 -0.44 2.51 -7.51
CA SER A 34 -0.37 1.12 -7.86
C SER A 34 0.85 0.51 -7.18
N GLY A 35 1.19 -0.72 -7.55
CA GLY A 35 2.34 -1.40 -7.00
C GLY A 35 3.62 -0.67 -7.31
N GLU A 36 3.59 0.07 -8.41
CA GLU A 36 4.69 0.90 -8.89
C GLU A 36 5.09 1.89 -7.80
N GLN A 37 4.09 2.49 -7.17
CA GLN A 37 4.33 3.46 -6.13
C GLN A 37 4.22 2.84 -4.73
N LEU A 38 3.82 1.59 -4.67
CA LEU A 38 3.66 0.82 -3.44
C LEU A 38 5.02 0.35 -2.96
N LEU A 39 5.78 -0.22 -3.87
CA LEU A 39 7.10 -0.77 -3.58
C LEU A 39 8.05 0.29 -3.06
N GLN A 40 7.90 1.47 -3.58
CA GLN A 40 8.78 2.57 -3.25
C GLN A 40 8.18 3.51 -2.16
N LEU A 41 7.09 3.07 -1.50
CA LEU A 41 6.45 3.83 -0.42
C LEU A 41 7.41 4.23 0.69
N ASP A 42 7.06 5.29 1.36
CA ASP A 42 7.83 5.86 2.44
C ASP A 42 6.87 6.68 3.27
N GLY A 43 7.28 7.13 4.46
CA GLY A 43 6.41 7.94 5.31
C GLY A 43 5.95 9.17 4.57
N ASN A 44 6.83 9.72 3.75
CA ASN A 44 6.53 10.89 2.94
C ASN A 44 5.31 10.68 2.09
N LYS A 45 5.23 9.55 1.43
CA LYS A 45 4.05 9.21 0.68
C LYS A 45 2.86 9.02 1.57
N LEU A 46 3.05 8.28 2.65
CA LEU A 46 1.97 7.96 3.62
C LEU A 46 1.37 9.23 4.24
N LYS A 47 2.16 10.28 4.26
CA LYS A 47 1.74 11.57 4.73
C LYS A 47 0.96 12.30 3.64
N ALA A 48 1.31 12.04 2.39
CA ALA A 48 0.68 12.67 1.23
C ALA A 48 -0.62 11.97 0.85
N LEU A 49 -0.92 10.88 1.55
CA LEU A 49 -2.19 10.20 1.40
C LEU A 49 -3.21 10.87 2.31
N GLY A 50 -2.74 11.85 3.08
CA GLY A 50 -3.60 12.64 3.95
C GLY A 50 -4.12 11.89 5.15
N MET A 51 -3.86 10.60 5.19
CA MET A 51 -4.32 9.78 6.29
C MET A 51 -3.41 10.01 7.47
N THR A 52 -2.09 9.93 7.18
CA THR A 52 -1.00 10.23 8.14
C THR A 52 -1.13 9.45 9.47
N SER A 53 -1.78 8.32 9.42
CA SER A 53 -2.04 7.53 10.60
C SER A 53 -0.76 6.98 11.20
N SER A 54 -0.47 7.41 12.41
CA SER A 54 0.75 7.05 13.12
C SER A 54 0.81 5.53 13.32
N GLN A 55 -0.34 4.96 13.63
CA GLN A 55 -0.50 3.54 13.85
C GLN A 55 -0.30 2.77 12.57
N ASP A 56 -0.90 3.24 11.50
CA ASP A 56 -0.84 2.54 10.24
C ASP A 56 0.52 2.63 9.64
N ARG A 57 1.15 3.81 9.72
CA ARG A 57 2.49 4.00 9.18
C ARG A 57 3.50 3.08 9.82
N ALA A 58 3.28 2.76 11.08
CA ALA A 58 4.19 1.88 11.82
C ALA A 58 3.94 0.42 11.45
N LEU A 59 2.95 0.19 10.61
CA LEU A 59 2.63 -1.15 10.19
C LEU A 59 2.86 -1.32 8.71
N VAL A 60 2.36 -0.37 7.92
CA VAL A 60 2.52 -0.38 6.47
C VAL A 60 3.99 -0.33 6.09
N LYS A 61 4.78 0.25 6.96
CA LYS A 61 6.21 0.46 6.68
C LYS A 61 6.92 -0.86 6.64
N LYS A 62 6.46 -1.73 7.51
CA LYS A 62 7.02 -3.02 7.67
C LYS A 62 6.52 -3.91 6.56
N LYS A 63 5.27 -3.76 6.26
CA LYS A 63 4.63 -4.56 5.26
C LYS A 63 5.13 -4.20 3.87
N LEU A 64 5.29 -2.93 3.59
CA LEU A 64 5.69 -2.50 2.26
C LEU A 64 7.10 -2.97 1.92
N LYS A 65 7.94 -3.07 2.93
CA LYS A 65 9.31 -3.48 2.70
C LYS A 65 9.43 -5.00 2.57
N GLU A 66 8.43 -5.72 3.05
CA GLU A 66 8.43 -7.17 2.91
C GLU A 66 7.48 -7.58 1.80
N MET A 67 6.60 -6.68 1.39
CA MET A 67 5.57 -6.96 0.40
C MET A 67 6.21 -7.38 -0.89
N LYS A 68 7.33 -6.81 -1.16
CA LYS A 68 8.11 -7.09 -2.37
C LYS A 68 8.74 -8.51 -2.35
N MET A 69 8.74 -9.14 -1.21
CA MET A 69 9.26 -10.50 -1.11
C MET A 69 8.15 -11.42 -0.60
N SER A 70 6.96 -10.86 -0.47
CA SER A 70 5.84 -11.61 0.07
C SER A 70 4.69 -11.68 -0.93
N LEU A 71 4.50 -10.62 -1.72
CA LEU A 71 3.33 -10.42 -2.63
C LEU A 71 2.96 -11.66 -3.45
N GLU A 72 3.96 -12.38 -3.87
CA GLU A 72 3.77 -13.58 -4.63
C GLU A 72 3.29 -14.73 -3.76
N LYS A 73 4.01 -14.93 -2.69
CA LYS A 73 3.87 -16.12 -1.89
C LYS A 73 2.77 -15.99 -0.87
N ALA A 74 2.62 -14.80 -0.37
CA ALA A 74 1.68 -14.50 0.65
C ALA A 74 1.29 -13.04 0.53
N GLY A 1 -1.10 -10.29 -15.10
CA GLY A 1 -0.07 -10.26 -14.07
C GLY A 1 -0.68 -10.48 -12.72
N HIS A 2 0.14 -10.52 -11.69
CA HIS A 2 -0.35 -10.74 -10.33
C HIS A 2 0.52 -10.00 -9.31
N MET A 3 1.70 -9.57 -9.73
CA MET A 3 2.63 -8.94 -8.84
C MET A 3 2.22 -7.51 -8.59
N VAL A 4 2.75 -6.91 -7.53
CA VAL A 4 2.29 -5.58 -7.10
C VAL A 4 2.51 -4.52 -8.15
N HIS A 5 3.61 -4.62 -8.84
CA HIS A 5 3.97 -3.65 -9.85
C HIS A 5 3.07 -3.76 -11.09
N GLU A 6 2.26 -4.80 -11.11
CA GLU A 6 1.32 -5.07 -12.18
C GLU A 6 -0.10 -4.67 -11.73
N TRP A 7 -0.21 -4.21 -10.50
CA TRP A 7 -1.48 -3.78 -9.98
C TRP A 7 -1.78 -2.40 -10.49
N SER A 8 -3.04 -2.09 -10.65
CA SER A 8 -3.43 -0.84 -11.16
C SER A 8 -3.91 0.06 -10.03
N VAL A 9 -5.13 -0.14 -9.59
CA VAL A 9 -5.70 0.65 -8.52
C VAL A 9 -6.48 -0.29 -7.63
N GLN A 10 -7.49 -0.95 -8.20
CA GLN A 10 -8.36 -1.81 -7.40
C GLN A 10 -7.70 -3.15 -7.03
N GLN A 11 -6.44 -3.28 -7.37
CA GLN A 11 -5.68 -4.44 -6.99
C GLN A 11 -4.72 -4.13 -5.84
N VAL A 12 -4.54 -2.84 -5.55
CA VAL A 12 -3.63 -2.42 -4.47
C VAL A 12 -4.36 -2.54 -3.11
N SER A 13 -5.68 -2.49 -3.16
CA SER A 13 -6.52 -2.56 -1.99
C SER A 13 -6.47 -3.91 -1.32
N HIS A 14 -6.38 -4.96 -2.13
CA HIS A 14 -6.33 -6.35 -1.62
C HIS A 14 -5.16 -6.52 -0.66
N TRP A 15 -4.10 -5.79 -0.92
CA TRP A 15 -2.98 -5.76 -0.04
C TRP A 15 -3.35 -4.97 1.21
N LEU A 16 -3.68 -3.68 1.02
CA LEU A 16 -4.03 -2.74 2.11
C LEU A 16 -5.00 -3.33 3.12
N VAL A 17 -6.09 -3.84 2.62
CA VAL A 17 -7.14 -4.41 3.45
C VAL A 17 -6.61 -5.61 4.27
N GLY A 18 -5.58 -6.25 3.76
CA GLY A 18 -5.04 -7.41 4.39
C GLY A 18 -4.27 -7.05 5.63
N LEU A 19 -3.62 -5.91 5.61
CA LEU A 19 -2.84 -5.45 6.76
C LEU A 19 -3.63 -4.45 7.59
N SER A 20 -4.96 -4.40 7.35
CA SER A 20 -5.90 -3.52 8.07
C SER A 20 -5.76 -2.06 7.62
N LEU A 21 -5.11 -1.88 6.53
CA LEU A 21 -4.83 -0.57 5.95
C LEU A 21 -5.91 -0.25 4.93
N ASP A 22 -7.05 -0.91 5.11
CA ASP A 22 -8.26 -0.66 4.32
C ASP A 22 -8.62 0.82 4.32
N GLN A 23 -8.30 1.46 5.44
CA GLN A 23 -8.54 2.87 5.66
C GLN A 23 -7.70 3.72 4.66
N TYR A 24 -6.64 3.14 4.14
CA TYR A 24 -5.76 3.83 3.24
C TYR A 24 -6.23 3.72 1.79
N VAL A 25 -7.04 2.69 1.50
CA VAL A 25 -7.57 2.49 0.14
C VAL A 25 -8.35 3.72 -0.31
N SER A 26 -9.02 4.36 0.63
CA SER A 26 -9.82 5.56 0.40
C SER A 26 -9.02 6.63 -0.37
N GLU A 27 -7.72 6.73 -0.10
CA GLU A 27 -6.92 7.69 -0.79
C GLU A 27 -5.98 7.02 -1.79
N PHE A 28 -5.53 5.78 -1.49
CA PHE A 28 -4.69 5.00 -2.43
C PHE A 28 -5.38 4.87 -3.79
N SER A 29 -6.68 4.66 -3.76
CA SER A 29 -7.46 4.52 -4.94
C SER A 29 -7.63 5.87 -5.65
N ALA A 30 -7.55 6.95 -4.90
CA ALA A 30 -7.79 8.27 -5.43
C ALA A 30 -6.60 8.76 -6.22
N GLN A 31 -5.41 8.38 -5.78
CA GLN A 31 -4.21 8.82 -6.47
C GLN A 31 -3.76 7.77 -7.45
N ASN A 32 -4.48 6.64 -7.47
CA ASN A 32 -4.19 5.51 -8.34
C ASN A 32 -2.83 4.94 -7.97
N ILE A 33 -2.63 4.81 -6.68
CA ILE A 33 -1.40 4.28 -6.14
C ILE A 33 -1.31 2.81 -6.49
N SER A 34 -0.42 2.47 -7.36
CA SER A 34 -0.26 1.09 -7.74
C SER A 34 0.95 0.53 -7.03
N GLY A 35 1.37 -0.65 -7.43
CA GLY A 35 2.53 -1.29 -6.89
C GLY A 35 3.79 -0.51 -7.16
N GLU A 36 3.73 0.33 -8.20
CA GLU A 36 4.82 1.20 -8.58
C GLU A 36 5.13 2.14 -7.41
N GLN A 37 4.09 2.64 -6.79
CA GLN A 37 4.27 3.54 -5.69
C GLN A 37 4.26 2.81 -4.36
N LEU A 38 3.65 1.64 -4.35
CA LEU A 38 3.53 0.77 -3.18
C LEU A 38 4.93 0.34 -2.71
N LEU A 39 5.72 -0.16 -3.63
CA LEU A 39 7.06 -0.66 -3.31
C LEU A 39 7.97 0.44 -2.81
N GLN A 40 7.85 1.60 -3.39
CA GLN A 40 8.73 2.70 -3.02
C GLN A 40 8.10 3.65 -1.97
N LEU A 41 6.98 3.25 -1.38
CA LEU A 41 6.28 4.01 -0.35
C LEU A 41 7.19 4.47 0.78
N ASP A 42 7.00 5.68 1.14
CA ASP A 42 7.76 6.32 2.17
C ASP A 42 6.79 7.11 3.03
N GLY A 43 7.23 7.54 4.21
CA GLY A 43 6.43 8.33 5.10
C GLY A 43 5.88 9.55 4.40
N ASN A 44 6.69 10.17 3.57
CA ASN A 44 6.29 11.33 2.79
C ASN A 44 5.03 11.05 2.02
N LYS A 45 4.99 9.90 1.39
CA LYS A 45 3.84 9.49 0.64
C LYS A 45 2.67 9.24 1.58
N LEU A 46 2.92 8.46 2.62
CA LEU A 46 1.88 8.06 3.61
C LEU A 46 1.22 9.28 4.26
N LYS A 47 1.97 10.33 4.38
CA LYS A 47 1.51 11.56 4.93
C LYS A 47 0.73 12.34 3.89
N ALA A 48 1.19 12.28 2.64
CA ALA A 48 0.54 12.95 1.51
C ALA A 48 -0.78 12.26 1.14
N LEU A 49 -0.97 11.05 1.64
CA LEU A 49 -2.22 10.31 1.51
C LEU A 49 -3.30 10.93 2.41
N GLY A 50 -2.91 11.92 3.21
CA GLY A 50 -3.84 12.63 4.07
C GLY A 50 -4.31 11.78 5.22
N MET A 51 -3.56 10.77 5.52
CA MET A 51 -3.91 9.90 6.61
C MET A 51 -3.04 10.14 7.80
N THR A 52 -1.74 9.87 7.63
CA THR A 52 -0.66 10.16 8.59
C THR A 52 -0.80 9.36 9.91
N SER A 53 -1.65 8.37 9.91
CA SER A 53 -1.94 7.57 11.07
C SER A 53 -0.68 6.89 11.61
N SER A 54 -0.38 7.15 12.86
CA SER A 54 0.84 6.69 13.51
C SER A 54 1.05 5.18 13.45
N GLN A 55 -0.02 4.39 13.52
CA GLN A 55 0.15 2.96 13.50
C GLN A 55 0.36 2.46 12.11
N ASP A 56 -0.27 3.11 11.18
CA ASP A 56 -0.17 2.75 9.79
C ASP A 56 1.19 3.05 9.32
N ARG A 57 1.68 4.23 9.71
CA ARG A 57 3.01 4.73 9.40
C ARG A 57 4.10 3.74 9.72
N ALA A 58 3.87 2.91 10.71
CA ALA A 58 4.82 1.91 11.09
C ALA A 58 4.50 0.55 10.47
N LEU A 59 3.22 0.25 10.39
CA LEU A 59 2.77 -1.06 9.92
C LEU A 59 2.92 -1.24 8.42
N VAL A 60 2.40 -0.29 7.64
CA VAL A 60 2.48 -0.37 6.18
C VAL A 60 3.94 -0.34 5.77
N LYS A 61 4.72 0.24 6.63
CA LYS A 61 6.10 0.51 6.40
C LYS A 61 6.91 -0.77 6.46
N LYS A 62 6.39 -1.69 7.21
CA LYS A 62 7.02 -2.97 7.35
C LYS A 62 6.51 -3.89 6.25
N LYS A 63 5.26 -3.73 5.95
CA LYS A 63 4.59 -4.55 4.99
C LYS A 63 5.11 -4.25 3.58
N LEU A 64 5.31 -2.98 3.27
CA LEU A 64 5.75 -2.53 1.95
C LEU A 64 7.13 -3.04 1.59
N LYS A 65 7.97 -3.21 2.59
CA LYS A 65 9.32 -3.66 2.33
C LYS A 65 9.39 -5.16 2.16
N GLU A 66 8.47 -5.87 2.78
CA GLU A 66 8.43 -7.31 2.65
C GLU A 66 7.46 -7.70 1.55
N MET A 67 6.86 -6.70 0.92
CA MET A 67 5.91 -6.91 -0.18
C MET A 67 6.52 -7.77 -1.25
N LYS A 68 7.75 -7.55 -1.50
CA LYS A 68 8.45 -8.21 -2.58
C LYS A 68 8.86 -9.64 -2.25
N MET A 69 8.53 -10.08 -1.09
CA MET A 69 8.77 -11.45 -0.70
C MET A 69 7.48 -12.05 -0.18
N SER A 70 6.38 -11.29 -0.26
CA SER A 70 5.14 -11.77 0.30
C SER A 70 3.92 -11.37 -0.54
N LEU A 71 4.11 -10.53 -1.59
CA LEU A 71 3.02 -10.08 -2.47
C LEU A 71 2.17 -11.21 -3.00
N GLU A 72 2.80 -12.30 -3.28
CA GLU A 72 2.11 -13.46 -3.78
C GLU A 72 1.19 -14.07 -2.72
N LYS A 73 1.71 -14.21 -1.54
CA LYS A 73 1.05 -14.95 -0.52
C LYS A 73 0.09 -14.11 0.34
N ALA A 74 0.60 -13.08 0.98
CA ALA A 74 -0.16 -12.28 1.92
C ALA A 74 0.63 -11.04 2.23
N GLY A 1 -0.18 -10.20 -14.92
CA GLY A 1 0.19 -11.20 -13.92
C GLY A 1 -0.35 -10.86 -12.55
N HIS A 2 0.12 -11.56 -11.53
CA HIS A 2 -0.40 -11.42 -10.17
C HIS A 2 0.43 -10.43 -9.36
N MET A 3 1.58 -10.07 -9.87
CA MET A 3 2.50 -9.23 -9.13
C MET A 3 1.99 -7.80 -8.93
N VAL A 4 2.61 -7.09 -8.01
CA VAL A 4 2.11 -5.79 -7.57
C VAL A 4 2.30 -4.71 -8.62
N HIS A 5 3.33 -4.85 -9.42
CA HIS A 5 3.61 -3.91 -10.48
C HIS A 5 2.57 -4.04 -11.62
N GLU A 6 1.78 -5.10 -11.52
CA GLU A 6 0.74 -5.42 -12.47
C GLU A 6 -0.59 -4.83 -12.01
N TRP A 7 -0.62 -4.34 -10.77
CA TRP A 7 -1.82 -3.75 -10.19
C TRP A 7 -1.98 -2.34 -10.67
N SER A 8 -3.20 -1.91 -10.83
CA SER A 8 -3.45 -0.60 -11.26
C SER A 8 -3.93 0.30 -10.12
N VAL A 9 -5.15 0.13 -9.69
CA VAL A 9 -5.73 1.02 -8.68
C VAL A 9 -6.56 0.24 -7.68
N GLN A 10 -7.42 -0.54 -8.22
CA GLN A 10 -8.36 -1.34 -7.47
C GLN A 10 -7.67 -2.55 -6.85
N GLN A 11 -6.55 -2.92 -7.40
CA GLN A 11 -5.82 -4.08 -6.98
C GLN A 11 -4.78 -3.77 -5.93
N VAL A 12 -4.51 -2.50 -5.71
CA VAL A 12 -3.54 -2.10 -4.69
C VAL A 12 -4.18 -2.28 -3.30
N SER A 13 -5.50 -2.22 -3.29
CA SER A 13 -6.30 -2.28 -2.11
C SER A 13 -6.27 -3.68 -1.49
N HIS A 14 -6.08 -4.71 -2.33
CA HIS A 14 -6.08 -6.10 -1.87
C HIS A 14 -4.94 -6.33 -0.91
N TRP A 15 -3.84 -5.63 -1.13
CA TRP A 15 -2.72 -5.69 -0.24
C TRP A 15 -3.08 -5.02 1.07
N LEU A 16 -3.46 -3.73 0.98
CA LEU A 16 -3.79 -2.89 2.14
C LEU A 16 -4.73 -3.58 3.13
N VAL A 17 -5.80 -4.12 2.61
CA VAL A 17 -6.80 -4.79 3.45
C VAL A 17 -6.19 -5.99 4.20
N GLY A 18 -5.18 -6.59 3.60
CA GLY A 18 -4.56 -7.78 4.15
C GLY A 18 -3.77 -7.47 5.41
N LEU A 19 -3.31 -6.24 5.52
CA LEU A 19 -2.57 -5.82 6.70
C LEU A 19 -3.39 -4.89 7.58
N SER A 20 -4.72 -4.86 7.34
CA SER A 20 -5.66 -4.01 8.11
C SER A 20 -5.48 -2.53 7.78
N LEU A 21 -4.98 -2.27 6.60
CA LEU A 21 -4.72 -0.95 6.07
C LEU A 21 -5.79 -0.54 5.08
N ASP A 22 -6.95 -1.21 5.14
CA ASP A 22 -8.13 -0.86 4.31
C ASP A 22 -8.47 0.62 4.42
N GLN A 23 -8.18 1.18 5.57
CA GLN A 23 -8.39 2.60 5.86
C GLN A 23 -7.59 3.50 4.89
N TYR A 24 -6.54 2.96 4.30
CA TYR A 24 -5.70 3.69 3.37
C TYR A 24 -6.20 3.61 1.94
N VAL A 25 -6.99 2.55 1.63
CA VAL A 25 -7.52 2.33 0.26
C VAL A 25 -8.28 3.56 -0.23
N SER A 26 -8.97 4.20 0.70
CA SER A 26 -9.76 5.41 0.50
C SER A 26 -9.00 6.46 -0.33
N GLU A 27 -7.72 6.62 -0.04
CA GLU A 27 -6.93 7.60 -0.74
C GLU A 27 -5.95 6.91 -1.71
N PHE A 28 -5.52 5.68 -1.38
CA PHE A 28 -4.62 4.90 -2.27
C PHE A 28 -5.21 4.79 -3.67
N SER A 29 -6.47 4.45 -3.72
CA SER A 29 -7.14 4.28 -4.98
C SER A 29 -7.62 5.62 -5.56
N ALA A 30 -7.47 6.68 -4.77
CA ALA A 30 -7.86 8.00 -5.21
C ALA A 30 -6.73 8.63 -6.00
N GLN A 31 -5.50 8.37 -5.58
CA GLN A 31 -4.34 8.96 -6.27
C GLN A 31 -3.85 8.02 -7.35
N ASN A 32 -4.54 6.90 -7.50
CA ASN A 32 -4.20 5.86 -8.47
C ASN A 32 -2.87 5.24 -8.12
N ILE A 33 -2.66 5.06 -6.81
CA ILE A 33 -1.45 4.45 -6.30
C ILE A 33 -1.44 2.99 -6.72
N SER A 34 -0.48 2.60 -7.52
CA SER A 34 -0.40 1.22 -7.92
C SER A 34 0.77 0.58 -7.18
N GLY A 35 1.16 -0.62 -7.64
CA GLY A 35 2.29 -1.31 -7.08
C GLY A 35 3.56 -0.54 -7.28
N GLU A 36 3.57 0.31 -8.31
CA GLU A 36 4.68 1.17 -8.63
C GLU A 36 5.01 2.04 -7.44
N GLN A 37 3.99 2.61 -6.84
CA GLN A 37 4.18 3.50 -5.75
C GLN A 37 4.11 2.78 -4.43
N LEU A 38 3.60 1.58 -4.46
CA LEU A 38 3.46 0.73 -3.28
C LEU A 38 4.84 0.29 -2.81
N LEU A 39 5.62 -0.23 -3.73
CA LEU A 39 6.95 -0.75 -3.43
C LEU A 39 7.88 0.35 -2.92
N GLN A 40 7.82 1.49 -3.57
CA GLN A 40 8.71 2.60 -3.24
C GLN A 40 8.10 3.56 -2.17
N LEU A 41 7.02 3.12 -1.49
CA LEU A 41 6.39 3.90 -0.42
C LEU A 41 7.36 4.25 0.70
N ASP A 42 7.01 5.28 1.43
CA ASP A 42 7.76 5.74 2.58
C ASP A 42 6.83 6.68 3.33
N GLY A 43 7.32 7.26 4.42
CA GLY A 43 6.52 8.17 5.22
C GLY A 43 5.96 9.31 4.44
N ASN A 44 6.78 9.90 3.54
CA ASN A 44 6.36 11.03 2.73
C ASN A 44 5.11 10.73 1.97
N LYS A 45 5.09 9.58 1.36
CA LYS A 45 3.92 9.16 0.64
C LYS A 45 2.76 8.93 1.59
N LEU A 46 3.01 8.24 2.69
CA LEU A 46 1.96 7.93 3.69
C LEU A 46 1.35 9.20 4.28
N LYS A 47 2.11 10.27 4.23
CA LYS A 47 1.68 11.56 4.66
C LYS A 47 0.94 12.28 3.53
N ALA A 48 1.42 12.13 2.31
CA ALA A 48 0.81 12.74 1.12
C ALA A 48 -0.50 12.03 0.74
N LEU A 49 -0.68 10.86 1.32
CA LEU A 49 -1.93 10.11 1.22
C LEU A 49 -3.00 10.74 2.12
N GLY A 50 -2.66 11.86 2.76
CA GLY A 50 -3.60 12.60 3.60
C GLY A 50 -4.04 11.79 4.80
N MET A 51 -3.29 10.79 5.11
CA MET A 51 -3.62 9.91 6.17
C MET A 51 -2.82 10.17 7.40
N THR A 52 -1.49 9.99 7.28
CA THR A 52 -0.52 10.26 8.36
C THR A 52 -0.82 9.46 9.65
N SER A 53 -1.55 8.37 9.47
CA SER A 53 -2.05 7.54 10.53
C SER A 53 -0.91 6.95 11.36
N SER A 54 -0.89 7.29 12.64
CA SER A 54 0.16 6.91 13.58
C SER A 54 0.42 5.37 13.62
N GLN A 55 -0.65 4.56 13.59
CA GLN A 55 -0.47 3.10 13.56
C GLN A 55 0.19 2.68 12.29
N ASP A 56 -0.38 3.14 11.23
CA ASP A 56 -0.04 2.71 9.92
C ASP A 56 1.34 3.14 9.56
N ARG A 57 1.74 4.31 10.01
CA ARG A 57 3.09 4.82 9.81
C ARG A 57 4.16 3.91 10.40
N ALA A 58 3.75 2.98 11.24
CA ALA A 58 4.64 1.98 11.76
C ALA A 58 4.35 0.61 11.13
N LEU A 59 3.10 0.31 10.85
CA LEU A 59 2.71 -1.00 10.33
C LEU A 59 2.93 -1.15 8.83
N VAL A 60 2.31 -0.29 8.03
CA VAL A 60 2.46 -0.37 6.57
C VAL A 60 3.93 -0.19 6.17
N LYS A 61 4.67 0.43 7.07
CA LYS A 61 6.09 0.71 6.87
C LYS A 61 6.88 -0.57 6.91
N LYS A 62 6.35 -1.52 7.61
CA LYS A 62 6.97 -2.81 7.72
C LYS A 62 6.52 -3.65 6.57
N LYS A 63 5.27 -3.55 6.24
CA LYS A 63 4.68 -4.36 5.24
C LYS A 63 5.18 -4.02 3.86
N LEU A 64 5.28 -2.73 3.57
CA LEU A 64 5.66 -2.28 2.22
C LEU A 64 7.07 -2.75 1.86
N LYS A 65 7.92 -2.92 2.84
CA LYS A 65 9.29 -3.32 2.56
C LYS A 65 9.43 -4.83 2.44
N GLU A 66 8.48 -5.56 2.95
CA GLU A 66 8.53 -7.00 2.86
C GLU A 66 7.43 -7.53 1.94
N MET A 67 6.59 -6.63 1.45
CA MET A 67 5.48 -6.98 0.58
C MET A 67 6.01 -7.48 -0.73
N LYS A 68 7.18 -7.02 -1.08
CA LYS A 68 7.85 -7.43 -2.30
C LYS A 68 8.36 -8.87 -2.22
N MET A 69 8.30 -9.43 -1.04
CA MET A 69 8.64 -10.80 -0.82
C MET A 69 7.38 -11.60 -0.50
N SER A 70 6.33 -10.89 -0.11
CA SER A 70 5.15 -11.55 0.41
C SER A 70 4.00 -11.57 -0.61
N LEU A 71 3.99 -10.63 -1.54
CA LEU A 71 2.91 -10.46 -2.52
C LEU A 71 2.60 -11.72 -3.32
N GLU A 72 3.63 -12.51 -3.57
CA GLU A 72 3.50 -13.74 -4.30
C GLU A 72 2.72 -14.77 -3.51
N LYS A 73 2.93 -14.76 -2.22
CA LYS A 73 2.44 -15.77 -1.36
C LYS A 73 0.99 -15.43 -0.92
N ALA A 74 0.66 -14.14 -1.01
CA ALA A 74 -0.65 -13.57 -0.69
C ALA A 74 -0.97 -13.71 0.79
N GLY A 1 0.62 -12.01 -14.58
CA GLY A 1 0.89 -12.65 -13.31
C GLY A 1 -0.13 -12.21 -12.28
N HIS A 2 0.34 -11.60 -11.21
CA HIS A 2 -0.52 -11.18 -10.10
C HIS A 2 0.24 -10.26 -9.14
N MET A 3 1.40 -9.81 -9.56
CA MET A 3 2.28 -9.07 -8.68
C MET A 3 1.92 -7.61 -8.63
N VAL A 4 2.48 -6.89 -7.70
CA VAL A 4 2.04 -5.52 -7.41
C VAL A 4 2.34 -4.55 -8.53
N HIS A 5 3.38 -4.80 -9.28
CA HIS A 5 3.76 -3.92 -10.40
C HIS A 5 2.79 -4.09 -11.58
N GLU A 6 1.88 -5.03 -11.42
CA GLU A 6 0.85 -5.31 -12.41
C GLU A 6 -0.47 -4.72 -11.94
N TRP A 7 -0.46 -4.13 -10.76
CA TRP A 7 -1.66 -3.58 -10.17
C TRP A 7 -1.94 -2.19 -10.68
N SER A 8 -3.19 -1.93 -10.98
CA SER A 8 -3.58 -0.68 -11.56
C SER A 8 -3.93 0.31 -10.47
N VAL A 9 -5.08 0.08 -9.84
CA VAL A 9 -5.57 0.92 -8.79
C VAL A 9 -6.27 0.04 -7.77
N GLN A 10 -7.36 -0.57 -8.16
CA GLN A 10 -8.19 -1.38 -7.27
C GLN A 10 -7.47 -2.64 -6.79
N GLN A 11 -6.42 -3.03 -7.50
CA GLN A 11 -5.66 -4.18 -7.12
C GLN A 11 -4.66 -3.86 -6.00
N VAL A 12 -4.36 -2.57 -5.79
CA VAL A 12 -3.41 -2.16 -4.74
C VAL A 12 -4.03 -2.40 -3.36
N SER A 13 -5.34 -2.42 -3.34
CA SER A 13 -6.11 -2.57 -2.15
C SER A 13 -6.01 -3.99 -1.59
N HIS A 14 -5.69 -4.97 -2.46
CA HIS A 14 -5.58 -6.36 -2.03
C HIS A 14 -4.49 -6.51 -0.99
N TRP A 15 -3.39 -5.80 -1.21
CA TRP A 15 -2.30 -5.78 -0.26
C TRP A 15 -2.73 -5.09 1.01
N LEU A 16 -3.16 -3.82 0.89
CA LEU A 16 -3.57 -2.95 2.03
C LEU A 16 -4.50 -3.67 2.99
N VAL A 17 -5.54 -4.27 2.45
CA VAL A 17 -6.54 -4.97 3.24
C VAL A 17 -5.91 -6.16 4.02
N GLY A 18 -4.82 -6.69 3.50
CA GLY A 18 -4.17 -7.84 4.09
C GLY A 18 -3.41 -7.48 5.35
N LEU A 19 -2.98 -6.24 5.44
CA LEU A 19 -2.27 -5.77 6.63
C LEU A 19 -3.15 -4.88 7.49
N SER A 20 -4.46 -4.89 7.20
CA SER A 20 -5.47 -4.09 7.92
C SER A 20 -5.33 -2.60 7.59
N LEU A 21 -4.71 -2.32 6.49
CA LEU A 21 -4.49 -0.96 5.99
C LEU A 21 -5.55 -0.65 4.95
N ASP A 22 -6.64 -1.42 4.98
CA ASP A 22 -7.82 -1.22 4.11
C ASP A 22 -8.32 0.22 4.20
N GLN A 23 -8.06 0.85 5.31
CA GLN A 23 -8.47 2.21 5.57
C GLN A 23 -7.68 3.20 4.68
N TYR A 24 -6.55 2.74 4.14
CA TYR A 24 -5.71 3.55 3.28
C TYR A 24 -6.18 3.46 1.85
N VAL A 25 -6.92 2.38 1.53
CA VAL A 25 -7.45 2.14 0.17
C VAL A 25 -8.27 3.33 -0.33
N SER A 26 -9.01 3.93 0.58
CA SER A 26 -9.89 5.04 0.31
C SER A 26 -9.16 6.19 -0.44
N GLU A 27 -7.89 6.39 -0.15
CA GLU A 27 -7.12 7.42 -0.80
C GLU A 27 -6.05 6.81 -1.74
N PHE A 28 -5.59 5.59 -1.42
CA PHE A 28 -4.64 4.86 -2.30
C PHE A 28 -5.24 4.70 -3.70
N SER A 29 -6.52 4.38 -3.71
CA SER A 29 -7.26 4.18 -4.93
C SER A 29 -7.54 5.55 -5.60
N ALA A 30 -7.49 6.60 -4.82
CA ALA A 30 -7.79 7.92 -5.31
C ALA A 30 -6.62 8.51 -6.03
N GLN A 31 -5.42 8.29 -5.50
CA GLN A 31 -4.23 8.90 -6.12
C GLN A 31 -3.69 7.98 -7.19
N ASN A 32 -4.41 6.87 -7.41
CA ASN A 32 -4.07 5.87 -8.40
C ASN A 32 -2.76 5.23 -8.05
N ILE A 33 -2.55 5.07 -6.74
CA ILE A 33 -1.36 4.48 -6.22
C ILE A 33 -1.35 3.01 -6.63
N SER A 34 -0.44 2.66 -7.48
CA SER A 34 -0.33 1.31 -7.89
C SER A 34 0.85 0.65 -7.17
N GLY A 35 1.20 -0.56 -7.60
CA GLY A 35 2.29 -1.30 -7.01
C GLY A 35 3.58 -0.57 -7.18
N GLU A 36 3.67 0.18 -8.27
CA GLU A 36 4.81 1.03 -8.58
C GLU A 36 5.13 1.93 -7.39
N GLN A 37 4.10 2.57 -6.85
CA GLN A 37 4.31 3.50 -5.76
C GLN A 37 4.29 2.80 -4.43
N LEU A 38 3.66 1.65 -4.40
CA LEU A 38 3.55 0.79 -3.22
C LEU A 38 4.96 0.36 -2.77
N LEU A 39 5.74 -0.11 -3.72
CA LEU A 39 7.09 -0.59 -3.45
C LEU A 39 7.99 0.55 -2.99
N GLN A 40 7.83 1.71 -3.59
CA GLN A 40 8.65 2.86 -3.27
C GLN A 40 8.01 3.80 -2.23
N LEU A 41 7.07 3.29 -1.45
CA LEU A 41 6.44 4.04 -0.38
C LEU A 41 7.43 4.44 0.73
N ASP A 42 7.06 5.45 1.47
CA ASP A 42 7.79 5.94 2.62
C ASP A 42 6.84 6.83 3.38
N GLY A 43 7.28 7.36 4.51
CA GLY A 43 6.44 8.19 5.35
C GLY A 43 5.83 9.37 4.64
N ASN A 44 6.59 9.99 3.75
CA ASN A 44 6.12 11.17 3.01
C ASN A 44 4.92 10.85 2.20
N LYS A 45 4.94 9.72 1.57
CA LYS A 45 3.81 9.28 0.79
C LYS A 45 2.62 9.01 1.69
N LEU A 46 2.89 8.32 2.79
CA LEU A 46 1.85 7.95 3.76
C LEU A 46 1.20 9.20 4.37
N LYS A 47 1.94 10.29 4.34
CA LYS A 47 1.49 11.57 4.78
C LYS A 47 0.70 12.27 3.66
N ALA A 48 1.20 12.16 2.43
CA ALA A 48 0.57 12.75 1.24
C ALA A 48 -0.74 12.04 0.88
N LEU A 49 -0.95 10.90 1.48
CA LEU A 49 -2.21 10.18 1.39
C LEU A 49 -3.29 10.85 2.27
N GLY A 50 -2.90 11.92 2.99
CA GLY A 50 -3.83 12.66 3.84
C GLY A 50 -4.22 11.85 5.06
N MET A 51 -3.46 10.84 5.31
CA MET A 51 -3.71 9.93 6.37
C MET A 51 -2.84 10.24 7.54
N THR A 52 -1.54 10.03 7.35
CA THR A 52 -0.46 10.36 8.31
C THR A 52 -0.52 9.53 9.63
N SER A 53 -1.54 8.71 9.75
CA SER A 53 -1.90 7.94 10.92
C SER A 53 -0.71 7.14 11.47
N SER A 54 -0.38 7.41 12.72
CA SER A 54 0.79 6.87 13.39
C SER A 54 0.90 5.33 13.37
N GLN A 55 -0.19 4.64 13.71
CA GLN A 55 -0.22 3.17 13.73
C GLN A 55 0.16 2.63 12.37
N ASP A 56 -0.47 3.17 11.38
CA ASP A 56 -0.35 2.77 10.01
C ASP A 56 1.05 3.03 9.55
N ARG A 57 1.54 4.23 9.84
CA ARG A 57 2.89 4.70 9.47
C ARG A 57 3.96 3.70 9.85
N ALA A 58 3.80 3.08 10.98
CA ALA A 58 4.77 2.10 11.44
C ALA A 58 4.52 0.72 10.82
N LEU A 59 3.27 0.40 10.58
CA LEU A 59 2.92 -0.92 10.10
C LEU A 59 3.14 -1.07 8.62
N VAL A 60 2.60 -0.14 7.84
CA VAL A 60 2.75 -0.20 6.42
C VAL A 60 4.23 -0.04 6.06
N LYS A 61 4.98 0.54 6.98
CA LYS A 61 6.39 0.79 6.80
C LYS A 61 7.13 -0.52 6.79
N LYS A 62 6.66 -1.43 7.60
CA LYS A 62 7.32 -2.67 7.74
C LYS A 62 6.78 -3.65 6.74
N LYS A 63 5.61 -3.36 6.22
CA LYS A 63 5.02 -4.19 5.20
C LYS A 63 5.54 -3.83 3.84
N LEU A 64 5.72 -2.54 3.59
CA LEU A 64 6.14 -2.03 2.27
C LEU A 64 7.56 -2.47 1.94
N LYS A 65 8.27 -2.94 2.92
CA LYS A 65 9.61 -3.45 2.70
C LYS A 65 9.60 -4.95 2.38
N GLU A 66 8.47 -5.61 2.61
CA GLU A 66 8.37 -7.06 2.42
C GLU A 66 7.09 -7.39 1.69
N MET A 67 6.59 -6.37 1.07
CA MET A 67 5.39 -6.34 0.25
C MET A 67 5.54 -7.31 -0.91
N LYS A 68 6.77 -7.63 -1.20
CA LYS A 68 7.14 -8.54 -2.24
C LYS A 68 6.72 -9.98 -1.90
N MET A 69 6.56 -10.27 -0.62
CA MET A 69 6.05 -11.57 -0.23
C MET A 69 4.59 -11.41 0.16
N SER A 70 4.26 -10.23 0.67
CA SER A 70 2.92 -9.95 1.13
C SER A 70 1.94 -9.81 -0.03
N LEU A 71 2.44 -9.40 -1.22
CA LEU A 71 1.61 -9.33 -2.42
C LEU A 71 0.91 -10.62 -2.72
N GLU A 72 1.57 -11.69 -2.40
CA GLU A 72 1.07 -12.97 -2.70
C GLU A 72 0.10 -13.46 -1.64
N LYS A 73 0.47 -13.27 -0.40
CA LYS A 73 -0.30 -13.85 0.66
C LYS A 73 -1.54 -12.99 0.98
N ALA A 74 -1.32 -11.70 1.20
CA ALA A 74 -2.35 -10.69 1.50
C ALA A 74 -3.37 -11.19 2.53
N GLY A 1 -1.86 -10.22 -13.67
CA GLY A 1 -2.59 -9.43 -12.66
C GLY A 1 -2.40 -9.98 -11.26
N HIS A 2 -1.20 -10.42 -10.96
CA HIS A 2 -0.93 -11.00 -9.66
C HIS A 2 0.22 -10.28 -9.00
N MET A 3 1.11 -9.76 -9.80
CA MET A 3 2.23 -9.02 -9.29
C MET A 3 1.82 -7.60 -9.06
N VAL A 4 2.49 -6.96 -8.16
CA VAL A 4 2.07 -5.63 -7.71
C VAL A 4 2.36 -4.57 -8.73
N HIS A 5 3.38 -4.79 -9.54
CA HIS A 5 3.75 -3.85 -10.57
C HIS A 5 2.72 -3.88 -11.72
N GLU A 6 1.85 -4.90 -11.71
CA GLU A 6 0.79 -5.03 -12.69
C GLU A 6 -0.47 -4.34 -12.19
N TRP A 7 -0.53 -4.13 -10.87
CA TRP A 7 -1.71 -3.59 -10.23
C TRP A 7 -2.09 -2.23 -10.77
N SER A 8 -3.37 -1.99 -10.82
CA SER A 8 -3.88 -0.81 -11.40
C SER A 8 -4.11 0.24 -10.30
N VAL A 9 -5.22 0.10 -9.61
CA VAL A 9 -5.62 1.00 -8.55
C VAL A 9 -6.34 0.19 -7.50
N GLN A 10 -7.45 -0.41 -7.90
CA GLN A 10 -8.29 -1.19 -7.00
C GLN A 10 -7.58 -2.46 -6.54
N GLN A 11 -6.54 -2.84 -7.26
CA GLN A 11 -5.77 -4.03 -6.94
C GLN A 11 -4.76 -3.76 -5.83
N VAL A 12 -4.48 -2.49 -5.56
CA VAL A 12 -3.51 -2.12 -4.53
C VAL A 12 -4.13 -2.34 -3.13
N SER A 13 -5.45 -2.36 -3.12
CA SER A 13 -6.22 -2.51 -1.92
C SER A 13 -6.09 -3.92 -1.35
N HIS A 14 -5.80 -4.89 -2.23
CA HIS A 14 -5.69 -6.30 -1.83
C HIS A 14 -4.56 -6.47 -0.85
N TRP A 15 -3.54 -5.65 -1.02
CA TRP A 15 -2.44 -5.65 -0.11
C TRP A 15 -2.85 -4.96 1.17
N LEU A 16 -3.28 -3.70 1.06
CA LEU A 16 -3.67 -2.85 2.20
C LEU A 16 -4.62 -3.56 3.16
N VAL A 17 -5.65 -4.15 2.63
CA VAL A 17 -6.64 -4.86 3.44
C VAL A 17 -5.99 -6.02 4.24
N GLY A 18 -4.93 -6.58 3.67
CA GLY A 18 -4.26 -7.71 4.26
C GLY A 18 -3.50 -7.35 5.51
N LEU A 19 -3.15 -6.09 5.67
CA LEU A 19 -2.46 -5.65 6.86
C LEU A 19 -3.31 -4.69 7.69
N SER A 20 -4.63 -4.70 7.44
CA SER A 20 -5.61 -3.81 8.14
C SER A 20 -5.43 -2.35 7.77
N LEU A 21 -4.81 -2.13 6.64
CA LEU A 21 -4.55 -0.80 6.10
C LEU A 21 -5.57 -0.46 5.05
N ASP A 22 -6.70 -1.19 5.06
CA ASP A 22 -7.85 -0.93 4.17
C ASP A 22 -8.30 0.53 4.25
N GLN A 23 -8.01 1.15 5.35
CA GLN A 23 -8.30 2.53 5.61
C GLN A 23 -7.53 3.46 4.66
N TYR A 24 -6.43 2.97 4.15
CA TYR A 24 -5.61 3.73 3.23
C TYR A 24 -6.10 3.57 1.81
N VAL A 25 -6.85 2.50 1.56
CA VAL A 25 -7.42 2.19 0.22
C VAL A 25 -8.20 3.35 -0.33
N SER A 26 -8.95 4.02 0.52
CA SER A 26 -9.79 5.13 0.14
C SER A 26 -9.00 6.23 -0.60
N GLU A 27 -7.75 6.44 -0.21
CA GLU A 27 -6.95 7.45 -0.85
C GLU A 27 -5.95 6.82 -1.81
N PHE A 28 -5.51 5.59 -1.52
CA PHE A 28 -4.59 4.85 -2.42
C PHE A 28 -5.21 4.75 -3.81
N SER A 29 -6.51 4.66 -3.84
CA SER A 29 -7.24 4.57 -5.05
C SER A 29 -7.45 5.96 -5.69
N ALA A 30 -7.54 6.99 -4.85
CA ALA A 30 -7.79 8.34 -5.30
C ALA A 30 -6.62 8.86 -6.09
N GLN A 31 -5.45 8.64 -5.56
CA GLN A 31 -4.25 9.08 -6.22
C GLN A 31 -3.62 8.01 -7.08
N ASN A 32 -4.40 6.95 -7.36
CA ASN A 32 -3.99 5.84 -8.21
C ASN A 32 -2.61 5.33 -7.90
N ILE A 33 -2.47 4.88 -6.70
CA ILE A 33 -1.26 4.29 -6.24
C ILE A 33 -1.29 2.84 -6.65
N SER A 34 -0.37 2.44 -7.47
CA SER A 34 -0.30 1.08 -7.87
C SER A 34 0.89 0.46 -7.16
N GLY A 35 1.31 -0.71 -7.59
CA GLY A 35 2.45 -1.36 -7.01
C GLY A 35 3.71 -0.57 -7.24
N GLU A 36 3.69 0.22 -8.31
CA GLU A 36 4.79 1.08 -8.71
C GLU A 36 5.12 2.03 -7.55
N GLN A 37 4.09 2.61 -6.97
CA GLN A 37 4.29 3.54 -5.89
C GLN A 37 4.14 2.89 -4.53
N LEU A 38 3.79 1.62 -4.54
CA LEU A 38 3.60 0.84 -3.33
C LEU A 38 4.97 0.36 -2.84
N LEU A 39 5.72 -0.23 -3.75
CA LEU A 39 7.03 -0.82 -3.45
C LEU A 39 8.02 0.22 -2.95
N GLN A 40 7.88 1.43 -3.40
CA GLN A 40 8.79 2.49 -2.99
C GLN A 40 8.19 3.44 -1.93
N LEU A 41 7.05 3.05 -1.31
CA LEU A 41 6.38 3.85 -0.28
C LEU A 41 7.33 4.38 0.79
N ASP A 42 6.99 5.52 1.30
CA ASP A 42 7.78 6.24 2.25
C ASP A 42 6.81 6.89 3.20
N GLY A 43 7.29 7.37 4.35
CA GLY A 43 6.46 8.10 5.28
C GLY A 43 5.84 9.28 4.59
N ASN A 44 6.64 9.91 3.72
CA ASN A 44 6.23 11.05 2.92
C ASN A 44 4.99 10.73 2.13
N LYS A 45 5.01 9.60 1.48
CA LYS A 45 3.87 9.16 0.71
C LYS A 45 2.68 8.91 1.61
N LEU A 46 2.92 8.20 2.72
CA LEU A 46 1.86 7.86 3.70
C LEU A 46 1.20 9.13 4.27
N LYS A 47 1.95 10.20 4.24
CA LYS A 47 1.49 11.49 4.66
C LYS A 47 0.73 12.19 3.53
N ALA A 48 1.19 11.99 2.30
CA ALA A 48 0.58 12.58 1.10
C ALA A 48 -0.76 11.92 0.78
N LEU A 49 -0.98 10.75 1.37
CA LEU A 49 -2.24 10.06 1.29
C LEU A 49 -3.27 10.79 2.20
N GLY A 50 -2.77 11.78 2.95
CA GLY A 50 -3.61 12.59 3.81
C GLY A 50 -4.14 11.82 4.98
N MET A 51 -3.71 10.59 5.11
CA MET A 51 -4.20 9.74 6.15
C MET A 51 -3.34 9.96 7.38
N THR A 52 -2.01 9.87 7.19
CA THR A 52 -0.97 10.16 8.22
C THR A 52 -1.20 9.41 9.56
N SER A 53 -1.91 8.31 9.49
CA SER A 53 -2.32 7.55 10.63
C SER A 53 -1.12 6.99 11.41
N SER A 54 -1.10 7.25 12.70
CA SER A 54 0.01 6.95 13.59
C SER A 54 0.44 5.45 13.58
N GLN A 55 -0.53 4.55 13.77
CA GLN A 55 -0.27 3.09 13.76
C GLN A 55 0.34 2.70 12.44
N ASP A 56 -0.37 3.08 11.44
CA ASP A 56 -0.15 2.73 10.09
C ASP A 56 1.19 3.16 9.64
N ARG A 57 1.55 4.38 9.99
CA ARG A 57 2.86 4.96 9.66
C ARG A 57 4.04 4.11 10.12
N ALA A 58 3.82 3.27 11.11
CA ALA A 58 4.84 2.35 11.59
C ALA A 58 4.63 0.95 11.01
N LEU A 59 3.37 0.58 10.82
CA LEU A 59 3.01 -0.77 10.36
C LEU A 59 3.23 -0.96 8.86
N VAL A 60 2.59 -0.13 8.03
CA VAL A 60 2.71 -0.23 6.57
C VAL A 60 4.18 -0.05 6.15
N LYS A 61 4.93 0.57 7.02
CA LYS A 61 6.34 0.88 6.83
C LYS A 61 7.14 -0.42 6.77
N LYS A 62 6.70 -1.36 7.53
CA LYS A 62 7.38 -2.61 7.64
C LYS A 62 6.82 -3.59 6.62
N LYS A 63 5.57 -3.42 6.33
CA LYS A 63 4.90 -4.27 5.41
C LYS A 63 5.36 -4.02 4.00
N LEU A 64 5.54 -2.76 3.65
CA LEU A 64 5.91 -2.36 2.28
C LEU A 64 7.23 -3.00 1.85
N LYS A 65 8.11 -3.24 2.81
CA LYS A 65 9.41 -3.80 2.50
C LYS A 65 9.35 -5.33 2.35
N GLU A 66 8.35 -5.96 2.94
CA GLU A 66 8.19 -7.41 2.86
C GLU A 66 7.14 -7.78 1.81
N MET A 67 6.38 -6.77 1.40
CA MET A 67 5.23 -6.94 0.50
C MET A 67 5.64 -7.52 -0.82
N LYS A 68 6.86 -7.30 -1.19
CA LYS A 68 7.36 -7.78 -2.46
C LYS A 68 7.53 -9.31 -2.47
N MET A 69 7.58 -9.90 -1.30
CA MET A 69 7.61 -11.33 -1.15
C MET A 69 6.22 -11.80 -0.79
N SER A 70 5.53 -10.97 -0.07
CA SER A 70 4.25 -11.30 0.52
C SER A 70 3.09 -11.14 -0.47
N LEU A 71 3.28 -10.29 -1.51
CA LEU A 71 2.26 -9.98 -2.53
C LEU A 71 1.63 -11.23 -3.11
N GLU A 72 2.42 -12.24 -3.22
CA GLU A 72 2.03 -13.49 -3.75
C GLU A 72 1.07 -14.23 -2.85
N LYS A 73 1.41 -14.30 -1.60
CA LYS A 73 0.76 -15.20 -0.69
C LYS A 73 -0.36 -14.53 0.07
N ALA A 74 -0.07 -13.30 0.55
CA ALA A 74 -0.91 -12.52 1.44
C ALA A 74 -0.90 -13.14 2.84
N GLY A 1 -1.61 -9.61 -14.35
CA GLY A 1 -0.76 -10.38 -13.46
C GLY A 1 -1.21 -10.21 -12.04
N HIS A 2 -0.68 -11.00 -11.13
CA HIS A 2 -1.09 -10.93 -9.74
C HIS A 2 -0.08 -10.15 -8.92
N MET A 3 1.07 -9.90 -9.49
CA MET A 3 2.11 -9.19 -8.80
C MET A 3 1.84 -7.69 -8.79
N VAL A 4 2.44 -7.01 -7.85
CA VAL A 4 2.09 -5.62 -7.54
C VAL A 4 2.37 -4.63 -8.66
N HIS A 5 3.39 -4.91 -9.44
CA HIS A 5 3.77 -4.06 -10.55
C HIS A 5 2.72 -4.13 -11.68
N GLU A 6 1.85 -5.13 -11.59
CA GLU A 6 0.79 -5.38 -12.53
C GLU A 6 -0.51 -4.76 -12.05
N TRP A 7 -0.47 -4.21 -10.85
CA TRP A 7 -1.63 -3.61 -10.25
C TRP A 7 -1.78 -2.20 -10.73
N SER A 8 -3.00 -1.80 -10.95
CA SER A 8 -3.27 -0.48 -11.41
C SER A 8 -3.78 0.41 -10.29
N VAL A 9 -5.00 0.16 -9.86
CA VAL A 9 -5.62 0.98 -8.84
C VAL A 9 -6.40 0.09 -7.90
N GLN A 10 -7.37 -0.60 -8.44
CA GLN A 10 -8.28 -1.45 -7.67
C GLN A 10 -7.56 -2.65 -7.08
N GLN A 11 -6.42 -2.98 -7.64
CA GLN A 11 -5.65 -4.09 -7.17
C GLN A 11 -4.73 -3.72 -6.00
N VAL A 12 -4.46 -2.42 -5.81
CA VAL A 12 -3.54 -1.98 -4.75
C VAL A 12 -4.21 -2.15 -3.38
N SER A 13 -5.53 -2.15 -3.39
CA SER A 13 -6.32 -2.25 -2.21
C SER A 13 -6.24 -3.65 -1.59
N HIS A 14 -6.00 -4.67 -2.44
CA HIS A 14 -5.95 -6.07 -1.99
C HIS A 14 -4.86 -6.24 -0.96
N TRP A 15 -3.74 -5.59 -1.20
CA TRP A 15 -2.63 -5.61 -0.29
C TRP A 15 -3.00 -4.95 1.02
N LEU A 16 -3.44 -3.69 0.95
CA LEU A 16 -3.79 -2.89 2.14
C LEU A 16 -4.74 -3.63 3.08
N VAL A 17 -5.75 -4.26 2.53
CA VAL A 17 -6.74 -5.00 3.32
C VAL A 17 -6.08 -6.17 4.09
N GLY A 18 -4.97 -6.66 3.56
CA GLY A 18 -4.29 -7.79 4.15
C GLY A 18 -3.57 -7.42 5.43
N LEU A 19 -3.20 -6.16 5.57
CA LEU A 19 -2.48 -5.71 6.74
C LEU A 19 -3.28 -4.73 7.59
N SER A 20 -4.61 -4.75 7.45
CA SER A 20 -5.54 -3.88 8.22
C SER A 20 -5.43 -2.42 7.77
N LEU A 21 -4.88 -2.25 6.60
CA LEU A 21 -4.63 -0.95 6.02
C LEU A 21 -5.69 -0.63 4.99
N ASP A 22 -6.79 -1.39 5.02
CA ASP A 22 -7.96 -1.13 4.15
C ASP A 22 -8.49 0.29 4.33
N GLN A 23 -8.13 0.89 5.45
CA GLN A 23 -8.46 2.27 5.78
C GLN A 23 -7.72 3.26 4.85
N TYR A 24 -6.59 2.82 4.29
CA TYR A 24 -5.79 3.64 3.41
C TYR A 24 -6.27 3.56 1.96
N VAL A 25 -7.03 2.49 1.65
CA VAL A 25 -7.58 2.25 0.28
C VAL A 25 -8.33 3.47 -0.24
N SER A 26 -9.07 4.10 0.66
CA SER A 26 -9.90 5.26 0.36
C SER A 26 -9.11 6.36 -0.39
N GLU A 27 -7.86 6.54 -0.02
CA GLU A 27 -7.05 7.56 -0.67
C GLU A 27 -6.08 6.90 -1.67
N PHE A 28 -5.64 5.67 -1.37
CA PHE A 28 -4.72 4.92 -2.27
C PHE A 28 -5.27 4.82 -3.67
N SER A 29 -6.54 4.48 -3.76
CA SER A 29 -7.17 4.31 -5.04
C SER A 29 -7.47 5.67 -5.69
N ALA A 30 -7.45 6.72 -4.89
CA ALA A 30 -7.75 8.04 -5.36
C ALA A 30 -6.56 8.64 -6.08
N GLN A 31 -5.36 8.34 -5.60
CA GLN A 31 -4.15 8.92 -6.22
C GLN A 31 -3.64 8.02 -7.32
N ASN A 32 -4.40 6.93 -7.55
CA ASN A 32 -4.09 5.96 -8.58
C ASN A 32 -2.80 5.23 -8.21
N ILE A 33 -2.59 5.06 -6.90
CA ILE A 33 -1.40 4.41 -6.40
C ILE A 33 -1.39 2.96 -6.86
N SER A 34 -0.40 2.59 -7.62
CA SER A 34 -0.27 1.23 -8.04
C SER A 34 0.86 0.56 -7.28
N GLY A 35 1.21 -0.66 -7.67
CA GLY A 35 2.28 -1.39 -7.04
C GLY A 35 3.60 -0.70 -7.26
N GLU A 36 3.65 0.11 -8.31
CA GLU A 36 4.81 0.90 -8.64
C GLU A 36 5.12 1.84 -7.48
N GLN A 37 4.09 2.49 -6.96
CA GLN A 37 4.29 3.43 -5.87
C GLN A 37 4.23 2.76 -4.55
N LEU A 38 3.67 1.57 -4.54
CA LEU A 38 3.51 0.76 -3.36
C LEU A 38 4.89 0.28 -2.89
N LEU A 39 5.66 -0.28 -3.82
CA LEU A 39 7.01 -0.77 -3.53
C LEU A 39 7.89 0.34 -3.00
N GLN A 40 7.79 1.49 -3.62
CA GLN A 40 8.59 2.64 -3.23
C GLN A 40 7.88 3.58 -2.23
N LEU A 41 6.95 3.05 -1.47
CA LEU A 41 6.28 3.83 -0.44
C LEU A 41 7.24 4.24 0.68
N ASP A 42 6.84 5.24 1.44
CA ASP A 42 7.60 5.75 2.56
C ASP A 42 6.68 6.67 3.34
N GLY A 43 7.13 7.21 4.47
CA GLY A 43 6.31 8.07 5.29
C GLY A 43 5.83 9.28 4.54
N ASN A 44 6.70 9.83 3.70
CA ASN A 44 6.39 11.00 2.86
C ASN A 44 5.10 10.77 2.10
N LYS A 45 5.03 9.60 1.48
CA LYS A 45 3.88 9.23 0.70
C LYS A 45 2.68 9.02 1.62
N LEU A 46 2.88 8.33 2.73
CA LEU A 46 1.80 8.03 3.71
C LEU A 46 1.18 9.30 4.27
N LYS A 47 1.97 10.34 4.30
CA LYS A 47 1.54 11.65 4.73
C LYS A 47 0.73 12.31 3.61
N ALA A 48 1.10 12.02 2.38
CA ALA A 48 0.45 12.57 1.21
C ALA A 48 -0.87 11.85 0.93
N LEU A 49 -1.06 10.72 1.59
CA LEU A 49 -2.32 10.02 1.55
C LEU A 49 -3.34 10.70 2.47
N GLY A 50 -2.88 11.76 3.15
CA GLY A 50 -3.74 12.57 4.00
C GLY A 50 -4.15 11.87 5.27
N MET A 51 -3.70 10.65 5.43
CA MET A 51 -4.06 9.85 6.57
C MET A 51 -3.17 10.13 7.74
N THR A 52 -1.86 10.01 7.50
CA THR A 52 -0.79 10.35 8.45
C THR A 52 -0.94 9.59 9.80
N SER A 53 -1.58 8.45 9.75
CA SER A 53 -1.91 7.67 10.92
C SER A 53 -0.65 7.09 11.57
N SER A 54 -0.49 7.32 12.86
CA SER A 54 0.69 6.93 13.62
C SER A 54 0.95 5.41 13.55
N GLN A 55 -0.10 4.61 13.72
CA GLN A 55 0.01 3.15 13.65
C GLN A 55 0.54 2.75 12.30
N ASP A 56 -0.15 3.21 11.30
CA ASP A 56 0.08 2.85 9.95
C ASP A 56 1.45 3.27 9.51
N ARG A 57 1.89 4.44 9.95
CA ARG A 57 3.24 4.97 9.66
C ARG A 57 4.37 4.02 10.11
N ALA A 58 4.04 3.07 10.94
CA ALA A 58 5.01 2.07 11.34
C ALA A 58 4.68 0.73 10.71
N LEU A 59 3.38 0.42 10.65
CA LEU A 59 2.92 -0.86 10.19
C LEU A 59 3.05 -1.05 8.70
N VAL A 60 2.47 -0.15 7.92
CA VAL A 60 2.56 -0.26 6.48
C VAL A 60 4.01 -0.11 6.01
N LYS A 61 4.79 0.56 6.83
CA LYS A 61 6.21 0.80 6.58
C LYS A 61 6.99 -0.48 6.73
N LYS A 62 6.43 -1.37 7.49
CA LYS A 62 7.01 -2.67 7.75
C LYS A 62 6.55 -3.63 6.65
N LYS A 63 5.31 -3.51 6.30
CA LYS A 63 4.73 -4.37 5.30
C LYS A 63 5.22 -4.06 3.90
N LEU A 64 5.46 -2.80 3.62
CA LEU A 64 5.88 -2.39 2.28
C LEU A 64 7.32 -2.82 2.01
N LYS A 65 8.10 -3.00 3.05
CA LYS A 65 9.49 -3.41 2.88
C LYS A 65 9.62 -4.93 2.73
N GLU A 66 8.52 -5.63 2.96
CA GLU A 66 8.50 -7.09 2.81
C GLU A 66 7.47 -7.43 1.77
N MET A 67 6.98 -6.40 1.15
CA MET A 67 5.86 -6.44 0.25
C MET A 67 6.12 -7.34 -0.92
N LYS A 68 7.34 -7.41 -1.30
CA LYS A 68 7.75 -8.28 -2.39
C LYS A 68 7.63 -9.78 -2.07
N MET A 69 7.51 -10.11 -0.79
CA MET A 69 7.26 -11.50 -0.40
C MET A 69 5.87 -11.62 0.20
N SER A 70 5.27 -10.47 0.46
CA SER A 70 3.97 -10.45 1.10
C SER A 70 2.85 -10.05 0.16
N LEU A 71 3.20 -9.57 -1.04
CA LEU A 71 2.23 -9.27 -2.12
C LEU A 71 1.38 -10.47 -2.43
N GLU A 72 1.98 -11.62 -2.26
CA GLU A 72 1.37 -12.89 -2.48
C GLU A 72 0.28 -13.16 -1.46
N LYS A 73 0.45 -12.61 -0.29
CA LYS A 73 -0.36 -12.97 0.85
C LYS A 73 -1.47 -11.94 1.05
N ALA A 74 -1.81 -11.32 -0.02
CA ALA A 74 -2.78 -10.30 -0.05
C ALA A 74 -4.04 -10.85 -0.68
N GLY A 1 0.22 -9.87 -15.49
CA GLY A 1 0.66 -10.75 -14.41
C GLY A 1 -0.06 -10.43 -13.12
N HIS A 2 0.38 -11.03 -12.01
CA HIS A 2 -0.31 -10.82 -10.73
C HIS A 2 0.55 -10.13 -9.67
N MET A 3 1.78 -9.80 -10.02
CA MET A 3 2.67 -9.15 -9.07
C MET A 3 2.31 -7.67 -8.91
N VAL A 4 2.87 -7.01 -7.90
CA VAL A 4 2.39 -5.67 -7.51
C VAL A 4 2.59 -4.61 -8.56
N HIS A 5 3.61 -4.77 -9.36
CA HIS A 5 3.91 -3.81 -10.43
C HIS A 5 2.86 -3.91 -11.57
N GLU A 6 2.00 -4.92 -11.48
CA GLU A 6 0.92 -5.14 -12.43
C GLU A 6 -0.39 -4.62 -11.84
N TRP A 7 -0.35 -4.25 -10.58
CA TRP A 7 -1.53 -3.76 -9.91
C TRP A 7 -1.84 -2.39 -10.37
N SER A 8 -3.08 -2.15 -10.69
CA SER A 8 -3.48 -0.90 -11.24
C SER A 8 -3.91 0.05 -10.12
N VAL A 9 -5.08 -0.19 -9.59
CA VAL A 9 -5.62 0.61 -8.51
C VAL A 9 -6.32 -0.33 -7.56
N GLN A 10 -7.36 -0.96 -8.05
CA GLN A 10 -8.21 -1.87 -7.27
C GLN A 10 -7.44 -3.11 -6.76
N GLN A 11 -6.31 -3.38 -7.39
CA GLN A 11 -5.48 -4.51 -7.00
C GLN A 11 -4.59 -4.16 -5.80
N VAL A 12 -4.37 -2.87 -5.57
CA VAL A 12 -3.49 -2.42 -4.48
C VAL A 12 -4.27 -2.56 -3.15
N SER A 13 -5.59 -2.49 -3.27
CA SER A 13 -6.49 -2.52 -2.16
C SER A 13 -6.49 -3.86 -1.45
N HIS A 14 -6.28 -4.94 -2.21
CA HIS A 14 -6.29 -6.31 -1.65
C HIS A 14 -5.22 -6.42 -0.58
N TRP A 15 -4.12 -5.75 -0.84
CA TRP A 15 -3.03 -5.68 0.08
C TRP A 15 -3.44 -4.87 1.29
N LEU A 16 -3.83 -3.61 1.08
CA LEU A 16 -4.24 -2.66 2.16
C LEU A 16 -5.23 -3.30 3.13
N VAL A 17 -6.25 -3.90 2.60
CA VAL A 17 -7.29 -4.52 3.41
C VAL A 17 -6.74 -5.76 4.17
N GLY A 18 -5.61 -6.28 3.72
CA GLY A 18 -5.04 -7.47 4.30
C GLY A 18 -4.17 -7.13 5.49
N LEU A 19 -3.50 -6.00 5.43
CA LEU A 19 -2.65 -5.60 6.56
C LEU A 19 -3.40 -4.69 7.52
N SER A 20 -4.73 -4.58 7.34
CA SER A 20 -5.58 -3.71 8.17
C SER A 20 -5.23 -2.25 7.91
N LEU A 21 -5.00 -1.97 6.65
CA LEU A 21 -4.69 -0.65 6.13
C LEU A 21 -5.77 -0.24 5.13
N ASP A 22 -6.95 -0.89 5.19
CA ASP A 22 -8.11 -0.51 4.35
C ASP A 22 -8.50 0.97 4.53
N GLN A 23 -7.98 1.56 5.56
CA GLN A 23 -8.13 2.97 5.84
C GLN A 23 -7.43 3.81 4.75
N TYR A 24 -6.41 3.23 4.12
CA TYR A 24 -5.63 3.92 3.12
C TYR A 24 -6.16 3.77 1.73
N VAL A 25 -6.90 2.70 1.46
CA VAL A 25 -7.48 2.50 0.13
C VAL A 25 -8.43 3.63 -0.29
N SER A 26 -9.01 4.30 0.70
CA SER A 26 -9.89 5.43 0.44
C SER A 26 -9.14 6.59 -0.31
N GLU A 27 -7.82 6.68 -0.12
CA GLU A 27 -7.04 7.69 -0.79
C GLU A 27 -6.10 7.05 -1.84
N PHE A 28 -5.61 5.82 -1.56
CA PHE A 28 -4.77 5.06 -2.53
C PHE A 28 -5.49 4.93 -3.86
N SER A 29 -6.79 4.68 -3.79
CA SER A 29 -7.60 4.50 -4.97
C SER A 29 -7.82 5.83 -5.69
N ALA A 30 -7.68 6.92 -4.94
CA ALA A 30 -7.91 8.25 -5.48
C ALA A 30 -6.68 8.71 -6.27
N GLN A 31 -5.51 8.39 -5.77
CA GLN A 31 -4.28 8.84 -6.46
C GLN A 31 -3.75 7.77 -7.42
N ASN A 32 -4.52 6.67 -7.57
CA ASN A 32 -4.16 5.56 -8.46
C ASN A 32 -2.85 4.96 -8.02
N ILE A 33 -2.67 4.86 -6.71
CA ILE A 33 -1.47 4.33 -6.14
C ILE A 33 -1.38 2.85 -6.50
N SER A 34 -0.47 2.52 -7.34
CA SER A 34 -0.29 1.15 -7.74
C SER A 34 0.94 0.58 -7.08
N GLY A 35 1.34 -0.60 -7.52
CA GLY A 35 2.50 -1.28 -6.98
C GLY A 35 3.75 -0.46 -7.11
N GLU A 36 3.82 0.33 -8.18
CA GLU A 36 4.91 1.25 -8.44
C GLU A 36 5.13 2.14 -7.23
N GLN A 37 4.07 2.74 -6.75
CA GLN A 37 4.18 3.64 -5.65
C GLN A 37 4.11 2.92 -4.33
N LEU A 38 3.61 1.70 -4.35
CA LEU A 38 3.47 0.86 -3.17
C LEU A 38 4.87 0.41 -2.69
N LEU A 39 5.66 -0.13 -3.61
CA LEU A 39 6.99 -0.68 -3.31
C LEU A 39 7.94 0.36 -2.74
N GLN A 40 7.81 1.55 -3.24
CA GLN A 40 8.69 2.62 -2.82
C GLN A 40 7.99 3.58 -1.82
N LEU A 41 6.88 3.13 -1.22
CA LEU A 41 6.16 3.90 -0.21
C LEU A 41 7.07 4.34 0.92
N ASP A 42 6.69 5.40 1.56
CA ASP A 42 7.47 5.99 2.59
C ASP A 42 6.56 6.89 3.39
N GLY A 43 7.01 7.37 4.55
CA GLY A 43 6.22 8.29 5.35
C GLY A 43 5.83 9.49 4.57
N ASN A 44 6.73 9.96 3.71
CA ASN A 44 6.46 11.09 2.82
C ASN A 44 5.19 10.85 2.03
N LYS A 45 5.08 9.67 1.45
CA LYS A 45 3.92 9.32 0.68
C LYS A 45 2.72 9.14 1.58
N LEU A 46 2.88 8.43 2.69
CA LEU A 46 1.79 8.17 3.66
C LEU A 46 1.17 9.48 4.14
N LYS A 47 2.03 10.45 4.33
CA LYS A 47 1.59 11.76 4.74
C LYS A 47 0.84 12.45 3.59
N ALA A 48 1.29 12.21 2.37
CA ALA A 48 0.69 12.78 1.16
C ALA A 48 -0.63 12.07 0.81
N LEU A 49 -0.88 10.97 1.47
CA LEU A 49 -2.14 10.26 1.35
C LEU A 49 -3.16 10.88 2.30
N GLY A 50 -2.73 11.89 3.05
CA GLY A 50 -3.62 12.65 3.89
C GLY A 50 -4.13 11.90 5.10
N MET A 51 -3.63 10.71 5.34
CA MET A 51 -4.10 9.96 6.47
C MET A 51 -3.25 10.28 7.67
N THR A 52 -1.94 10.12 7.51
CA THR A 52 -0.92 10.54 8.49
C THR A 52 -1.17 9.95 9.89
N SER A 53 -1.70 8.74 9.90
CA SER A 53 -2.01 8.05 11.11
C SER A 53 -0.75 7.57 11.89
N SER A 54 -0.95 6.82 12.96
CA SER A 54 0.16 6.30 13.73
C SER A 54 0.44 4.81 13.45
N GLN A 55 -0.62 4.02 13.31
CA GLN A 55 -0.50 2.58 13.08
C GLN A 55 0.25 2.29 11.79
N ASP A 56 -0.12 3.00 10.77
CA ASP A 56 0.36 2.77 9.43
C ASP A 56 1.84 3.06 9.33
N ARG A 57 2.27 4.17 9.89
CA ARG A 57 3.66 4.62 9.83
C ARG A 57 4.63 3.56 10.35
N ALA A 58 4.12 2.64 11.11
CA ALA A 58 4.89 1.55 11.57
C ALA A 58 4.55 0.28 10.76
N LEU A 59 3.27 0.05 10.56
CA LEU A 59 2.82 -1.20 9.97
C LEU A 59 3.01 -1.28 8.46
N VAL A 60 2.47 -0.30 7.71
CA VAL A 60 2.60 -0.34 6.26
C VAL A 60 4.05 -0.17 5.87
N LYS A 61 4.79 0.39 6.80
CA LYS A 61 6.20 0.71 6.62
C LYS A 61 6.98 -0.58 6.56
N LYS A 62 6.48 -1.55 7.27
CA LYS A 62 7.08 -2.84 7.34
C LYS A 62 6.61 -3.69 6.18
N LYS A 63 5.34 -3.60 5.92
CA LYS A 63 4.72 -4.39 4.90
C LYS A 63 5.26 -4.04 3.52
N LEU A 64 5.44 -2.74 3.28
CA LEU A 64 5.90 -2.23 2.01
C LEU A 64 7.32 -2.71 1.70
N LYS A 65 8.13 -2.89 2.73
CA LYS A 65 9.50 -3.31 2.52
C LYS A 65 9.61 -4.81 2.30
N GLU A 66 8.59 -5.55 2.69
CA GLU A 66 8.60 -7.01 2.53
C GLU A 66 7.64 -7.44 1.44
N MET A 67 7.12 -6.48 0.68
CA MET A 67 6.14 -6.73 -0.41
C MET A 67 6.60 -7.80 -1.34
N LYS A 68 7.86 -7.75 -1.66
CA LYS A 68 8.45 -8.66 -2.65
C LYS A 68 8.40 -10.13 -2.23
N MET A 69 8.31 -10.38 -0.94
CA MET A 69 8.22 -11.74 -0.45
C MET A 69 6.84 -11.99 0.14
N SER A 70 5.93 -11.05 -0.06
CA SER A 70 4.61 -11.16 0.47
C SER A 70 3.53 -11.09 -0.62
N LEU A 71 3.79 -10.32 -1.67
CA LEU A 71 2.82 -10.04 -2.74
C LEU A 71 2.17 -11.28 -3.36
N GLU A 72 2.88 -12.36 -3.35
CA GLU A 72 2.35 -13.56 -3.87
C GLU A 72 1.82 -14.47 -2.77
N LYS A 73 2.50 -14.44 -1.67
CA LYS A 73 2.26 -15.40 -0.63
C LYS A 73 1.11 -14.97 0.29
N ALA A 74 1.02 -13.71 0.56
CA ALA A 74 0.05 -13.17 1.46
C ALA A 74 -0.19 -11.71 1.12
N GLY A 1 0.37 -10.61 -14.91
CA GLY A 1 0.82 -11.29 -13.69
C GLY A 1 0.05 -10.80 -12.48
N HIS A 2 0.24 -11.46 -11.36
CA HIS A 2 -0.49 -11.16 -10.12
C HIS A 2 0.32 -10.23 -9.23
N MET A 3 1.56 -10.00 -9.62
CA MET A 3 2.50 -9.25 -8.82
C MET A 3 2.15 -7.77 -8.74
N VAL A 4 2.77 -7.07 -7.81
CA VAL A 4 2.36 -5.70 -7.47
C VAL A 4 2.64 -4.70 -8.55
N HIS A 5 3.68 -4.93 -9.33
CA HIS A 5 4.05 -4.03 -10.43
C HIS A 5 3.02 -4.11 -11.59
N GLU A 6 2.11 -5.06 -11.45
CA GLU A 6 1.04 -5.30 -12.40
C GLU A 6 -0.26 -4.65 -11.91
N TRP A 7 -0.26 -4.20 -10.67
CA TRP A 7 -1.47 -3.67 -10.09
C TRP A 7 -1.77 -2.29 -10.61
N SER A 8 -3.05 -2.02 -10.81
CA SER A 8 -3.45 -0.76 -11.33
C SER A 8 -3.82 0.21 -10.20
N VAL A 9 -5.00 0.06 -9.67
CA VAL A 9 -5.50 0.91 -8.59
C VAL A 9 -6.28 0.04 -7.64
N GLN A 10 -7.32 -0.58 -8.18
CA GLN A 10 -8.21 -1.48 -7.42
C GLN A 10 -7.43 -2.66 -6.84
N GLN A 11 -6.36 -3.00 -7.50
CA GLN A 11 -5.57 -4.15 -7.16
C GLN A 11 -4.60 -3.86 -6.00
N VAL A 12 -4.37 -2.59 -5.71
CA VAL A 12 -3.45 -2.22 -4.63
C VAL A 12 -4.18 -2.36 -3.28
N SER A 13 -5.51 -2.34 -3.35
CA SER A 13 -6.32 -2.34 -2.17
C SER A 13 -6.39 -3.73 -1.52
N HIS A 14 -6.15 -4.77 -2.33
CA HIS A 14 -6.16 -6.16 -1.84
C HIS A 14 -5.10 -6.32 -0.77
N TRP A 15 -3.95 -5.71 -1.03
CA TRP A 15 -2.84 -5.70 -0.12
C TRP A 15 -3.23 -5.01 1.17
N LEU A 16 -3.62 -3.75 1.07
CA LEU A 16 -4.00 -2.90 2.22
C LEU A 16 -4.97 -3.60 3.16
N VAL A 17 -6.01 -4.19 2.61
CA VAL A 17 -7.02 -4.89 3.39
C VAL A 17 -6.42 -6.12 4.14
N GLY A 18 -5.31 -6.61 3.62
CA GLY A 18 -4.65 -7.77 4.19
C GLY A 18 -3.93 -7.43 5.47
N LEU A 19 -3.47 -6.20 5.59
CA LEU A 19 -2.75 -5.78 6.78
C LEU A 19 -3.54 -4.83 7.67
N SER A 20 -4.87 -4.79 7.44
CA SER A 20 -5.79 -3.91 8.20
C SER A 20 -5.56 -2.44 7.86
N LEU A 21 -5.03 -2.22 6.68
CA LEU A 21 -4.74 -0.90 6.15
C LEU A 21 -5.79 -0.54 5.11
N ASP A 22 -6.90 -1.27 5.14
CA ASP A 22 -8.08 -1.01 4.29
C ASP A 22 -8.54 0.44 4.38
N GLN A 23 -8.24 1.06 5.48
CA GLN A 23 -8.56 2.45 5.75
C GLN A 23 -7.80 3.40 4.79
N TYR A 24 -6.68 2.91 4.26
CA TYR A 24 -5.84 3.69 3.36
C TYR A 24 -6.32 3.59 1.93
N VAL A 25 -7.12 2.55 1.64
CA VAL A 25 -7.66 2.32 0.30
C VAL A 25 -8.39 3.56 -0.26
N SER A 26 -9.11 4.25 0.63
CA SER A 26 -9.89 5.44 0.29
C SER A 26 -9.04 6.48 -0.51
N GLU A 27 -7.78 6.63 -0.12
CA GLU A 27 -6.92 7.58 -0.78
C GLU A 27 -5.94 6.87 -1.72
N PHE A 28 -5.55 5.63 -1.40
CA PHE A 28 -4.66 4.84 -2.27
C PHE A 28 -5.28 4.71 -3.67
N SER A 29 -6.57 4.53 -3.68
CA SER A 29 -7.33 4.41 -4.89
C SER A 29 -7.49 5.80 -5.53
N ALA A 30 -7.53 6.83 -4.70
CA ALA A 30 -7.76 8.19 -5.15
C ALA A 30 -6.58 8.69 -5.95
N GLN A 31 -5.40 8.45 -5.45
CA GLN A 31 -4.20 8.92 -6.12
C GLN A 31 -3.57 7.87 -7.03
N ASN A 32 -4.35 6.81 -7.31
CA ASN A 32 -3.98 5.75 -8.27
C ASN A 32 -2.67 5.09 -7.90
N ILE A 33 -2.46 4.87 -6.61
CA ILE A 33 -1.26 4.26 -6.13
C ILE A 33 -1.23 2.80 -6.56
N SER A 34 -0.29 2.47 -7.39
CA SER A 34 -0.15 1.13 -7.83
C SER A 34 1.09 0.52 -7.17
N GLY A 35 1.50 -0.66 -7.61
CA GLY A 35 2.67 -1.32 -7.05
C GLY A 35 3.91 -0.49 -7.23
N GLU A 36 3.93 0.25 -8.32
CA GLU A 36 4.97 1.19 -8.69
C GLU A 36 5.27 2.13 -7.51
N GLN A 37 4.21 2.65 -6.89
CA GLN A 37 4.37 3.55 -5.77
C GLN A 37 4.25 2.86 -4.43
N LEU A 38 3.74 1.64 -4.44
CA LEU A 38 3.55 0.83 -3.24
C LEU A 38 4.91 0.42 -2.68
N LEU A 39 5.71 -0.16 -3.55
CA LEU A 39 7.03 -0.69 -3.19
C LEU A 39 7.96 0.40 -2.66
N GLN A 40 7.84 1.57 -3.23
CA GLN A 40 8.72 2.68 -2.87
C GLN A 40 8.12 3.66 -1.83
N LEU A 41 6.98 3.29 -1.21
CA LEU A 41 6.31 4.10 -0.20
C LEU A 41 7.21 4.50 0.97
N ASP A 42 7.12 5.75 1.34
CA ASP A 42 7.85 6.29 2.47
C ASP A 42 6.88 7.11 3.26
N GLY A 43 7.36 7.74 4.32
CA GLY A 43 6.51 8.52 5.18
C GLY A 43 5.79 9.62 4.46
N ASN A 44 6.49 10.33 3.56
CA ASN A 44 5.89 11.44 2.86
C ASN A 44 4.75 11.03 2.01
N LYS A 45 4.86 9.89 1.41
CA LYS A 45 3.77 9.35 0.66
C LYS A 45 2.59 9.07 1.57
N LEU A 46 2.85 8.39 2.68
CA LEU A 46 1.82 8.03 3.67
C LEU A 46 1.15 9.28 4.27
N LYS A 47 1.88 10.38 4.20
CA LYS A 47 1.42 11.66 4.65
C LYS A 47 0.58 12.32 3.56
N ALA A 48 1.03 12.20 2.31
CA ALA A 48 0.31 12.73 1.15
C ALA A 48 -0.94 11.90 0.86
N LEU A 49 -1.05 10.76 1.52
CA LEU A 49 -2.23 9.94 1.49
C LEU A 49 -3.29 10.57 2.40
N GLY A 50 -2.93 11.65 3.08
CA GLY A 50 -3.85 12.41 3.90
C GLY A 50 -4.23 11.71 5.17
N MET A 51 -3.66 10.56 5.40
CA MET A 51 -4.01 9.80 6.59
C MET A 51 -3.07 10.13 7.72
N THR A 52 -1.76 10.07 7.43
CA THR A 52 -0.66 10.43 8.37
C THR A 52 -0.74 9.71 9.74
N SER A 53 -1.46 8.61 9.77
CA SER A 53 -1.76 7.91 10.99
C SER A 53 -0.52 7.27 11.60
N SER A 54 -0.32 7.52 12.89
CA SER A 54 0.85 7.09 13.64
C SER A 54 1.04 5.57 13.57
N GLN A 55 -0.05 4.82 13.79
CA GLN A 55 -0.05 3.36 13.71
C GLN A 55 0.49 2.90 12.38
N ASP A 56 -0.18 3.37 11.37
CA ASP A 56 0.02 2.95 10.02
C ASP A 56 1.39 3.31 9.57
N ARG A 57 1.84 4.49 9.94
CA ARG A 57 3.18 4.99 9.61
C ARG A 57 4.30 4.04 10.02
N ALA A 58 4.05 3.22 11.03
CA ALA A 58 5.05 2.28 11.49
C ALA A 58 4.72 0.85 11.04
N LEU A 59 3.50 0.64 10.61
CA LEU A 59 3.04 -0.70 10.26
C LEU A 59 3.16 -0.95 8.78
N VAL A 60 2.48 -0.12 7.96
CA VAL A 60 2.47 -0.30 6.53
C VAL A 60 3.89 -0.29 5.97
N LYS A 61 4.77 0.40 6.67
CA LYS A 61 6.18 0.51 6.28
C LYS A 61 6.86 -0.83 6.27
N LYS A 62 6.41 -1.72 7.11
CA LYS A 62 6.96 -3.03 7.20
C LYS A 62 6.41 -3.88 6.08
N LYS A 63 5.14 -3.74 5.90
CA LYS A 63 4.41 -4.55 4.96
C LYS A 63 4.74 -4.19 3.52
N LEU A 64 5.04 -2.94 3.28
CA LEU A 64 5.37 -2.50 1.95
C LEU A 64 6.77 -2.95 1.54
N LYS A 65 7.67 -3.04 2.49
CA LYS A 65 9.03 -3.45 2.15
C LYS A 65 9.12 -4.97 2.01
N GLU A 66 8.27 -5.69 2.73
CA GLU A 66 8.24 -7.14 2.66
C GLU A 66 7.38 -7.60 1.48
N MET A 67 6.78 -6.61 0.79
CA MET A 67 5.89 -6.84 -0.36
C MET A 67 6.45 -7.83 -1.32
N LYS A 68 7.74 -7.77 -1.51
CA LYS A 68 8.46 -8.59 -2.48
C LYS A 68 8.20 -10.09 -2.30
N MET A 69 7.96 -10.50 -1.07
CA MET A 69 7.65 -11.88 -0.78
C MET A 69 6.17 -12.03 -0.43
N SER A 70 5.62 -11.01 0.18
CA SER A 70 4.26 -11.09 0.69
C SER A 70 3.20 -10.90 -0.41
N LEU A 71 3.60 -10.32 -1.53
CA LEU A 71 2.70 -10.17 -2.67
C LEU A 71 2.41 -11.53 -3.27
N GLU A 72 3.39 -12.39 -3.19
CA GLU A 72 3.33 -13.67 -3.80
C GLU A 72 2.67 -14.70 -2.91
N LYS A 73 3.14 -14.79 -1.68
CA LYS A 73 2.66 -15.82 -0.80
C LYS A 73 1.34 -15.37 -0.20
N ALA A 74 1.47 -14.45 0.71
CA ALA A 74 0.50 -13.86 1.55
C ALA A 74 1.40 -13.28 2.62
N GLY A 1 2.16 -11.92 -13.39
CA GLY A 1 0.85 -12.25 -12.86
C GLY A 1 0.78 -11.93 -11.40
N HIS A 2 -0.25 -11.17 -11.01
CA HIS A 2 -0.58 -10.76 -9.62
C HIS A 2 0.57 -10.07 -8.86
N MET A 3 1.58 -9.63 -9.57
CA MET A 3 2.68 -8.94 -8.93
C MET A 3 2.33 -7.48 -8.79
N VAL A 4 2.96 -6.81 -7.86
CA VAL A 4 2.51 -5.48 -7.47
C VAL A 4 2.79 -4.44 -8.53
N HIS A 5 3.81 -4.65 -9.30
CA HIS A 5 4.16 -3.74 -10.38
C HIS A 5 3.16 -3.87 -11.54
N GLU A 6 2.28 -4.85 -11.44
CA GLU A 6 1.25 -5.11 -12.43
C GLU A 6 -0.10 -4.65 -11.90
N TRP A 7 -0.12 -4.15 -10.66
CA TRP A 7 -1.35 -3.67 -10.05
C TRP A 7 -1.68 -2.31 -10.55
N SER A 8 -2.94 -2.06 -10.75
CA SER A 8 -3.37 -0.81 -11.28
C SER A 8 -3.78 0.14 -10.16
N VAL A 9 -5.01 -0.01 -9.68
CA VAL A 9 -5.56 0.84 -8.64
C VAL A 9 -6.36 -0.02 -7.69
N GLN A 10 -7.35 -0.70 -8.21
CA GLN A 10 -8.22 -1.58 -7.43
C GLN A 10 -7.43 -2.74 -6.83
N GLN A 11 -6.39 -3.13 -7.52
CA GLN A 11 -5.56 -4.25 -7.13
C GLN A 11 -4.63 -3.94 -5.96
N VAL A 12 -4.45 -2.66 -5.66
CA VAL A 12 -3.57 -2.25 -4.56
C VAL A 12 -4.31 -2.39 -3.21
N SER A 13 -5.65 -2.46 -3.28
CA SER A 13 -6.47 -2.47 -2.08
C SER A 13 -6.38 -3.79 -1.37
N HIS A 14 -6.36 -4.85 -2.16
CA HIS A 14 -6.28 -6.24 -1.67
C HIS A 14 -5.15 -6.39 -0.68
N TRP A 15 -4.03 -5.77 -0.99
CA TRP A 15 -2.90 -5.75 -0.11
C TRP A 15 -3.23 -5.01 1.17
N LEU A 16 -3.62 -3.74 1.03
CA LEU A 16 -3.96 -2.85 2.16
C LEU A 16 -4.92 -3.50 3.14
N VAL A 17 -5.98 -4.08 2.63
CA VAL A 17 -7.00 -4.71 3.45
C VAL A 17 -6.43 -5.97 4.19
N GLY A 18 -5.29 -6.45 3.75
CA GLY A 18 -4.67 -7.62 4.34
C GLY A 18 -3.80 -7.25 5.53
N LEU A 19 -3.37 -6.00 5.61
CA LEU A 19 -2.57 -5.58 6.75
C LEU A 19 -3.32 -4.58 7.62
N SER A 20 -4.66 -4.58 7.52
CA SER A 20 -5.54 -3.66 8.28
C SER A 20 -5.39 -2.20 7.80
N LEU A 21 -4.92 -2.06 6.61
CA LEU A 21 -4.68 -0.76 5.98
C LEU A 21 -5.79 -0.44 4.98
N ASP A 22 -6.91 -1.14 5.10
CA ASP A 22 -8.12 -0.90 4.26
C ASP A 22 -8.57 0.56 4.34
N GLN A 23 -8.26 1.19 5.45
CA GLN A 23 -8.53 2.60 5.72
C GLN A 23 -7.74 3.52 4.75
N TYR A 24 -6.68 2.99 4.19
CA TYR A 24 -5.84 3.74 3.29
C TYR A 24 -6.30 3.61 1.85
N VAL A 25 -7.07 2.55 1.56
CA VAL A 25 -7.58 2.30 0.18
C VAL A 25 -8.36 3.50 -0.36
N SER A 26 -9.11 4.13 0.52
CA SER A 26 -9.95 5.27 0.21
C SER A 26 -9.15 6.35 -0.55
N GLU A 27 -7.94 6.58 -0.11
CA GLU A 27 -7.10 7.59 -0.69
C GLU A 27 -6.10 6.96 -1.68
N PHE A 28 -5.64 5.73 -1.39
CA PHE A 28 -4.70 5.00 -2.28
C PHE A 28 -5.27 4.89 -3.68
N SER A 29 -6.50 4.48 -3.76
CA SER A 29 -7.16 4.29 -5.02
C SER A 29 -7.60 5.64 -5.63
N ALA A 30 -7.54 6.69 -4.84
CA ALA A 30 -7.92 8.01 -5.32
C ALA A 30 -6.77 8.67 -6.04
N GLN A 31 -5.54 8.33 -5.65
CA GLN A 31 -4.36 8.90 -6.32
C GLN A 31 -3.83 7.92 -7.34
N ASN A 32 -4.52 6.78 -7.48
CA ASN A 32 -4.17 5.71 -8.40
C ASN A 32 -2.86 5.08 -8.03
N ILE A 33 -2.59 5.03 -6.73
CA ILE A 33 -1.36 4.45 -6.21
C ILE A 33 -1.30 2.97 -6.57
N SER A 34 -0.37 2.61 -7.42
CA SER A 34 -0.22 1.24 -7.81
C SER A 34 0.93 0.63 -7.03
N GLY A 35 1.29 -0.59 -7.40
CA GLY A 35 2.40 -1.28 -6.77
C GLY A 35 3.70 -0.57 -7.03
N GLU A 36 3.74 0.20 -8.10
CA GLU A 36 4.90 0.97 -8.49
C GLU A 36 5.23 2.00 -7.41
N GLN A 37 4.20 2.61 -6.86
CA GLN A 37 4.37 3.60 -5.83
C GLN A 37 4.30 2.96 -4.46
N LEU A 38 3.75 1.77 -4.42
CA LEU A 38 3.59 0.98 -3.20
C LEU A 38 4.97 0.52 -2.71
N LEU A 39 5.73 -0.08 -3.61
CA LEU A 39 7.07 -0.62 -3.30
C LEU A 39 7.99 0.46 -2.75
N GLN A 40 7.89 1.62 -3.33
CA GLN A 40 8.77 2.72 -2.96
C GLN A 40 8.12 3.68 -1.94
N LEU A 41 7.01 3.26 -1.33
CA LEU A 41 6.33 4.06 -0.32
C LEU A 41 7.26 4.45 0.82
N ASP A 42 7.11 5.66 1.24
CA ASP A 42 7.88 6.24 2.30
C ASP A 42 6.92 7.05 3.13
N GLY A 43 7.36 7.54 4.29
CA GLY A 43 6.53 8.36 5.14
C GLY A 43 5.96 9.51 4.37
N ASN A 44 6.78 10.08 3.47
CA ASN A 44 6.38 11.21 2.60
C ASN A 44 5.07 10.92 1.93
N LYS A 45 5.00 9.75 1.34
CA LYS A 45 3.85 9.34 0.62
C LYS A 45 2.71 9.05 1.54
N LEU A 46 2.98 8.36 2.64
CA LEU A 46 1.95 7.99 3.64
C LEU A 46 1.29 9.23 4.24
N LYS A 47 2.05 10.30 4.26
CA LYS A 47 1.58 11.57 4.73
C LYS A 47 0.74 12.25 3.63
N ALA A 48 1.12 12.01 2.38
CA ALA A 48 0.43 12.58 1.21
C ALA A 48 -0.88 11.84 0.92
N LEU A 49 -1.13 10.78 1.67
CA LEU A 49 -2.39 10.09 1.60
C LEU A 49 -3.37 10.74 2.57
N GLY A 50 -2.89 11.75 3.29
CA GLY A 50 -3.73 12.55 4.18
C GLY A 50 -4.12 11.83 5.45
N MET A 51 -3.85 10.56 5.52
CA MET A 51 -4.25 9.76 6.65
C MET A 51 -3.27 10.00 7.79
N THR A 52 -1.97 9.87 7.47
CA THR A 52 -0.84 10.14 8.40
C THR A 52 -0.96 9.36 9.74
N SER A 53 -1.63 8.22 9.69
CA SER A 53 -1.93 7.43 10.86
C SER A 53 -0.68 6.85 11.51
N SER A 54 -0.50 7.15 12.79
CA SER A 54 0.66 6.75 13.56
C SER A 54 0.93 5.23 13.53
N GLN A 55 -0.13 4.42 13.63
CA GLN A 55 -0.03 2.96 13.53
C GLN A 55 0.52 2.58 12.19
N ASP A 56 -0.18 3.05 11.19
CA ASP A 56 0.04 2.69 9.83
C ASP A 56 1.40 3.09 9.38
N ARG A 57 1.82 4.27 9.80
CA ARG A 57 3.15 4.82 9.49
C ARG A 57 4.29 3.87 9.89
N ALA A 58 4.02 2.97 10.81
CA ALA A 58 5.00 1.99 11.22
C ALA A 58 4.65 0.59 10.68
N LEU A 59 3.38 0.33 10.42
CA LEU A 59 2.95 -0.99 9.96
C LEU A 59 3.05 -1.16 8.46
N VAL A 60 2.46 -0.24 7.70
CA VAL A 60 2.54 -0.32 6.25
C VAL A 60 4.00 -0.18 5.81
N LYS A 61 4.77 0.43 6.69
CA LYS A 61 6.18 0.73 6.46
C LYS A 61 6.98 -0.56 6.49
N LYS A 62 6.44 -1.49 7.22
CA LYS A 62 7.02 -2.80 7.41
C LYS A 62 6.63 -3.68 6.26
N LYS A 63 5.37 -3.62 5.94
CA LYS A 63 4.77 -4.46 4.95
C LYS A 63 5.30 -4.10 3.56
N LEU A 64 5.46 -2.81 3.31
CA LEU A 64 5.87 -2.29 2.02
C LEU A 64 7.26 -2.74 1.65
N LYS A 65 8.10 -2.92 2.63
CA LYS A 65 9.46 -3.33 2.30
C LYS A 65 9.57 -4.84 2.17
N GLU A 66 8.55 -5.55 2.57
CA GLU A 66 8.56 -6.98 2.47
C GLU A 66 7.53 -7.43 1.44
N MET A 67 7.06 -6.46 0.63
CA MET A 67 6.07 -6.71 -0.46
C MET A 67 6.44 -7.88 -1.30
N LYS A 68 7.70 -8.06 -1.44
CA LYS A 68 8.31 -9.14 -2.20
C LYS A 68 7.77 -10.54 -1.80
N MET A 69 7.36 -10.68 -0.54
CA MET A 69 6.73 -11.90 -0.08
C MET A 69 5.27 -11.62 0.26
N SER A 70 4.98 -10.38 0.64
CA SER A 70 3.64 -10.03 1.09
C SER A 70 2.66 -9.94 -0.09
N LEU A 71 3.18 -9.60 -1.28
CA LEU A 71 2.38 -9.51 -2.50
C LEU A 71 1.80 -10.83 -2.87
N GLU A 72 2.54 -11.87 -2.54
CA GLU A 72 2.13 -13.17 -2.88
C GLU A 72 0.94 -13.57 -2.06
N LYS A 73 1.04 -13.38 -0.77
CA LYS A 73 0.00 -13.78 0.11
C LYS A 73 -1.25 -12.96 -0.12
N ALA A 74 -1.12 -11.63 -0.04
CA ALA A 74 -2.21 -10.68 -0.18
C ALA A 74 -3.35 -11.03 0.78
N GLY A 1 -2.44 -9.43 -14.47
CA GLY A 1 -1.36 -10.00 -13.68
C GLY A 1 -1.68 -9.95 -12.22
N HIS A 2 -0.87 -10.60 -11.43
CA HIS A 2 -1.10 -10.66 -9.99
C HIS A 2 0.06 -10.04 -9.21
N MET A 3 1.12 -9.64 -9.92
CA MET A 3 2.24 -9.05 -9.25
C MET A 3 1.95 -7.58 -9.02
N VAL A 4 2.60 -6.97 -8.07
CA VAL A 4 2.21 -5.63 -7.63
C VAL A 4 2.52 -4.56 -8.66
N HIS A 5 3.55 -4.78 -9.44
CA HIS A 5 3.92 -3.85 -10.49
C HIS A 5 2.90 -3.89 -11.65
N GLU A 6 2.05 -4.90 -11.63
CA GLU A 6 1.01 -5.08 -12.64
C GLU A 6 -0.32 -4.51 -12.12
N TRP A 7 -0.37 -4.22 -10.83
CA TRP A 7 -1.57 -3.69 -10.19
C TRP A 7 -1.90 -2.31 -10.71
N SER A 8 -3.17 -2.06 -10.89
CA SER A 8 -3.62 -0.81 -11.39
C SER A 8 -3.99 0.13 -10.25
N VAL A 9 -5.17 -0.05 -9.71
CA VAL A 9 -5.69 0.81 -8.66
C VAL A 9 -6.43 -0.05 -7.68
N GLN A 10 -7.44 -0.73 -8.17
CA GLN A 10 -8.28 -1.62 -7.37
C GLN A 10 -7.50 -2.81 -6.82
N GLN A 11 -6.40 -3.15 -7.47
CA GLN A 11 -5.60 -4.25 -7.02
C GLN A 11 -4.66 -3.87 -5.87
N VAL A 12 -4.42 -2.56 -5.69
CA VAL A 12 -3.52 -2.11 -4.62
C VAL A 12 -4.21 -2.25 -3.25
N SER A 13 -5.54 -2.25 -3.28
CA SER A 13 -6.33 -2.29 -2.08
C SER A 13 -6.24 -3.68 -1.42
N HIS A 14 -6.04 -4.73 -2.24
CA HIS A 14 -5.98 -6.13 -1.71
C HIS A 14 -4.88 -6.25 -0.70
N TRP A 15 -3.77 -5.58 -0.98
CA TRP A 15 -2.65 -5.55 -0.08
C TRP A 15 -3.04 -4.83 1.19
N LEU A 16 -3.42 -3.56 1.05
CA LEU A 16 -3.79 -2.69 2.17
C LEU A 16 -4.77 -3.34 3.12
N VAL A 17 -5.83 -3.87 2.59
CA VAL A 17 -6.86 -4.48 3.40
C VAL A 17 -6.32 -5.75 4.10
N GLY A 18 -5.25 -6.31 3.55
CA GLY A 18 -4.69 -7.53 4.07
C GLY A 18 -3.90 -7.28 5.33
N LEU A 19 -3.33 -6.09 5.44
CA LEU A 19 -2.60 -5.72 6.65
C LEU A 19 -3.44 -4.79 7.53
N SER A 20 -4.74 -4.72 7.22
CA SER A 20 -5.70 -3.88 7.94
C SER A 20 -5.39 -2.38 7.80
N LEU A 21 -4.97 -2.04 6.60
CA LEU A 21 -4.67 -0.71 6.13
C LEU A 21 -5.75 -0.31 5.12
N ASP A 22 -6.91 -0.97 5.22
CA ASP A 22 -8.08 -0.68 4.36
C ASP A 22 -8.47 0.80 4.39
N GLN A 23 -8.18 1.47 5.49
CA GLN A 23 -8.42 2.92 5.63
C GLN A 23 -7.53 3.76 4.71
N TYR A 24 -6.48 3.16 4.23
CA TYR A 24 -5.60 3.83 3.32
C TYR A 24 -6.06 3.67 1.88
N VAL A 25 -6.88 2.65 1.62
CA VAL A 25 -7.42 2.38 0.27
C VAL A 25 -8.20 3.59 -0.24
N SER A 26 -8.91 4.24 0.67
CA SER A 26 -9.74 5.39 0.42
C SER A 26 -8.98 6.47 -0.37
N GLU A 27 -7.71 6.62 -0.08
CA GLU A 27 -6.92 7.61 -0.73
C GLU A 27 -5.96 6.96 -1.74
N PHE A 28 -5.47 5.74 -1.42
CA PHE A 28 -4.57 4.98 -2.32
C PHE A 28 -5.18 4.85 -3.70
N SER A 29 -6.43 4.46 -3.73
CA SER A 29 -7.11 4.26 -4.97
C SER A 29 -7.52 5.58 -5.62
N ALA A 30 -7.61 6.62 -4.81
CA ALA A 30 -8.03 7.92 -5.29
C ALA A 30 -6.93 8.58 -6.11
N GLN A 31 -5.68 8.32 -5.77
CA GLN A 31 -4.57 8.92 -6.54
C GLN A 31 -3.99 7.95 -7.55
N ASN A 32 -4.65 6.80 -7.72
CA ASN A 32 -4.23 5.74 -8.66
C ASN A 32 -2.89 5.15 -8.24
N ILE A 33 -2.70 5.02 -6.94
CA ILE A 33 -1.48 4.44 -6.42
C ILE A 33 -1.46 2.95 -6.76
N SER A 34 -0.49 2.54 -7.50
CA SER A 34 -0.34 1.19 -7.87
C SER A 34 0.80 0.55 -7.09
N GLY A 35 1.16 -0.67 -7.45
CA GLY A 35 2.26 -1.38 -6.83
C GLY A 35 3.57 -0.68 -7.08
N GLU A 36 3.59 0.10 -8.15
CA GLU A 36 4.74 0.89 -8.55
C GLU A 36 5.08 1.88 -7.45
N GLN A 37 4.07 2.52 -6.90
CA GLN A 37 4.31 3.52 -5.88
C GLN A 37 4.44 2.81 -4.54
N LEU A 38 3.80 1.65 -4.46
CA LEU A 38 3.68 0.84 -3.25
C LEU A 38 5.07 0.38 -2.76
N LEU A 39 5.83 -0.19 -3.66
CA LEU A 39 7.15 -0.74 -3.36
C LEU A 39 8.13 0.32 -2.89
N GLN A 40 7.95 1.51 -3.38
CA GLN A 40 8.84 2.61 -3.06
C GLN A 40 8.23 3.59 -2.04
N LEU A 41 7.13 3.18 -1.40
CA LEU A 41 6.45 3.98 -0.36
C LEU A 41 7.39 4.42 0.75
N ASP A 42 7.12 5.59 1.26
CA ASP A 42 7.88 6.19 2.34
C ASP A 42 6.87 6.91 3.19
N GLY A 43 7.26 7.37 4.38
CA GLY A 43 6.38 8.15 5.23
C GLY A 43 5.83 9.31 4.48
N ASN A 44 6.66 9.90 3.62
CA ASN A 44 6.28 11.06 2.78
C ASN A 44 4.98 10.77 2.07
N LYS A 45 4.97 9.63 1.40
CA LYS A 45 3.83 9.22 0.63
C LYS A 45 2.66 8.93 1.53
N LEU A 46 2.94 8.29 2.65
CA LEU A 46 1.92 7.94 3.65
C LEU A 46 1.27 9.20 4.22
N LYS A 47 2.01 10.29 4.16
CA LYS A 47 1.54 11.59 4.58
C LYS A 47 0.69 12.18 3.45
N ALA A 48 1.09 11.91 2.23
CA ALA A 48 0.41 12.38 1.02
C ALA A 48 -0.92 11.65 0.80
N LEU A 49 -1.17 10.60 1.58
CA LEU A 49 -2.44 9.95 1.56
C LEU A 49 -3.40 10.66 2.53
N GLY A 50 -2.88 11.65 3.24
CA GLY A 50 -3.68 12.46 4.15
C GLY A 50 -4.16 11.72 5.38
N MET A 51 -3.82 10.46 5.50
CA MET A 51 -4.23 9.69 6.65
C MET A 51 -3.24 9.94 7.76
N THR A 52 -1.95 9.92 7.39
CA THR A 52 -0.80 10.29 8.25
C THR A 52 -0.79 9.58 9.63
N SER A 53 -1.47 8.49 9.75
CA SER A 53 -1.63 7.80 11.02
C SER A 53 -0.35 7.09 11.43
N SER A 54 0.16 7.45 12.60
CA SER A 54 1.39 6.87 13.11
C SER A 54 1.26 5.36 13.36
N GLN A 55 0.05 4.90 13.67
CA GLN A 55 -0.18 3.47 13.84
C GLN A 55 0.02 2.77 12.53
N ASP A 56 -0.69 3.25 11.55
CA ASP A 56 -0.64 2.70 10.21
C ASP A 56 0.74 2.82 9.65
N ARG A 57 1.36 3.99 9.82
CA ARG A 57 2.70 4.24 9.29
C ARG A 57 3.76 3.35 9.92
N ALA A 58 3.48 2.76 11.05
CA ALA A 58 4.45 1.85 11.68
C ALA A 58 4.22 0.42 11.19
N LEU A 59 3.07 0.19 10.59
CA LEU A 59 2.72 -1.13 10.11
C LEU A 59 2.94 -1.25 8.62
N VAL A 60 2.43 -0.29 7.87
CA VAL A 60 2.58 -0.26 6.42
C VAL A 60 4.08 -0.21 6.06
N LYS A 61 4.83 0.32 6.96
CA LYS A 61 6.22 0.62 6.78
C LYS A 61 7.01 -0.65 6.76
N LYS A 62 6.55 -1.58 7.54
CA LYS A 62 7.23 -2.83 7.65
C LYS A 62 6.72 -3.74 6.58
N LYS A 63 5.46 -3.57 6.23
CA LYS A 63 4.82 -4.37 5.26
C LYS A 63 5.36 -4.06 3.87
N LEU A 64 5.49 -2.79 3.55
CA LEU A 64 5.93 -2.35 2.22
C LEU A 64 7.31 -2.88 1.87
N LYS A 65 8.14 -3.07 2.88
CA LYS A 65 9.50 -3.53 2.64
C LYS A 65 9.62 -5.05 2.61
N GLU A 66 8.55 -5.75 2.89
CA GLU A 66 8.55 -7.19 2.77
C GLU A 66 7.53 -7.62 1.74
N MET A 67 6.65 -6.68 1.36
CA MET A 67 5.49 -6.94 0.48
C MET A 67 5.91 -7.44 -0.87
N LYS A 68 7.14 -7.21 -1.19
CA LYS A 68 7.70 -7.66 -2.44
C LYS A 68 7.82 -9.20 -2.46
N MET A 69 7.89 -9.78 -1.28
CA MET A 69 7.89 -11.21 -1.14
C MET A 69 6.53 -11.63 -0.62
N SER A 70 5.96 -10.79 0.22
CA SER A 70 4.72 -11.09 0.89
C SER A 70 3.49 -10.96 -0.02
N LEU A 71 3.60 -10.19 -1.13
CA LEU A 71 2.49 -10.03 -2.09
C LEU A 71 2.04 -11.38 -2.59
N GLU A 72 3.01 -12.25 -2.71
CA GLU A 72 2.80 -13.54 -3.19
C GLU A 72 2.20 -14.46 -2.12
N LYS A 73 2.84 -14.50 -0.98
CA LYS A 73 2.49 -15.46 0.05
C LYS A 73 1.32 -15.05 0.92
N ALA A 74 1.14 -13.78 1.16
CA ALA A 74 0.15 -13.34 2.09
C ALA A 74 -0.46 -12.02 1.65
N GLY A 1 -0.16 -10.30 -13.98
CA GLY A 1 0.37 -11.20 -12.96
C GLY A 1 -0.05 -10.77 -11.58
N HIS A 2 0.26 -11.57 -10.56
CA HIS A 2 -0.10 -11.27 -9.17
C HIS A 2 0.90 -10.30 -8.52
N MET A 3 1.88 -9.89 -9.29
CA MET A 3 2.94 -9.03 -8.79
C MET A 3 2.41 -7.61 -8.60
N VAL A 4 3.03 -6.86 -7.72
CA VAL A 4 2.50 -5.55 -7.32
C VAL A 4 2.59 -4.53 -8.45
N HIS A 5 3.61 -4.63 -9.26
CA HIS A 5 3.81 -3.72 -10.36
C HIS A 5 2.73 -3.93 -11.45
N GLU A 6 2.03 -5.05 -11.33
CA GLU A 6 0.96 -5.43 -12.24
C GLU A 6 -0.37 -4.84 -11.76
N TRP A 7 -0.37 -4.35 -10.53
CA TRP A 7 -1.57 -3.78 -9.94
C TRP A 7 -1.75 -2.39 -10.45
N SER A 8 -2.97 -2.02 -10.67
CA SER A 8 -3.31 -0.74 -11.19
C SER A 8 -3.75 0.19 -10.08
N VAL A 9 -4.93 -0.05 -9.54
CA VAL A 9 -5.47 0.75 -8.48
C VAL A 9 -6.19 -0.17 -7.52
N GLN A 10 -7.26 -0.76 -7.99
CA GLN A 10 -8.12 -1.62 -7.18
C GLN A 10 -7.40 -2.87 -6.64
N GLN A 11 -6.32 -3.27 -7.29
CA GLN A 11 -5.54 -4.39 -6.83
C GLN A 11 -4.57 -4.02 -5.69
N VAL A 12 -4.28 -2.74 -5.53
CA VAL A 12 -3.38 -2.30 -4.46
C VAL A 12 -4.13 -2.36 -3.13
N SER A 13 -5.46 -2.31 -3.23
CA SER A 13 -6.32 -2.30 -2.08
C SER A 13 -6.41 -3.69 -1.45
N HIS A 14 -6.24 -4.76 -2.26
CA HIS A 14 -6.30 -6.13 -1.74
C HIS A 14 -5.18 -6.33 -0.75
N TRP A 15 -4.07 -5.69 -1.03
CA TRP A 15 -2.94 -5.70 -0.16
C TRP A 15 -3.29 -4.98 1.12
N LEU A 16 -3.60 -3.67 1.00
CA LEU A 16 -3.91 -2.79 2.13
C LEU A 16 -4.86 -3.42 3.13
N VAL A 17 -5.95 -3.96 2.65
CA VAL A 17 -6.95 -4.56 3.50
C VAL A 17 -6.38 -5.76 4.28
N GLY A 18 -5.39 -6.41 3.73
CA GLY A 18 -4.80 -7.57 4.34
C GLY A 18 -4.04 -7.22 5.59
N LEU A 19 -3.40 -6.06 5.57
CA LEU A 19 -2.62 -5.61 6.71
C LEU A 19 -3.40 -4.62 7.58
N SER A 20 -4.73 -4.49 7.30
CA SER A 20 -5.65 -3.59 8.04
C SER A 20 -5.46 -2.12 7.66
N LEU A 21 -4.86 -1.93 6.53
CA LEU A 21 -4.57 -0.62 5.97
C LEU A 21 -5.66 -0.24 4.99
N ASP A 22 -6.79 -0.92 5.12
CA ASP A 22 -8.04 -0.65 4.38
C ASP A 22 -8.39 0.83 4.40
N GLN A 23 -8.05 1.46 5.50
CA GLN A 23 -8.30 2.87 5.74
C GLN A 23 -7.54 3.75 4.72
N TYR A 24 -6.49 3.19 4.14
CA TYR A 24 -5.67 3.91 3.20
C TYR A 24 -6.17 3.75 1.78
N VAL A 25 -6.94 2.70 1.53
CA VAL A 25 -7.52 2.41 0.21
C VAL A 25 -8.28 3.62 -0.36
N SER A 26 -8.96 4.33 0.51
CA SER A 26 -9.78 5.47 0.13
C SER A 26 -8.96 6.55 -0.63
N GLU A 27 -7.70 6.69 -0.25
CA GLU A 27 -6.85 7.69 -0.88
C GLU A 27 -5.83 7.03 -1.80
N PHE A 28 -5.44 5.77 -1.51
CA PHE A 28 -4.56 5.02 -2.40
C PHE A 28 -5.16 4.98 -3.81
N SER A 29 -6.47 4.84 -3.85
CA SER A 29 -7.21 4.77 -5.08
C SER A 29 -7.33 6.13 -5.76
N ALA A 30 -7.28 7.20 -4.97
CA ALA A 30 -7.48 8.53 -5.47
C ALA A 30 -6.27 8.98 -6.26
N GLN A 31 -5.10 8.51 -5.86
CA GLN A 31 -3.90 8.89 -6.56
C GLN A 31 -3.54 7.85 -7.61
N ASN A 32 -4.36 6.79 -7.67
CA ASN A 32 -4.15 5.68 -8.61
C ASN A 32 -2.85 4.99 -8.28
N ILE A 33 -2.59 4.88 -6.97
CA ILE A 33 -1.39 4.27 -6.46
C ILE A 33 -1.36 2.80 -6.83
N SER A 34 -0.43 2.43 -7.64
CA SER A 34 -0.28 1.08 -7.99
C SER A 34 0.81 0.46 -7.12
N GLY A 35 1.14 -0.78 -7.40
CA GLY A 35 2.18 -1.45 -6.67
C GLY A 35 3.52 -0.82 -6.92
N GLU A 36 3.62 -0.10 -8.02
CA GLU A 36 4.84 0.58 -8.39
C GLU A 36 5.15 1.69 -7.37
N GLN A 37 4.10 2.37 -6.91
CA GLN A 37 4.30 3.44 -5.93
C GLN A 37 4.36 2.84 -4.55
N LEU A 38 3.69 1.72 -4.42
CA LEU A 38 3.57 0.96 -3.19
C LEU A 38 4.97 0.56 -2.68
N LEU A 39 5.74 -0.03 -3.57
CA LEU A 39 7.09 -0.51 -3.26
C LEU A 39 7.98 0.62 -2.75
N GLN A 40 7.80 1.79 -3.32
CA GLN A 40 8.59 2.95 -2.97
C GLN A 40 7.86 3.92 -2.01
N LEU A 41 6.86 3.40 -1.30
CA LEU A 41 6.16 4.18 -0.29
C LEU A 41 7.08 4.60 0.84
N ASP A 42 6.90 5.81 1.28
CA ASP A 42 7.66 6.34 2.37
C ASP A 42 6.68 7.13 3.22
N GLY A 43 7.15 7.69 4.33
CA GLY A 43 6.32 8.49 5.19
C GLY A 43 5.65 9.63 4.46
N ASN A 44 6.35 10.27 3.54
CA ASN A 44 5.80 11.39 2.77
C ASN A 44 4.62 10.99 1.96
N LYS A 45 4.70 9.85 1.33
CA LYS A 45 3.57 9.34 0.59
C LYS A 45 2.42 9.02 1.53
N LEU A 46 2.76 8.43 2.68
CA LEU A 46 1.78 8.08 3.70
C LEU A 46 1.10 9.34 4.26
N LYS A 47 1.87 10.40 4.33
CA LYS A 47 1.40 11.69 4.76
C LYS A 47 0.49 12.31 3.68
N ALA A 48 0.86 12.08 2.43
CA ALA A 48 0.11 12.61 1.28
C ALA A 48 -1.13 11.77 1.00
N LEU A 49 -1.36 10.80 1.84
CA LEU A 49 -2.53 9.98 1.77
C LEU A 49 -3.59 10.52 2.70
N GLY A 50 -3.25 11.59 3.38
CA GLY A 50 -4.20 12.33 4.21
C GLY A 50 -4.42 11.72 5.56
N MET A 51 -4.15 10.45 5.65
CA MET A 51 -4.37 9.72 6.88
C MET A 51 -3.33 10.03 7.91
N THR A 52 -2.07 9.84 7.54
CA THR A 52 -0.90 10.21 8.37
C THR A 52 -0.92 9.44 9.72
N SER A 53 -1.61 8.32 9.71
CA SER A 53 -1.88 7.54 10.85
C SER A 53 -0.62 6.86 11.43
N SER A 54 -0.39 7.07 12.71
CA SER A 54 0.81 6.62 13.42
C SER A 54 1.00 5.09 13.38
N GLN A 55 -0.10 4.33 13.53
CA GLN A 55 -0.07 2.88 13.46
C GLN A 55 0.54 2.46 12.14
N ASP A 56 -0.09 2.94 11.13
CA ASP A 56 0.16 2.63 9.78
C ASP A 56 1.55 3.02 9.40
N ARG A 57 1.98 4.19 9.85
CA ARG A 57 3.34 4.70 9.60
C ARG A 57 4.43 3.68 9.99
N ALA A 58 4.11 2.79 10.90
CA ALA A 58 5.04 1.77 11.31
C ALA A 58 4.67 0.41 10.70
N LEU A 59 3.37 0.15 10.60
CA LEU A 59 2.88 -1.13 10.10
C LEU A 59 3.10 -1.27 8.61
N VAL A 60 2.50 -0.37 7.81
CA VAL A 60 2.60 -0.46 6.35
C VAL A 60 4.05 -0.37 5.93
N LYS A 61 4.81 0.26 6.78
CA LYS A 61 6.20 0.55 6.55
C LYS A 61 7.02 -0.73 6.61
N LYS A 62 6.52 -1.68 7.34
CA LYS A 62 7.15 -2.95 7.41
C LYS A 62 6.69 -3.80 6.25
N LYS A 63 5.44 -3.68 5.95
CA LYS A 63 4.81 -4.49 4.93
C LYS A 63 5.35 -4.13 3.54
N LEU A 64 5.56 -2.85 3.31
CA LEU A 64 6.00 -2.34 2.03
C LEU A 64 7.42 -2.79 1.71
N LYS A 65 8.21 -2.99 2.74
CA LYS A 65 9.58 -3.41 2.51
C LYS A 65 9.71 -4.92 2.42
N GLU A 66 8.60 -5.60 2.58
CA GLU A 66 8.59 -7.04 2.44
C GLU A 66 7.56 -7.44 1.41
N MET A 67 7.11 -6.47 0.60
CA MET A 67 6.11 -6.69 -0.48
C MET A 67 6.46 -7.82 -1.33
N LYS A 68 7.72 -7.95 -1.55
CA LYS A 68 8.28 -8.97 -2.43
C LYS A 68 7.98 -10.40 -1.96
N MET A 69 7.66 -10.57 -0.70
CA MET A 69 7.33 -11.88 -0.20
C MET A 69 5.85 -11.93 0.22
N SER A 70 5.20 -10.80 0.12
CA SER A 70 3.82 -10.69 0.58
C SER A 70 2.86 -10.58 -0.62
N LEU A 71 3.32 -9.93 -1.70
CA LEU A 71 2.54 -9.60 -2.89
C LEU A 71 1.74 -10.74 -3.45
N GLU A 72 2.28 -11.92 -3.36
CA GLU A 72 1.64 -13.09 -3.86
C GLU A 72 0.34 -13.38 -3.14
N LYS A 73 0.36 -13.17 -1.87
CA LYS A 73 -0.76 -13.50 -1.06
C LYS A 73 -1.66 -12.27 -1.00
N ALA A 74 -1.16 -11.25 -0.30
CA ALA A 74 -1.75 -9.94 -0.08
C ALA A 74 -1.02 -9.37 1.11
N GLY A 1 0.13 -11.16 -14.28
CA GLY A 1 0.66 -11.73 -13.04
C GLY A 1 -0.11 -11.25 -11.84
N HIS A 2 0.17 -11.80 -10.68
CA HIS A 2 -0.54 -11.43 -9.46
C HIS A 2 0.23 -10.37 -8.68
N MET A 3 1.46 -10.14 -9.13
CA MET A 3 2.42 -9.28 -8.45
C MET A 3 1.95 -7.82 -8.44
N VAL A 4 2.58 -7.03 -7.61
CA VAL A 4 2.12 -5.67 -7.33
C VAL A 4 2.32 -4.72 -8.51
N HIS A 5 3.34 -4.98 -9.30
CA HIS A 5 3.63 -4.14 -10.46
C HIS A 5 2.55 -4.33 -11.54
N GLU A 6 1.78 -5.38 -11.40
CA GLU A 6 0.69 -5.70 -12.31
C GLU A 6 -0.58 -4.98 -11.88
N TRP A 7 -0.54 -4.41 -10.69
CA TRP A 7 -1.69 -3.77 -10.14
C TRP A 7 -1.87 -2.39 -10.72
N SER A 8 -3.10 -2.06 -10.93
CA SER A 8 -3.51 -0.83 -11.49
C SER A 8 -3.75 0.22 -10.43
N VAL A 9 -4.89 0.12 -9.85
CA VAL A 9 -5.36 1.03 -8.83
C VAL A 9 -6.15 0.25 -7.80
N GLN A 10 -7.21 -0.37 -8.24
CA GLN A 10 -8.10 -1.07 -7.35
C GLN A 10 -7.52 -2.39 -6.86
N GLN A 11 -6.42 -2.79 -7.47
CA GLN A 11 -5.74 -4.00 -7.05
C GLN A 11 -4.75 -3.72 -5.91
N VAL A 12 -4.38 -2.44 -5.73
CA VAL A 12 -3.40 -2.06 -4.69
C VAL A 12 -4.06 -2.23 -3.30
N SER A 13 -5.38 -2.17 -3.31
CA SER A 13 -6.18 -2.22 -2.15
C SER A 13 -6.15 -3.63 -1.53
N HIS A 14 -5.90 -4.65 -2.36
CA HIS A 14 -5.90 -6.05 -1.91
C HIS A 14 -4.79 -6.26 -0.89
N TRP A 15 -3.64 -5.64 -1.15
CA TRP A 15 -2.51 -5.70 -0.25
C TRP A 15 -2.87 -5.03 1.06
N LEU A 16 -3.31 -3.77 0.98
CA LEU A 16 -3.67 -2.94 2.15
C LEU A 16 -4.59 -3.68 3.11
N VAL A 17 -5.63 -4.28 2.59
CA VAL A 17 -6.62 -5.00 3.40
C VAL A 17 -5.96 -6.18 4.17
N GLY A 18 -4.88 -6.71 3.61
CA GLY A 18 -4.23 -7.86 4.19
C GLY A 18 -3.47 -7.50 5.45
N LEU A 19 -3.02 -6.27 5.52
CA LEU A 19 -2.29 -5.82 6.69
C LEU A 19 -3.14 -4.89 7.54
N SER A 20 -4.46 -4.92 7.32
CA SER A 20 -5.42 -4.09 8.07
C SER A 20 -5.20 -2.60 7.76
N LEU A 21 -4.74 -2.33 6.57
CA LEU A 21 -4.49 -0.96 6.09
C LEU A 21 -5.54 -0.58 5.06
N ASP A 22 -6.66 -1.31 5.06
CA ASP A 22 -7.86 -1.00 4.22
C ASP A 22 -8.25 0.48 4.32
N GLN A 23 -8.02 1.04 5.48
CA GLN A 23 -8.29 2.43 5.79
C GLN A 23 -7.51 3.39 4.86
N TYR A 24 -6.44 2.89 4.25
CA TYR A 24 -5.63 3.68 3.35
C TYR A 24 -6.11 3.58 1.92
N VAL A 25 -6.87 2.53 1.61
CA VAL A 25 -7.43 2.31 0.24
C VAL A 25 -8.19 3.54 -0.24
N SER A 26 -8.89 4.16 0.70
CA SER A 26 -9.70 5.34 0.51
C SER A 26 -8.95 6.48 -0.22
N GLU A 27 -7.64 6.53 -0.05
CA GLU A 27 -6.86 7.52 -0.71
C GLU A 27 -5.85 6.86 -1.67
N PHE A 28 -5.40 5.65 -1.34
CA PHE A 28 -4.48 4.89 -2.20
C PHE A 28 -5.03 4.74 -3.59
N SER A 29 -6.30 4.44 -3.67
CA SER A 29 -6.94 4.23 -4.93
C SER A 29 -7.39 5.57 -5.55
N ALA A 30 -7.30 6.63 -4.78
CA ALA A 30 -7.69 7.95 -5.25
C ALA A 30 -6.54 8.57 -6.02
N GLN A 31 -5.35 8.39 -5.53
CA GLN A 31 -4.16 8.94 -6.17
C GLN A 31 -3.50 7.96 -7.12
N ASN A 32 -4.26 6.92 -7.49
CA ASN A 32 -3.87 5.93 -8.50
C ASN A 32 -2.59 5.21 -8.10
N ILE A 33 -2.45 4.96 -6.81
CA ILE A 33 -1.29 4.29 -6.31
C ILE A 33 -1.32 2.84 -6.75
N SER A 34 -0.35 2.44 -7.50
CA SER A 34 -0.25 1.09 -7.91
C SER A 34 0.88 0.44 -7.15
N GLY A 35 1.28 -0.75 -7.58
CA GLY A 35 2.37 -1.43 -6.98
C GLY A 35 3.64 -0.65 -7.13
N GLU A 36 3.71 0.13 -8.20
CA GLU A 36 4.85 0.99 -8.51
C GLU A 36 5.14 1.90 -7.33
N GLN A 37 4.10 2.51 -6.79
CA GLN A 37 4.28 3.42 -5.70
C GLN A 37 4.22 2.75 -4.37
N LEU A 38 3.63 1.57 -4.36
CA LEU A 38 3.51 0.72 -3.18
C LEU A 38 4.92 0.30 -2.74
N LEU A 39 5.69 -0.17 -3.70
CA LEU A 39 7.06 -0.63 -3.46
C LEU A 39 7.95 0.49 -2.97
N GLN A 40 7.73 1.67 -3.50
CA GLN A 40 8.57 2.81 -3.14
C GLN A 40 7.93 3.76 -2.11
N LEU A 41 6.95 3.26 -1.37
CA LEU A 41 6.28 4.02 -0.33
C LEU A 41 7.26 4.57 0.69
N ASP A 42 6.86 5.64 1.30
CA ASP A 42 7.66 6.35 2.26
C ASP A 42 6.71 7.19 3.08
N GLY A 43 7.12 7.65 4.25
CA GLY A 43 6.30 8.49 5.11
C GLY A 43 5.82 9.70 4.40
N ASN A 44 6.64 10.25 3.50
CA ASN A 44 6.26 11.39 2.69
C ASN A 44 5.01 11.09 1.92
N LYS A 45 4.96 9.92 1.35
CA LYS A 45 3.79 9.46 0.64
C LYS A 45 2.66 9.22 1.62
N LEU A 46 2.95 8.50 2.70
CA LEU A 46 1.95 8.15 3.73
C LEU A 46 1.24 9.39 4.28
N LYS A 47 1.98 10.47 4.38
CA LYS A 47 1.45 11.74 4.82
C LYS A 47 0.64 12.38 3.67
N ALA A 48 1.09 12.20 2.44
CA ALA A 48 0.43 12.75 1.24
C ALA A 48 -0.88 12.00 0.94
N LEU A 49 -1.06 10.86 1.58
CA LEU A 49 -2.32 10.13 1.50
C LEU A 49 -3.36 10.86 2.36
N GLY A 50 -2.89 11.85 3.13
CA GLY A 50 -3.75 12.65 3.97
C GLY A 50 -4.29 11.89 5.16
N MET A 51 -3.87 10.66 5.28
CA MET A 51 -4.33 9.80 6.33
C MET A 51 -3.44 10.01 7.52
N THR A 52 -2.11 9.94 7.28
CA THR A 52 -1.04 10.25 8.24
C THR A 52 -1.08 9.40 9.55
N SER A 53 -1.90 8.39 9.56
CA SER A 53 -2.16 7.54 10.69
C SER A 53 -0.88 6.88 11.23
N SER A 54 -0.55 7.19 12.47
CA SER A 54 0.71 6.81 13.11
C SER A 54 0.93 5.29 13.29
N GLN A 55 -0.11 4.54 13.65
CA GLN A 55 0.05 3.10 13.85
C GLN A 55 0.25 2.43 12.52
N ASP A 56 -0.37 3.03 11.57
CA ASP A 56 -0.36 2.59 10.23
C ASP A 56 0.96 2.89 9.61
N ARG A 57 1.48 4.09 9.92
CA ARG A 57 2.81 4.54 9.48
C ARG A 57 3.88 3.53 9.82
N ALA A 58 3.72 2.88 10.95
CA ALA A 58 4.67 1.87 11.39
C ALA A 58 4.42 0.51 10.74
N LEU A 59 3.16 0.19 10.53
CA LEU A 59 2.82 -1.13 10.02
C LEU A 59 3.01 -1.22 8.52
N VAL A 60 2.57 -0.21 7.81
CA VAL A 60 2.74 -0.18 6.36
C VAL A 60 4.23 -0.11 6.03
N LYS A 61 4.98 0.44 6.95
CA LYS A 61 6.41 0.69 6.81
C LYS A 61 7.15 -0.63 6.81
N LYS A 62 6.58 -1.51 7.54
CA LYS A 62 7.09 -2.83 7.72
C LYS A 62 6.70 -3.67 6.53
N LYS A 63 5.47 -3.54 6.15
CA LYS A 63 4.93 -4.31 5.09
C LYS A 63 5.47 -3.88 3.74
N LEU A 64 5.68 -2.59 3.56
CA LEU A 64 6.12 -2.05 2.28
C LEU A 64 7.54 -2.46 1.95
N LYS A 65 8.26 -2.95 2.93
CA LYS A 65 9.60 -3.45 2.65
C LYS A 65 9.62 -4.98 2.49
N GLU A 66 8.50 -5.64 2.72
CA GLU A 66 8.43 -7.10 2.59
C GLU A 66 7.29 -7.48 1.64
N MET A 67 6.71 -6.45 1.10
CA MET A 67 5.56 -6.45 0.20
C MET A 67 5.77 -7.34 -0.99
N LYS A 68 7.00 -7.56 -1.33
CA LYS A 68 7.40 -8.38 -2.43
C LYS A 68 7.12 -9.86 -2.16
N MET A 69 6.97 -10.22 -0.90
CA MET A 69 6.56 -11.56 -0.58
C MET A 69 5.14 -11.54 -0.02
N SER A 70 4.67 -10.34 0.34
CA SER A 70 3.32 -10.16 0.85
C SER A 70 2.32 -10.19 -0.30
N LEU A 71 2.74 -9.64 -1.47
CA LEU A 71 1.91 -9.60 -2.70
C LEU A 71 1.39 -10.93 -3.11
N GLU A 72 2.14 -11.91 -2.76
CA GLU A 72 1.89 -13.24 -3.13
C GLU A 72 0.69 -13.82 -2.42
N LYS A 73 0.46 -13.35 -1.23
CA LYS A 73 -0.50 -13.97 -0.41
C LYS A 73 -1.82 -13.20 -0.44
N ALA A 74 -1.94 -12.23 0.43
CA ALA A 74 -3.13 -11.40 0.56
C ALA A 74 -2.90 -10.44 1.69
N GLY A 1 2.05 -10.52 -15.58
CA GLY A 1 2.06 -11.25 -14.32
C GLY A 1 0.97 -10.77 -13.41
N HIS A 2 0.96 -11.29 -12.18
CA HIS A 2 -0.07 -10.94 -11.19
C HIS A 2 0.56 -10.16 -10.04
N MET A 3 1.83 -9.86 -10.17
CA MET A 3 2.59 -9.19 -9.14
C MET A 3 2.18 -7.72 -9.01
N VAL A 4 2.72 -7.04 -8.04
CA VAL A 4 2.24 -5.70 -7.67
C VAL A 4 2.53 -4.65 -8.72
N HIS A 5 3.61 -4.85 -9.45
CA HIS A 5 4.00 -3.92 -10.51
C HIS A 5 3.07 -4.03 -11.72
N GLU A 6 2.18 -5.01 -11.66
CA GLU A 6 1.19 -5.28 -12.68
C GLU A 6 -0.17 -4.77 -12.20
N TRP A 7 -0.21 -4.32 -10.94
CA TRP A 7 -1.44 -3.84 -10.35
C TRP A 7 -1.73 -2.46 -10.75
N SER A 8 -2.97 -2.15 -10.65
CA SER A 8 -3.46 -0.89 -10.92
C SER A 8 -3.94 -0.30 -9.59
N VAL A 9 -5.11 0.23 -9.57
CA VAL A 9 -5.63 1.02 -8.46
C VAL A 9 -6.46 0.14 -7.53
N GLN A 10 -7.41 -0.56 -8.11
CA GLN A 10 -8.29 -1.44 -7.32
C GLN A 10 -7.52 -2.65 -6.85
N GLN A 11 -6.43 -2.88 -7.51
CA GLN A 11 -5.61 -4.00 -7.27
C GLN A 11 -4.59 -3.74 -6.16
N VAL A 12 -4.36 -2.47 -5.88
CA VAL A 12 -3.41 -2.07 -4.86
C VAL A 12 -4.07 -2.24 -3.47
N SER A 13 -5.40 -2.26 -3.48
CA SER A 13 -6.16 -2.32 -2.26
C SER A 13 -6.12 -3.73 -1.66
N HIS A 14 -5.86 -4.75 -2.53
CA HIS A 14 -5.81 -6.16 -2.09
C HIS A 14 -4.71 -6.35 -1.05
N TRP A 15 -3.61 -5.64 -1.24
CA TRP A 15 -2.52 -5.66 -0.29
C TRP A 15 -2.95 -5.01 1.00
N LEU A 16 -3.34 -3.73 0.91
CA LEU A 16 -3.75 -2.90 2.06
C LEU A 16 -4.70 -3.63 2.99
N VAL A 17 -5.76 -4.19 2.42
CA VAL A 17 -6.78 -4.89 3.18
C VAL A 17 -6.18 -6.10 3.96
N GLY A 18 -5.09 -6.63 3.45
CA GLY A 18 -4.45 -7.78 4.07
C GLY A 18 -3.79 -7.43 5.39
N LEU A 19 -3.25 -6.24 5.47
CA LEU A 19 -2.57 -5.80 6.68
C LEU A 19 -3.47 -4.89 7.52
N SER A 20 -4.77 -4.91 7.21
CA SER A 20 -5.80 -4.11 7.89
C SER A 20 -5.67 -2.63 7.55
N LEU A 21 -4.97 -2.37 6.49
CA LEU A 21 -4.70 -1.02 5.99
C LEU A 21 -5.74 -0.66 4.95
N ASP A 22 -6.84 -1.40 4.97
CA ASP A 22 -8.03 -1.12 4.17
C ASP A 22 -8.49 0.32 4.33
N GLN A 23 -8.16 0.88 5.47
CA GLN A 23 -8.45 2.26 5.81
C GLN A 23 -7.72 3.24 4.84
N TYR A 24 -6.60 2.79 4.29
CA TYR A 24 -5.78 3.60 3.41
C TYR A 24 -6.28 3.53 1.97
N VAL A 25 -7.06 2.50 1.66
CA VAL A 25 -7.64 2.29 0.32
C VAL A 25 -8.44 3.53 -0.12
N SER A 26 -9.05 4.18 0.86
CA SER A 26 -9.83 5.40 0.68
C SER A 26 -9.09 6.47 -0.15
N GLU A 27 -7.80 6.60 0.06
CA GLU A 27 -7.00 7.60 -0.61
C GLU A 27 -6.08 6.94 -1.65
N PHE A 28 -5.66 5.68 -1.38
CA PHE A 28 -4.84 4.93 -2.33
C PHE A 28 -5.52 4.86 -3.70
N SER A 29 -6.82 4.75 -3.68
CA SER A 29 -7.63 4.70 -4.87
C SER A 29 -7.72 6.07 -5.55
N ALA A 30 -7.69 7.11 -4.73
CA ALA A 30 -7.87 8.46 -5.20
C ALA A 30 -6.64 8.99 -5.92
N GLN A 31 -5.47 8.52 -5.52
CA GLN A 31 -4.24 8.99 -6.18
C GLN A 31 -3.81 8.01 -7.24
N ASN A 32 -4.61 6.94 -7.41
CA ASN A 32 -4.36 5.90 -8.40
C ASN A 32 -3.05 5.21 -8.10
N ILE A 33 -2.81 4.98 -6.82
CA ILE A 33 -1.61 4.33 -6.37
C ILE A 33 -1.62 2.88 -6.88
N SER A 34 -0.57 2.47 -7.52
CA SER A 34 -0.43 1.11 -7.93
C SER A 34 0.81 0.52 -7.28
N GLY A 35 1.23 -0.67 -7.73
CA GLY A 35 2.37 -1.35 -7.15
C GLY A 35 3.64 -0.56 -7.32
N GLU A 36 3.68 0.23 -8.39
CA GLU A 36 4.79 1.12 -8.68
C GLU A 36 5.02 2.02 -7.48
N GLN A 37 3.97 2.61 -6.97
CA GLN A 37 4.13 3.52 -5.88
C GLN A 37 4.12 2.80 -4.55
N LEU A 38 3.58 1.60 -4.55
CA LEU A 38 3.44 0.77 -3.37
C LEU A 38 4.84 0.32 -2.88
N LEU A 39 5.62 -0.23 -3.79
CA LEU A 39 6.96 -0.75 -3.47
C LEU A 39 7.88 0.33 -2.96
N GLN A 40 7.71 1.50 -3.50
CA GLN A 40 8.52 2.64 -3.11
C GLN A 40 7.79 3.58 -2.16
N LEU A 41 6.81 3.05 -1.43
CA LEU A 41 6.13 3.80 -0.40
C LEU A 41 7.08 4.18 0.70
N ASP A 42 6.76 5.24 1.35
CA ASP A 42 7.56 5.78 2.41
C ASP A 42 6.65 6.61 3.25
N GLY A 43 7.14 7.11 4.39
CA GLY A 43 6.33 7.91 5.26
C GLY A 43 5.83 9.12 4.54
N ASN A 44 6.70 9.71 3.74
CA ASN A 44 6.38 10.86 2.91
C ASN A 44 5.14 10.61 2.08
N LYS A 45 5.09 9.46 1.44
CA LYS A 45 3.92 9.09 0.68
C LYS A 45 2.73 8.87 1.60
N LEU A 46 2.92 8.18 2.72
CA LEU A 46 1.84 7.91 3.69
C LEU A 46 1.23 9.20 4.24
N LYS A 47 2.03 10.23 4.24
CA LYS A 47 1.63 11.53 4.68
C LYS A 47 0.94 12.28 3.53
N ALA A 48 1.39 12.04 2.31
CA ALA A 48 0.81 12.62 1.09
C ALA A 48 -0.51 11.91 0.75
N LEU A 49 -0.73 10.77 1.41
CA LEU A 49 -1.96 10.03 1.31
C LEU A 49 -2.99 10.66 2.26
N GLY A 50 -2.59 11.74 2.91
CA GLY A 50 -3.47 12.52 3.77
C GLY A 50 -3.99 11.77 4.98
N MET A 51 -3.52 10.58 5.18
CA MET A 51 -4.02 9.78 6.28
C MET A 51 -3.19 10.11 7.50
N THR A 52 -1.87 10.07 7.30
CA THR A 52 -0.85 10.46 8.30
C THR A 52 -0.97 9.73 9.67
N SER A 53 -1.63 8.60 9.66
CA SER A 53 -1.83 7.80 10.84
C SER A 53 -0.51 7.25 11.34
N SER A 54 -0.13 7.63 12.54
CA SER A 54 1.13 7.21 13.13
C SER A 54 1.12 5.71 13.42
N GLN A 55 -0.08 5.18 13.63
CA GLN A 55 -0.32 3.76 13.79
C GLN A 55 0.19 3.05 12.54
N ASP A 56 -0.30 3.52 11.43
CA ASP A 56 -0.01 2.94 10.16
C ASP A 56 1.40 3.22 9.76
N ARG A 57 1.88 4.41 10.08
CA ARG A 57 3.28 4.83 9.81
C ARG A 57 4.31 3.85 10.35
N ALA A 58 3.94 3.13 11.38
CA ALA A 58 4.80 2.10 11.94
C ALA A 58 4.54 0.75 11.28
N LEU A 59 3.27 0.48 10.99
CA LEU A 59 2.84 -0.83 10.50
C LEU A 59 3.09 -1.01 9.01
N VAL A 60 2.40 -0.20 8.18
CA VAL A 60 2.48 -0.35 6.74
C VAL A 60 3.93 -0.19 6.23
N LYS A 61 4.72 0.48 7.03
CA LYS A 61 6.12 0.75 6.72
C LYS A 61 6.91 -0.55 6.74
N LYS A 62 6.50 -1.42 7.60
CA LYS A 62 7.17 -2.69 7.77
C LYS A 62 6.65 -3.68 6.74
N LYS A 63 5.42 -3.50 6.37
CA LYS A 63 4.77 -4.37 5.45
C LYS A 63 5.21 -4.07 4.03
N LEU A 64 5.31 -2.80 3.69
CA LEU A 64 5.63 -2.37 2.33
C LEU A 64 7.00 -2.86 1.88
N LYS A 65 7.92 -2.96 2.82
CA LYS A 65 9.27 -3.39 2.49
C LYS A 65 9.32 -4.91 2.25
N GLU A 66 8.43 -5.63 2.91
CA GLU A 66 8.41 -7.08 2.81
C GLU A 66 7.28 -7.51 1.88
N MET A 67 6.57 -6.54 1.34
CA MET A 67 5.40 -6.84 0.52
C MET A 67 5.84 -7.45 -0.77
N LYS A 68 7.06 -7.19 -1.14
CA LYS A 68 7.61 -7.75 -2.35
C LYS A 68 7.88 -9.26 -2.21
N MET A 69 7.86 -9.73 -0.98
CA MET A 69 7.97 -11.14 -0.69
C MET A 69 6.57 -11.69 -0.42
N SER A 70 5.71 -10.81 0.07
CA SER A 70 4.41 -11.22 0.56
C SER A 70 3.30 -11.16 -0.50
N LEU A 71 3.50 -10.31 -1.53
CA LEU A 71 2.52 -10.07 -2.63
C LEU A 71 2.02 -11.36 -3.26
N GLU A 72 2.87 -12.33 -3.25
CA GLU A 72 2.64 -13.60 -3.82
C GLU A 72 1.58 -14.36 -3.05
N LYS A 73 1.71 -14.32 -1.77
CA LYS A 73 0.91 -15.13 -0.90
C LYS A 73 -0.47 -14.53 -0.74
N ALA A 74 -0.50 -13.28 -0.37
CA ALA A 74 -1.73 -12.61 -0.11
C ALA A 74 -1.50 -11.15 -0.26
N GLY A 1 -1.47 -9.46 -13.40
CA GLY A 1 -1.69 -9.15 -11.99
C GLY A 1 -0.69 -9.86 -11.10
N HIS A 2 -1.13 -10.26 -9.91
CA HIS A 2 -0.31 -10.98 -8.91
C HIS A 2 0.79 -10.11 -8.32
N MET A 3 1.81 -9.82 -9.09
CA MET A 3 2.88 -9.02 -8.60
C MET A 3 2.45 -7.58 -8.58
N VAL A 4 3.02 -6.84 -7.70
CA VAL A 4 2.49 -5.55 -7.36
C VAL A 4 2.73 -4.50 -8.43
N HIS A 5 3.77 -4.67 -9.19
CA HIS A 5 4.08 -3.78 -10.31
C HIS A 5 3.04 -3.93 -11.45
N GLU A 6 2.22 -4.98 -11.35
CA GLU A 6 1.17 -5.26 -12.31
C GLU A 6 -0.17 -4.76 -11.79
N TRP A 7 -0.15 -4.18 -10.61
CA TRP A 7 -1.35 -3.68 -10.01
C TRP A 7 -1.67 -2.32 -10.55
N SER A 8 -2.94 -2.06 -10.71
CA SER A 8 -3.40 -0.85 -11.33
C SER A 8 -3.83 0.16 -10.25
N VAL A 9 -4.97 -0.09 -9.64
CA VAL A 9 -5.50 0.74 -8.56
C VAL A 9 -6.18 -0.18 -7.56
N GLN A 10 -7.24 -0.80 -8.00
CA GLN A 10 -8.07 -1.70 -7.19
C GLN A 10 -7.28 -2.89 -6.64
N GLN A 11 -6.24 -3.28 -7.34
CA GLN A 11 -5.41 -4.38 -6.93
C GLN A 11 -4.53 -4.02 -5.72
N VAL A 12 -4.35 -2.73 -5.48
CA VAL A 12 -3.50 -2.27 -4.38
C VAL A 12 -4.28 -2.37 -3.05
N SER A 13 -5.61 -2.27 -3.16
CA SER A 13 -6.48 -2.28 -2.02
C SER A 13 -6.47 -3.64 -1.35
N HIS A 14 -6.34 -4.68 -2.18
CA HIS A 14 -6.32 -6.07 -1.70
C HIS A 14 -5.18 -6.27 -0.73
N TRP A 15 -4.07 -5.60 -1.02
CA TRP A 15 -2.93 -5.63 -0.15
C TRP A 15 -3.25 -4.92 1.14
N LEU A 16 -3.63 -3.65 1.05
CA LEU A 16 -3.94 -2.78 2.20
C LEU A 16 -4.87 -3.46 3.18
N VAL A 17 -5.94 -4.04 2.69
CA VAL A 17 -6.93 -4.69 3.54
C VAL A 17 -6.32 -5.87 4.32
N GLY A 18 -5.24 -6.44 3.78
CA GLY A 18 -4.61 -7.60 4.38
C GLY A 18 -3.83 -7.23 5.61
N LEU A 19 -3.35 -6.01 5.66
CA LEU A 19 -2.62 -5.55 6.81
C LEU A 19 -3.47 -4.59 7.63
N SER A 20 -4.78 -4.60 7.36
CA SER A 20 -5.77 -3.73 8.02
C SER A 20 -5.57 -2.27 7.69
N LEU A 21 -4.92 -2.02 6.59
CA LEU A 21 -4.66 -0.69 6.08
C LEU A 21 -5.72 -0.34 5.06
N ASP A 22 -6.86 -1.04 5.12
CA ASP A 22 -8.04 -0.80 4.27
C ASP A 22 -8.52 0.65 4.39
N GLN A 23 -8.13 1.28 5.46
CA GLN A 23 -8.43 2.67 5.75
C GLN A 23 -7.67 3.61 4.78
N TYR A 24 -6.59 3.12 4.22
CA TYR A 24 -5.78 3.88 3.30
C TYR A 24 -6.29 3.76 1.88
N VAL A 25 -7.06 2.69 1.62
CA VAL A 25 -7.63 2.42 0.27
C VAL A 25 -8.38 3.62 -0.31
N SER A 26 -9.10 4.33 0.55
CA SER A 26 -9.89 5.48 0.13
C SER A 26 -9.03 6.51 -0.64
N GLU A 27 -7.83 6.73 -0.16
CA GLU A 27 -6.96 7.71 -0.77
C GLU A 27 -5.99 7.02 -1.75
N PHE A 28 -5.62 5.77 -1.47
CA PHE A 28 -4.76 4.99 -2.39
C PHE A 28 -5.41 4.92 -3.77
N SER A 29 -6.73 4.75 -3.78
CA SER A 29 -7.49 4.67 -5.00
C SER A 29 -7.57 6.05 -5.67
N ALA A 30 -7.55 7.09 -4.86
CA ALA A 30 -7.70 8.45 -5.33
C ALA A 30 -6.48 8.91 -6.10
N GLN A 31 -5.32 8.49 -5.66
CA GLN A 31 -4.10 8.91 -6.34
C GLN A 31 -3.63 7.86 -7.32
N ASN A 32 -4.41 6.76 -7.45
CA ASN A 32 -4.10 5.67 -8.37
C ASN A 32 -2.80 5.02 -7.97
N ILE A 33 -2.59 4.92 -6.66
CA ILE A 33 -1.39 4.35 -6.15
C ILE A 33 -1.36 2.88 -6.48
N SER A 34 -0.49 2.48 -7.35
CA SER A 34 -0.39 1.11 -7.71
C SER A 34 0.75 0.49 -6.94
N GLY A 35 1.11 -0.73 -7.31
CA GLY A 35 2.21 -1.42 -6.67
C GLY A 35 3.51 -0.73 -6.96
N GLU A 36 3.54 0.01 -8.05
CA GLU A 36 4.67 0.78 -8.48
C GLU A 36 5.04 1.79 -7.41
N GLN A 37 4.04 2.48 -6.89
CA GLN A 37 4.27 3.47 -5.88
C GLN A 37 4.23 2.86 -4.49
N LEU A 38 3.60 1.70 -4.40
CA LEU A 38 3.46 0.92 -3.17
C LEU A 38 4.86 0.51 -2.68
N LEU A 39 5.64 -0.06 -3.59
CA LEU A 39 6.99 -0.55 -3.29
C LEU A 39 7.89 0.54 -2.76
N GLN A 40 7.80 1.69 -3.36
CA GLN A 40 8.67 2.79 -3.01
C GLN A 40 8.02 3.78 -2.00
N LEU A 41 6.93 3.34 -1.36
CA LEU A 41 6.25 4.12 -0.33
C LEU A 41 7.17 4.51 0.81
N ASP A 42 6.82 5.58 1.45
CA ASP A 42 7.56 6.12 2.57
C ASP A 42 6.60 7.02 3.32
N GLY A 43 6.97 7.44 4.53
CA GLY A 43 6.13 8.34 5.33
C GLY A 43 5.71 9.53 4.54
N ASN A 44 6.61 10.07 3.73
CA ASN A 44 6.31 11.21 2.88
C ASN A 44 5.08 10.99 2.04
N LYS A 45 5.02 9.85 1.38
CA LYS A 45 3.87 9.50 0.59
C LYS A 45 2.67 9.26 1.48
N LEU A 46 2.88 8.49 2.53
CA LEU A 46 1.81 8.11 3.49
C LEU A 46 1.15 9.33 4.15
N LYS A 47 1.90 10.41 4.23
CA LYS A 47 1.42 11.67 4.74
C LYS A 47 0.62 12.39 3.65
N ALA A 48 1.09 12.26 2.41
CA ALA A 48 0.41 12.87 1.25
C ALA A 48 -0.86 12.10 0.90
N LEU A 49 -1.04 10.97 1.55
CA LEU A 49 -2.25 10.17 1.45
C LEU A 49 -3.30 10.74 2.41
N GLY A 50 -2.92 11.82 3.11
CA GLY A 50 -3.85 12.55 3.98
C GLY A 50 -4.29 11.79 5.21
N MET A 51 -3.76 10.61 5.41
CA MET A 51 -4.17 9.81 6.55
C MET A 51 -3.20 10.05 7.70
N THR A 52 -1.90 9.96 7.39
CA THR A 52 -0.75 10.26 8.27
C THR A 52 -0.67 9.42 9.58
N SER A 53 -1.59 8.49 9.74
CA SER A 53 -1.78 7.69 10.92
C SER A 53 -0.50 6.94 11.35
N SER A 54 -0.10 7.17 12.57
CA SER A 54 1.15 6.67 13.13
C SER A 54 1.24 5.13 13.19
N GLN A 55 0.20 4.44 13.69
CA GLN A 55 0.26 2.98 13.86
C GLN A 55 0.37 2.35 12.48
N ASP A 56 -0.37 2.95 11.59
CA ASP A 56 -0.54 2.48 10.25
C ASP A 56 0.72 2.65 9.51
N ARG A 57 1.31 3.83 9.63
CA ARG A 57 2.56 4.14 8.96
C ARG A 57 3.75 3.37 9.50
N ALA A 58 3.57 2.74 10.62
CA ALA A 58 4.60 1.88 11.15
C ALA A 58 4.41 0.48 10.58
N LEU A 59 3.17 0.13 10.29
CA LEU A 59 2.86 -1.20 9.82
C LEU A 59 3.02 -1.31 8.32
N VAL A 60 2.51 -0.33 7.61
CA VAL A 60 2.63 -0.29 6.16
C VAL A 60 4.11 -0.22 5.78
N LYS A 61 4.88 0.32 6.67
CA LYS A 61 6.30 0.59 6.48
C LYS A 61 7.07 -0.72 6.54
N LYS A 62 6.49 -1.62 7.26
CA LYS A 62 7.02 -2.95 7.41
C LYS A 62 6.61 -3.77 6.21
N LYS A 63 5.35 -3.66 5.87
CA LYS A 63 4.76 -4.43 4.83
C LYS A 63 5.34 -4.06 3.46
N LEU A 64 5.52 -2.76 3.22
CA LEU A 64 6.00 -2.25 1.95
C LEU A 64 7.41 -2.73 1.63
N LYS A 65 8.19 -2.96 2.65
CA LYS A 65 9.58 -3.36 2.39
C LYS A 65 9.70 -4.88 2.24
N GLU A 66 8.65 -5.60 2.56
CA GLU A 66 8.66 -7.03 2.45
C GLU A 66 7.70 -7.49 1.36
N MET A 67 7.15 -6.51 0.61
CA MET A 67 6.17 -6.77 -0.49
C MET A 67 6.60 -7.87 -1.38
N LYS A 68 7.88 -7.98 -1.56
CA LYS A 68 8.52 -8.99 -2.39
C LYS A 68 8.02 -10.41 -2.09
N MET A 69 7.86 -10.71 -0.83
CA MET A 69 7.35 -12.00 -0.43
C MET A 69 5.90 -11.86 0.04
N SER A 70 5.55 -10.68 0.48
CA SER A 70 4.25 -10.45 1.05
C SER A 70 3.15 -10.24 0.00
N LEU A 71 3.54 -9.83 -1.21
CA LEU A 71 2.59 -9.72 -2.32
C LEU A 71 2.04 -11.08 -2.64
N GLU A 72 2.89 -12.05 -2.45
CA GLU A 72 2.59 -13.39 -2.75
C GLU A 72 1.61 -13.99 -1.74
N LYS A 73 1.82 -13.67 -0.49
CA LYS A 73 1.08 -14.27 0.61
C LYS A 73 -0.18 -13.48 0.91
N ALA A 74 -0.66 -12.82 -0.07
CA ALA A 74 -1.86 -12.07 0.01
C ALA A 74 -3.02 -13.02 -0.19
N GLY A 1 -3.31 -9.71 -11.48
CA GLY A 1 -1.89 -9.85 -11.21
C GLY A 1 -1.65 -10.36 -9.83
N HIS A 2 -0.44 -10.69 -9.53
CA HIS A 2 -0.09 -11.18 -8.22
C HIS A 2 1.04 -10.36 -7.67
N MET A 3 1.87 -9.84 -8.56
CA MET A 3 2.91 -8.97 -8.16
C MET A 3 2.38 -7.58 -8.19
N VAL A 4 2.89 -6.76 -7.33
CA VAL A 4 2.30 -5.45 -7.07
C VAL A 4 2.40 -4.49 -8.26
N HIS A 5 3.41 -4.66 -9.06
CA HIS A 5 3.63 -3.79 -10.20
C HIS A 5 2.64 -4.08 -11.34
N GLU A 6 1.89 -5.17 -11.18
CA GLU A 6 0.87 -5.57 -12.15
C GLU A 6 -0.47 -4.94 -11.76
N TRP A 7 -0.50 -4.37 -10.57
CA TRP A 7 -1.69 -3.78 -9.99
C TRP A 7 -1.86 -2.38 -10.48
N SER A 8 -3.06 -2.04 -10.84
CA SER A 8 -3.35 -0.75 -11.37
C SER A 8 -3.82 0.19 -10.25
N VAL A 9 -5.01 -0.06 -9.73
CA VAL A 9 -5.59 0.75 -8.65
C VAL A 9 -6.36 -0.19 -7.73
N GLN A 10 -7.36 -0.81 -8.30
CA GLN A 10 -8.24 -1.77 -7.62
C GLN A 10 -7.43 -2.88 -6.89
N GLN A 11 -6.35 -3.29 -7.51
CA GLN A 11 -5.56 -4.39 -7.02
C GLN A 11 -4.63 -3.99 -5.86
N VAL A 12 -4.35 -2.70 -5.70
CA VAL A 12 -3.45 -2.24 -4.64
C VAL A 12 -4.16 -2.40 -3.29
N SER A 13 -5.48 -2.44 -3.34
CA SER A 13 -6.28 -2.50 -2.16
C SER A 13 -6.19 -3.90 -1.53
N HIS A 14 -5.92 -4.92 -2.37
CA HIS A 14 -5.82 -6.31 -1.90
C HIS A 14 -4.72 -6.44 -0.88
N TRP A 15 -3.60 -5.79 -1.15
CA TRP A 15 -2.47 -5.77 -0.24
C TRP A 15 -2.88 -5.09 1.05
N LEU A 16 -3.30 -3.83 0.93
CA LEU A 16 -3.69 -2.99 2.07
C LEU A 16 -4.64 -3.71 3.02
N VAL A 17 -5.69 -4.28 2.49
CA VAL A 17 -6.69 -4.96 3.31
C VAL A 17 -6.08 -6.16 4.06
N GLY A 18 -5.02 -6.73 3.50
CA GLY A 18 -4.39 -7.89 4.09
C GLY A 18 -3.64 -7.55 5.35
N LEU A 19 -3.17 -6.33 5.45
CA LEU A 19 -2.48 -5.89 6.65
C LEU A 19 -3.37 -4.96 7.48
N SER A 20 -4.68 -4.96 7.18
CA SER A 20 -5.67 -4.11 7.85
C SER A 20 -5.38 -2.62 7.62
N LEU A 21 -4.87 -2.35 6.43
CA LEU A 21 -4.57 -1.02 5.94
C LEU A 21 -5.64 -0.62 4.95
N ASP A 22 -6.76 -1.34 5.00
CA ASP A 22 -7.93 -1.10 4.16
C ASP A 22 -8.44 0.33 4.26
N GLN A 23 -8.18 1.02 5.39
CA GLN A 23 -8.60 2.41 5.51
C GLN A 23 -7.80 3.33 4.59
N TYR A 24 -6.64 2.86 4.17
CA TYR A 24 -5.78 3.62 3.31
C TYR A 24 -6.21 3.51 1.87
N VAL A 25 -6.99 2.46 1.57
CA VAL A 25 -7.52 2.25 0.20
C VAL A 25 -8.31 3.47 -0.27
N SER A 26 -9.01 4.09 0.68
CA SER A 26 -9.81 5.29 0.45
C SER A 26 -9.01 6.37 -0.29
N GLU A 27 -7.74 6.52 0.05
CA GLU A 27 -6.93 7.53 -0.58
C GLU A 27 -5.96 6.91 -1.59
N PHE A 28 -5.49 5.67 -1.32
CA PHE A 28 -4.60 4.93 -2.25
C PHE A 28 -5.24 4.83 -3.63
N SER A 29 -6.54 4.59 -3.62
CA SER A 29 -7.30 4.42 -4.83
C SER A 29 -7.61 5.78 -5.46
N ALA A 30 -7.58 6.82 -4.65
CA ALA A 30 -7.92 8.15 -5.13
C ALA A 30 -6.80 8.71 -5.99
N GLN A 31 -5.58 8.44 -5.60
CA GLN A 31 -4.43 8.95 -6.36
C GLN A 31 -3.79 7.89 -7.25
N ASN A 32 -4.52 6.78 -7.51
CA ASN A 32 -4.09 5.74 -8.43
C ASN A 32 -2.76 5.15 -8.02
N ILE A 33 -2.60 4.96 -6.73
CA ILE A 33 -1.40 4.40 -6.19
C ILE A 33 -1.36 2.93 -6.54
N SER A 34 -0.45 2.56 -7.38
CA SER A 34 -0.31 1.21 -7.76
C SER A 34 0.93 0.64 -7.10
N GLY A 35 1.32 -0.55 -7.52
CA GLY A 35 2.51 -1.18 -7.02
C GLY A 35 3.74 -0.37 -7.34
N GLU A 36 3.66 0.42 -8.41
CA GLU A 36 4.73 1.29 -8.85
C GLU A 36 5.09 2.28 -7.73
N GLN A 37 4.08 2.74 -7.01
CA GLN A 37 4.31 3.67 -5.93
C GLN A 37 4.54 2.88 -4.65
N LEU A 38 3.75 1.81 -4.51
CA LEU A 38 3.68 0.94 -3.34
C LEU A 38 5.09 0.47 -2.90
N LEU A 39 5.86 0.00 -3.86
CA LEU A 39 7.20 -0.53 -3.60
C LEU A 39 8.14 0.52 -3.02
N GLN A 40 8.04 1.72 -3.54
CA GLN A 40 8.93 2.79 -3.14
C GLN A 40 8.31 3.71 -2.07
N LEU A 41 7.18 3.29 -1.50
CA LEU A 41 6.49 4.03 -0.45
C LEU A 41 7.40 4.37 0.72
N ASP A 42 7.10 5.46 1.35
CA ASP A 42 7.84 5.92 2.51
C ASP A 42 6.86 6.75 3.31
N GLY A 43 7.28 7.30 4.45
CA GLY A 43 6.41 8.10 5.25
C GLY A 43 5.94 9.30 4.51
N ASN A 44 6.82 9.85 3.68
CA ASN A 44 6.52 10.99 2.84
C ASN A 44 5.30 10.76 2.02
N LYS A 45 5.23 9.60 1.39
CA LYS A 45 4.07 9.25 0.62
C LYS A 45 2.88 9.01 1.52
N LEU A 46 3.08 8.29 2.62
CA LEU A 46 1.99 7.98 3.58
C LEU A 46 1.36 9.25 4.13
N LYS A 47 2.15 10.28 4.24
CA LYS A 47 1.70 11.56 4.70
C LYS A 47 0.94 12.29 3.56
N ALA A 48 1.27 11.95 2.32
CA ALA A 48 0.62 12.52 1.15
C ALA A 48 -0.70 11.79 0.86
N LEU A 49 -0.94 10.73 1.63
CA LEU A 49 -2.20 10.03 1.59
C LEU A 49 -3.19 10.76 2.49
N GLY A 50 -2.70 11.77 3.20
CA GLY A 50 -3.55 12.60 4.05
C GLY A 50 -4.03 11.90 5.30
N MET A 51 -3.75 10.62 5.39
CA MET A 51 -4.20 9.85 6.52
C MET A 51 -3.24 10.08 7.66
N THR A 52 -1.93 9.92 7.38
CA THR A 52 -0.82 10.22 8.30
C THR A 52 -0.87 9.46 9.64
N SER A 53 -1.68 8.45 9.70
CA SER A 53 -1.94 7.69 10.89
C SER A 53 -0.69 6.97 11.41
N SER A 54 -0.40 7.16 12.68
CA SER A 54 0.82 6.70 13.32
C SER A 54 0.96 5.16 13.28
N GLN A 55 -0.10 4.41 13.62
CA GLN A 55 -0.05 2.93 13.56
C GLN A 55 0.37 2.51 12.19
N ASP A 56 -0.38 3.00 11.25
CA ASP A 56 -0.25 2.69 9.87
C ASP A 56 1.12 3.08 9.41
N ARG A 57 1.54 4.30 9.78
CA ARG A 57 2.87 4.86 9.45
C ARG A 57 3.99 3.90 9.73
N ALA A 58 3.84 3.11 10.76
CA ALA A 58 4.86 2.15 11.13
C ALA A 58 4.56 0.77 10.52
N LEU A 59 3.30 0.41 10.54
CA LEU A 59 2.86 -0.90 10.10
C LEU A 59 3.01 -1.10 8.60
N VAL A 60 2.48 -0.18 7.82
CA VAL A 60 2.60 -0.28 6.38
C VAL A 60 4.05 -0.10 5.97
N LYS A 61 4.82 0.53 6.84
CA LYS A 61 6.23 0.81 6.58
C LYS A 61 6.99 -0.50 6.64
N LYS A 62 6.48 -1.38 7.45
CA LYS A 62 7.05 -2.67 7.63
C LYS A 62 6.57 -3.59 6.53
N LYS A 63 5.31 -3.49 6.23
CA LYS A 63 4.75 -4.32 5.21
C LYS A 63 5.24 -3.95 3.83
N LEU A 64 5.59 -2.70 3.63
CA LEU A 64 6.07 -2.25 2.34
C LEU A 64 7.52 -2.61 2.14
N LYS A 65 8.21 -2.93 3.19
CA LYS A 65 9.59 -3.37 2.99
C LYS A 65 9.60 -4.86 2.61
N GLU A 66 8.48 -5.51 2.88
CA GLU A 66 8.34 -6.92 2.58
C GLU A 66 7.21 -7.11 1.58
N MET A 67 6.82 -6.05 0.87
CA MET A 67 5.73 -6.10 -0.13
C MET A 67 5.96 -7.15 -1.19
N LYS A 68 7.18 -7.52 -1.33
CA LYS A 68 7.61 -8.54 -2.25
C LYS A 68 7.04 -9.91 -1.87
N MET A 69 6.78 -10.12 -0.59
CA MET A 69 6.14 -11.35 -0.18
C MET A 69 4.71 -11.06 0.24
N SER A 70 4.42 -9.80 0.53
CA SER A 70 3.08 -9.40 0.91
C SER A 70 2.15 -9.39 -0.31
N LEU A 71 2.72 -9.12 -1.50
CA LEU A 71 1.97 -9.20 -2.75
C LEU A 71 1.40 -10.57 -2.93
N GLU A 72 2.14 -11.49 -2.44
CA GLU A 72 1.80 -12.83 -2.55
C GLU A 72 0.72 -13.23 -1.55
N LYS A 73 0.78 -12.60 -0.40
CA LYS A 73 -0.16 -12.92 0.64
C LYS A 73 -1.52 -12.37 0.24
N ALA A 74 -1.51 -11.07 -0.10
CA ALA A 74 -2.68 -10.29 -0.45
C ALA A 74 -3.75 -10.43 0.63
N GLY A 1 0.27 -11.03 -14.52
CA GLY A 1 0.40 -11.99 -13.44
C GLY A 1 -0.33 -11.53 -12.20
N HIS A 2 0.34 -11.56 -11.07
CA HIS A 2 -0.29 -11.20 -9.82
C HIS A 2 0.63 -10.34 -8.95
N MET A 3 1.72 -9.87 -9.52
CA MET A 3 2.65 -9.06 -8.76
C MET A 3 2.14 -7.65 -8.59
N VAL A 4 2.68 -6.94 -7.62
CA VAL A 4 2.15 -5.63 -7.21
C VAL A 4 2.27 -4.57 -8.27
N HIS A 5 3.30 -4.64 -9.05
CA HIS A 5 3.53 -3.67 -10.09
C HIS A 5 2.54 -3.86 -11.26
N GLU A 6 1.85 -4.99 -11.24
CA GLU A 6 0.86 -5.34 -12.24
C GLU A 6 -0.52 -4.92 -11.74
N TRP A 7 -0.55 -4.33 -10.56
CA TRP A 7 -1.75 -3.82 -9.97
C TRP A 7 -1.99 -2.44 -10.49
N SER A 8 -3.21 -2.14 -10.78
CA SER A 8 -3.55 -0.88 -11.34
C SER A 8 -3.96 0.10 -10.24
N VAL A 9 -5.16 -0.04 -9.74
CA VAL A 9 -5.69 0.88 -8.74
C VAL A 9 -6.50 0.12 -7.72
N GLN A 10 -7.46 -0.63 -8.20
CA GLN A 10 -8.34 -1.40 -7.35
C GLN A 10 -7.66 -2.67 -6.83
N GLN A 11 -6.54 -3.03 -7.45
CA GLN A 11 -5.81 -4.21 -7.03
C GLN A 11 -4.88 -3.90 -5.84
N VAL A 12 -4.57 -2.62 -5.65
CA VAL A 12 -3.65 -2.20 -4.59
C VAL A 12 -4.35 -2.33 -3.22
N SER A 13 -5.67 -2.27 -3.26
CA SER A 13 -6.49 -2.29 -2.09
C SER A 13 -6.49 -3.66 -1.43
N HIS A 14 -6.31 -4.72 -2.25
CA HIS A 14 -6.32 -6.11 -1.73
C HIS A 14 -5.22 -6.28 -0.71
N TRP A 15 -4.11 -5.63 -0.97
CA TRP A 15 -3.00 -5.65 -0.07
C TRP A 15 -3.34 -4.91 1.20
N LEU A 16 -3.69 -3.63 1.06
CA LEU A 16 -4.01 -2.74 2.18
C LEU A 16 -4.99 -3.36 3.16
N VAL A 17 -6.09 -3.87 2.63
CA VAL A 17 -7.13 -4.47 3.45
C VAL A 17 -6.59 -5.69 4.25
N GLY A 18 -5.52 -6.30 3.74
CA GLY A 18 -4.98 -7.47 4.36
C GLY A 18 -4.24 -7.13 5.63
N LEU A 19 -3.55 -6.00 5.62
CA LEU A 19 -2.80 -5.57 6.80
C LEU A 19 -3.60 -4.55 7.60
N SER A 20 -4.93 -4.50 7.37
CA SER A 20 -5.85 -3.57 8.09
C SER A 20 -5.58 -2.12 7.72
N LEU A 21 -5.00 -1.95 6.56
CA LEU A 21 -4.67 -0.65 6.00
C LEU A 21 -5.72 -0.26 4.98
N ASP A 22 -6.89 -0.90 5.08
CA ASP A 22 -8.09 -0.58 4.26
C ASP A 22 -8.42 0.90 4.34
N GLN A 23 -8.03 1.48 5.45
CA GLN A 23 -8.20 2.89 5.77
C GLN A 23 -7.44 3.79 4.76
N TYR A 24 -6.45 3.21 4.10
CA TYR A 24 -5.66 3.91 3.13
C TYR A 24 -6.20 3.75 1.73
N VAL A 25 -6.99 2.70 1.51
CA VAL A 25 -7.58 2.41 0.18
C VAL A 25 -8.32 3.61 -0.39
N SER A 26 -9.04 4.32 0.48
CA SER A 26 -9.84 5.47 0.08
C SER A 26 -9.02 6.50 -0.73
N GLU A 27 -7.78 6.68 -0.33
CA GLU A 27 -6.94 7.65 -0.97
C GLU A 27 -5.92 6.95 -1.91
N PHE A 28 -5.52 5.71 -1.57
CA PHE A 28 -4.59 4.93 -2.43
C PHE A 28 -5.17 4.76 -3.83
N SER A 29 -6.41 4.39 -3.87
CA SER A 29 -7.09 4.16 -5.11
C SER A 29 -7.56 5.49 -5.71
N ALA A 30 -7.38 6.55 -4.97
CA ALA A 30 -7.75 7.86 -5.44
C ALA A 30 -6.59 8.47 -6.22
N GLN A 31 -5.38 8.30 -5.71
CA GLN A 31 -4.20 8.91 -6.39
C GLN A 31 -3.60 7.96 -7.38
N ASN A 32 -4.31 6.84 -7.61
CA ASN A 32 -3.88 5.81 -8.57
C ASN A 32 -2.61 5.18 -8.08
N ILE A 33 -2.50 5.00 -6.79
CA ILE A 33 -1.33 4.42 -6.20
C ILE A 33 -1.31 2.94 -6.56
N SER A 34 -0.40 2.55 -7.42
CA SER A 34 -0.31 1.17 -7.79
C SER A 34 0.88 0.56 -7.09
N GLY A 35 1.25 -0.64 -7.53
CA GLY A 35 2.39 -1.32 -6.95
C GLY A 35 3.67 -0.56 -7.20
N GLU A 36 3.67 0.25 -8.24
CA GLU A 36 4.79 1.09 -8.59
C GLU A 36 5.09 2.03 -7.44
N GLN A 37 4.06 2.61 -6.87
CA GLN A 37 4.26 3.52 -5.78
C GLN A 37 4.19 2.83 -4.43
N LEU A 38 3.62 1.64 -4.42
CA LEU A 38 3.48 0.80 -3.23
C LEU A 38 4.88 0.35 -2.74
N LEU A 39 5.66 -0.17 -3.66
CA LEU A 39 7.00 -0.70 -3.35
C LEU A 39 7.94 0.38 -2.86
N GLN A 40 7.79 1.57 -3.39
CA GLN A 40 8.68 2.65 -3.03
C GLN A 40 8.05 3.63 -2.00
N LEU A 41 6.97 3.20 -1.34
CA LEU A 41 6.31 3.97 -0.30
C LEU A 41 7.26 4.43 0.80
N ASP A 42 6.92 5.53 1.40
CA ASP A 42 7.70 6.17 2.44
C ASP A 42 6.72 6.98 3.25
N GLY A 43 7.12 7.47 4.42
CA GLY A 43 6.26 8.30 5.25
C GLY A 43 5.73 9.47 4.47
N ASN A 44 6.59 10.04 3.63
CA ASN A 44 6.24 11.17 2.77
C ASN A 44 4.97 10.91 2.00
N LYS A 45 4.93 9.75 1.36
CA LYS A 45 3.76 9.37 0.61
C LYS A 45 2.56 9.19 1.52
N LEU A 46 2.74 8.49 2.63
CA LEU A 46 1.65 8.22 3.60
C LEU A 46 1.03 9.51 4.10
N LYS A 47 1.85 10.51 4.25
CA LYS A 47 1.40 11.80 4.68
C LYS A 47 0.61 12.49 3.56
N ALA A 48 1.01 12.25 2.32
CA ALA A 48 0.34 12.82 1.16
C ALA A 48 -0.94 12.04 0.82
N LEU A 49 -1.12 10.93 1.50
CA LEU A 49 -2.33 10.12 1.41
C LEU A 49 -3.37 10.69 2.38
N GLY A 50 -2.96 11.72 3.12
CA GLY A 50 -3.85 12.44 4.00
C GLY A 50 -4.24 11.69 5.26
N MET A 51 -3.74 10.49 5.45
CA MET A 51 -4.12 9.73 6.65
C MET A 51 -3.28 10.16 7.81
N THR A 52 -1.97 10.05 7.64
CA THR A 52 -0.99 10.51 8.61
C THR A 52 -1.25 9.92 10.01
N SER A 53 -1.61 8.67 10.05
CA SER A 53 -1.82 7.97 11.32
C SER A 53 -0.45 7.62 11.95
N SER A 54 -0.46 6.99 13.10
CA SER A 54 0.76 6.53 13.72
C SER A 54 0.81 5.01 13.60
N GLN A 55 -0.35 4.41 13.44
CA GLN A 55 -0.51 2.98 13.33
C GLN A 55 0.05 2.47 12.03
N ASP A 56 -0.22 3.18 10.98
CA ASP A 56 0.16 2.76 9.67
C ASP A 56 1.64 2.96 9.46
N ARG A 57 2.16 4.09 9.95
CA ARG A 57 3.56 4.49 9.79
C ARG A 57 4.52 3.44 10.32
N ALA A 58 4.03 2.57 11.16
CA ALA A 58 4.83 1.48 11.65
C ALA A 58 4.48 0.18 10.92
N LEU A 59 3.22 0.00 10.58
CA LEU A 59 2.76 -1.25 10.00
C LEU A 59 2.98 -1.34 8.50
N VAL A 60 2.47 -0.36 7.74
CA VAL A 60 2.61 -0.39 6.29
C VAL A 60 4.09 -0.29 5.93
N LYS A 61 4.84 0.28 6.85
CA LYS A 61 6.27 0.54 6.69
C LYS A 61 7.01 -0.78 6.70
N LYS A 62 6.44 -1.71 7.42
CA LYS A 62 6.99 -3.02 7.59
C LYS A 62 6.54 -3.89 6.45
N LYS A 63 5.31 -3.71 6.07
CA LYS A 63 4.71 -4.50 5.04
C LYS A 63 5.29 -4.16 3.67
N LEU A 64 5.49 -2.87 3.43
CA LEU A 64 5.94 -2.37 2.13
C LEU A 64 7.32 -2.89 1.78
N LYS A 65 8.15 -3.10 2.79
CA LYS A 65 9.51 -3.54 2.53
C LYS A 65 9.57 -5.03 2.24
N GLU A 66 8.62 -5.78 2.75
CA GLU A 66 8.62 -7.21 2.57
C GLU A 66 7.76 -7.61 1.39
N MET A 67 7.12 -6.62 0.74
CA MET A 67 6.19 -6.85 -0.40
C MET A 67 6.76 -7.80 -1.39
N LYS A 68 7.99 -7.67 -1.61
CA LYS A 68 8.70 -8.42 -2.63
C LYS A 68 8.92 -9.90 -2.30
N MET A 69 8.57 -10.28 -1.11
CA MET A 69 8.62 -11.67 -0.72
C MET A 69 7.32 -12.05 -0.02
N SER A 70 6.39 -11.12 0.00
CA SER A 70 5.14 -11.34 0.70
C SER A 70 3.92 -10.98 -0.15
N LEU A 71 4.09 -10.28 -1.28
CA LEU A 71 2.96 -9.82 -2.10
C LEU A 71 2.12 -10.97 -2.57
N GLU A 72 2.79 -12.04 -2.89
CA GLU A 72 2.15 -13.26 -3.31
C GLU A 72 1.25 -13.83 -2.24
N LYS A 73 1.73 -13.77 -1.03
CA LYS A 73 1.05 -14.40 0.05
C LYS A 73 0.00 -13.48 0.67
N ALA A 74 0.41 -12.25 0.96
CA ALA A 74 -0.41 -11.22 1.60
C ALA A 74 -0.98 -11.71 2.91
#